data_3QQS
#
_entry.id   3QQS
#
_cell.length_a   94.929
_cell.length_b   78.213
_cell.length_c   101.702
_cell.angle_alpha   90.00
_cell.angle_beta   111.01
_cell.angle_gamma   90.00
#
_symmetry.space_group_name_H-M   'P 1 21 1'
#
loop_
_entity.id
_entity.type
_entity.pdbx_description
1 polymer 'Anthranilate phosphoribosyltransferase'
2 non-polymer 1-O-pyrophosphono-5-O-phosphono-alpha-D-ribofuranose
3 non-polymer 'MAGNESIUM ION'
4 non-polymer "2,2'-iminodibenzoic acid"
5 non-polymer DIPHOSPHATE
6 water water
#
_entity_poly.entity_id   1
_entity_poly.type   'polypeptide(L)'
_entity_poly.pdbx_seq_one_letter_code
;ALSAEGSSGGSRGGSPKAEAASVPSWPQILGRLTDNRDLARGQAAWAMDQIMTGNARPAQIAAFAVAMTMKAPTADEVGE
LAGVMLSHAHPLPADTVPDDAVDVVGTGGDGVNTVNLSTMAAIVVAAAGVPVVKHGNRAASSLSGGADTLEALGVRIDLG
PDLVARSLAEVGIGFCFAPRFHPSYRHAAAVRREIGVPTVFNLLGPLTNPARPRAGLIGCAFADLAEVMAGVFAARRSSV
LVVHGDDGLDELTTTTTSTIWRVAAGSVDKLTFDPAGFGFARAQLDQLAGGDAQANAAAVRAVLGGARGPVRDAVVLNAA
GAIVAHAGLSSRAEWLPAWEEGLRRASAAIDTGAAEQLLARWVRFGRQILEHHHHHH
;
_entity_poly.pdbx_strand_id   A,B,C,D
#
# COMPACT_ATOMS: atom_id res chain seq x y z
N PRO A 24 0.21 37.25 11.34
CA PRO A 24 0.65 35.89 10.97
C PRO A 24 0.49 35.62 9.45
N SER A 25 1.58 35.43 8.71
CA SER A 25 1.49 35.13 7.27
C SER A 25 2.78 34.53 6.70
N TRP A 26 2.75 34.04 5.46
CA TRP A 26 3.92 33.36 4.86
C TRP A 26 5.12 34.29 4.63
N PRO A 27 4.91 35.44 3.95
CA PRO A 27 5.95 36.46 3.84
C PRO A 27 6.56 36.85 5.17
N GLN A 28 5.75 36.96 6.21
CA GLN A 28 6.29 37.35 7.51
C GLN A 28 7.19 36.25 8.09
N ILE A 29 6.66 35.02 8.07
CA ILE A 29 7.36 33.89 8.66
C ILE A 29 8.60 33.51 7.87
N LEU A 30 8.45 33.39 6.55
CA LEU A 30 9.59 33.09 5.67
C LEU A 30 10.64 34.21 5.74
N GLY A 31 10.20 35.46 5.80
CA GLY A 31 11.11 36.58 5.96
C GLY A 31 11.92 36.50 7.24
N ARG A 32 11.27 36.09 8.32
CA ARG A 32 12.01 36.01 9.59
C ARG A 32 13.06 34.89 9.56
N LEU A 33 12.68 33.74 9.01
CA LEU A 33 13.58 32.60 8.90
C LEU A 33 14.79 32.93 8.03
N THR A 34 14.55 33.55 6.87
CA THR A 34 15.64 33.91 5.94
C THR A 34 16.54 35.01 6.49
N ASP A 35 16.04 35.79 7.46
CA ASP A 35 16.89 36.75 8.20
C ASP A 35 17.59 36.06 9.37
N ASN A 36 17.62 34.73 9.38
CA ASN A 36 18.22 33.97 10.48
C ASN A 36 17.77 34.29 11.90
N ARG A 37 16.47 34.54 12.04
CA ARG A 37 15.90 34.81 13.35
C ARG A 37 14.99 33.65 13.73
N ASP A 38 15.03 33.30 15.00
CA ASP A 38 14.08 32.36 15.57
C ASP A 38 12.65 32.88 15.42
N LEU A 39 11.70 31.98 15.24
CA LEU A 39 10.31 32.40 15.12
C LEU A 39 9.77 32.88 16.45
N ALA A 40 8.79 33.77 16.38
CA ALA A 40 7.96 34.11 17.53
C ALA A 40 7.10 32.91 17.90
N ARG A 41 6.81 32.76 19.20
CA ARG A 41 5.88 31.76 19.69
C ARG A 41 4.57 31.73 18.90
N GLY A 42 4.17 30.52 18.51
CA GLY A 42 2.98 30.30 17.71
C GLY A 42 3.17 30.37 16.20
N GLN A 43 4.26 30.95 15.74
CA GLN A 43 4.47 31.06 14.27
C GLN A 43 4.75 29.70 13.58
N ALA A 44 5.68 28.90 14.13
CA ALA A 44 5.89 27.54 13.60
C ALA A 44 4.56 26.76 13.59
N ALA A 45 3.81 26.84 14.70
CA ALA A 45 2.48 26.21 14.82
C ALA A 45 1.49 26.71 13.75
N TRP A 46 1.48 28.02 13.53
CA TRP A 46 0.61 28.59 12.50
C TRP A 46 0.94 27.99 11.17
N ALA A 47 2.24 27.92 10.88
CA ALA A 47 2.73 27.43 9.59
C ALA A 47 2.34 25.95 9.37
N MET A 48 2.58 25.11 10.35
CA MET A 48 2.22 23.70 10.22
C MET A 48 0.70 23.55 10.07
N ASP A 49 -0.05 24.34 10.84
CA ASP A 49 -1.51 24.23 10.69
C ASP A 49 -2.00 24.58 9.26
N GLN A 50 -1.41 25.60 8.66
CA GLN A 50 -1.63 25.91 7.23
C GLN A 50 -1.25 24.73 6.32
N ILE A 51 -0.12 24.10 6.60
CA ILE A 51 0.31 22.98 5.79
C ILE A 51 -0.75 21.88 5.83
N MET A 52 -1.38 21.67 6.98
CA MET A 52 -2.25 20.51 7.22
C MET A 52 -3.71 20.74 6.96
N THR A 53 -4.08 22.00 6.75
CA THR A 53 -5.44 22.29 6.32
C THR A 53 -5.46 22.55 4.82
N GLY A 54 -4.39 22.20 4.12
CA GLY A 54 -4.31 22.35 2.66
C GLY A 54 -4.22 23.79 2.15
N ASN A 55 -3.93 24.73 3.04
CA ASN A 55 -3.80 26.13 2.69
C ASN A 55 -2.36 26.58 2.48
N ALA A 56 -1.49 25.63 2.17
CA ALA A 56 -0.11 26.00 1.89
C ALA A 56 0.34 25.42 0.55
N ARG A 57 0.89 26.29 -0.27
CA ARG A 57 1.41 25.89 -1.57
C ARG A 57 2.70 25.10 -1.36
N PRO A 58 2.97 24.11 -2.22
CA PRO A 58 4.22 23.37 -2.14
C PRO A 58 5.43 24.29 -2.04
N ALA A 59 5.48 25.36 -2.84
CA ALA A 59 6.59 26.32 -2.71
C ALA A 59 6.73 26.92 -1.31
N GLN A 60 5.60 27.25 -0.68
CA GLN A 60 5.61 27.73 0.69
C GLN A 60 6.07 26.67 1.67
N ILE A 61 5.61 25.43 1.50
CA ILE A 61 6.04 24.32 2.38
C ILE A 61 7.57 24.14 2.26
N ALA A 62 8.09 24.11 1.03
CA ALA A 62 9.52 23.89 0.78
C ALA A 62 10.35 25.05 1.30
N ALA A 63 9.94 26.26 0.96
CA ALA A 63 10.63 27.42 1.49
C ALA A 63 10.72 27.33 3.02
N PHE A 64 9.63 26.93 3.66
CA PHE A 64 9.60 26.97 5.14
C PHE A 64 10.53 25.88 5.73
N ALA A 65 10.42 24.68 5.19
CA ALA A 65 11.28 23.56 5.61
C ALA A 65 12.77 23.90 5.46
N VAL A 66 13.13 24.47 4.32
CA VAL A 66 14.52 24.81 4.07
C VAL A 66 15.00 25.95 4.94
N ALA A 67 14.24 27.05 5.00
CA ALA A 67 14.69 28.22 5.75
C ALA A 67 14.84 27.91 7.23
N MET A 68 13.89 27.16 7.79
CA MET A 68 14.04 26.73 9.19
C MET A 68 15.31 25.89 9.42
N THR A 69 15.60 25.02 8.48
CA THR A 69 16.78 24.18 8.59
C THR A 69 18.08 25.02 8.57
N MET A 70 18.24 25.89 7.59
CA MET A 70 19.48 26.69 7.53
C MET A 70 19.60 27.70 8.67
N LYS A 71 18.48 28.17 9.21
CA LYS A 71 18.55 29.05 10.37
C LYS A 71 19.02 28.25 11.60
N ALA A 72 18.65 26.98 11.64
CA ALA A 72 18.88 26.07 12.78
C ALA A 72 17.65 26.09 13.67
N PRO A 73 16.86 25.03 13.60
CA PRO A 73 15.59 24.98 14.31
C PRO A 73 15.84 24.96 15.83
N THR A 74 14.91 25.52 16.59
CA THR A 74 14.95 25.41 18.05
C THR A 74 14.01 24.28 18.49
N ALA A 75 14.18 23.79 19.72
CA ALA A 75 13.23 22.85 20.30
C ALA A 75 11.80 23.43 20.35
N ASP A 76 11.69 24.72 20.68
CA ASP A 76 10.39 25.43 20.64
C ASP A 76 9.67 25.30 19.32
N GLU A 77 10.39 25.62 18.24
CA GLU A 77 9.81 25.54 16.92
C GLU A 77 9.40 24.13 16.52
N VAL A 78 10.33 23.18 16.65
CA VAL A 78 10.08 21.78 16.29
C VAL A 78 8.96 21.17 17.16
N GLY A 79 8.94 21.51 18.46
CA GLY A 79 7.84 21.09 19.33
C GLY A 79 6.50 21.62 18.85
N GLU A 80 6.47 22.89 18.41
CA GLU A 80 5.26 23.47 17.85
C GLU A 80 4.74 22.69 16.63
N LEU A 81 5.65 22.40 15.71
CA LEU A 81 5.34 21.65 14.49
C LEU A 81 4.78 20.26 14.78
N ALA A 82 5.44 19.55 15.70
CA ALA A 82 5.01 18.18 16.02
C ALA A 82 3.68 18.23 16.78
N GLY A 83 3.54 19.26 17.61
CA GLY A 83 2.29 19.51 18.34
C GLY A 83 1.09 19.69 17.44
N VAL A 84 1.23 20.57 16.44
CA VAL A 84 0.19 20.67 15.43
C VAL A 84 -0.11 19.31 14.83
N MET A 85 0.91 18.62 14.37
CA MET A 85 0.67 17.32 13.73
C MET A 85 -0.14 16.38 14.62
N LEU A 86 0.27 16.28 15.89
CA LEU A 86 -0.38 15.37 16.83
C LEU A 86 -1.79 15.83 17.17
N SER A 87 -2.00 17.15 17.13
CA SER A 87 -3.30 17.73 17.35
C SER A 87 -4.29 17.36 16.26
N HIS A 88 -3.80 16.97 15.08
CA HIS A 88 -4.66 16.53 13.96
C HIS A 88 -4.64 15.00 13.71
N ALA A 89 -3.64 14.30 14.26
CA ALA A 89 -3.52 12.85 14.10
C ALA A 89 -4.71 12.08 14.69
N HIS A 90 -5.04 10.94 14.09
CA HIS A 90 -6.04 10.02 14.64
C HIS A 90 -5.51 9.43 15.96
N PRO A 91 -6.16 9.73 17.09
CA PRO A 91 -5.61 9.23 18.36
C PRO A 91 -5.97 7.77 18.60
N LEU A 92 -5.30 7.08 19.53
CA LEU A 92 -5.82 5.77 19.98
C LEU A 92 -6.99 5.98 20.95
N PRO A 93 -7.92 5.00 21.04
CA PRO A 93 -9.02 5.12 22.02
C PRO A 93 -8.49 5.37 23.44
N ALA A 94 -9.27 6.06 24.26
CA ALA A 94 -8.84 6.40 25.63
C ALA A 94 -8.55 5.15 26.45
N ASP A 95 -7.57 5.27 27.35
CA ASP A 95 -7.19 4.20 28.29
C ASP A 95 -6.75 2.91 27.61
N THR A 96 -6.10 3.02 26.45
CA THR A 96 -5.73 1.85 25.64
C THR A 96 -4.19 1.70 25.44
N VAL A 97 -3.47 2.76 25.72
CA VAL A 97 -2.02 2.78 25.64
C VAL A 97 -1.47 2.88 27.07
N PRO A 98 -0.78 1.82 27.55
CA PRO A 98 -0.17 1.78 28.90
C PRO A 98 0.76 2.99 29.11
N ASP A 99 0.82 3.49 30.34
CA ASP A 99 1.64 4.65 30.69
C ASP A 99 3.14 4.44 30.37
N ASP A 100 3.56 3.18 30.26
CA ASP A 100 4.96 2.89 30.03
C ASP A 100 5.25 2.33 28.64
N ALA A 101 4.40 2.64 27.66
CA ALA A 101 4.62 2.13 26.31
C ALA A 101 5.85 2.79 25.72
N VAL A 102 6.56 2.06 24.86
CA VAL A 102 7.75 2.61 24.21
C VAL A 102 7.67 2.53 22.70
N ASP A 103 8.40 3.42 22.03
CA ASP A 103 8.54 3.42 20.59
C ASP A 103 9.98 3.05 20.31
N VAL A 104 10.22 2.45 19.14
CA VAL A 104 11.57 2.29 18.58
C VAL A 104 11.49 2.69 17.13
N VAL A 105 12.04 3.85 16.79
CA VAL A 105 11.86 4.49 15.48
C VAL A 105 12.96 5.55 15.25
N GLY A 106 13.32 5.76 13.98
CA GLY A 106 14.30 6.77 13.64
C GLY A 106 13.90 7.64 12.47
N THR A 107 14.69 8.68 12.23
CA THR A 107 14.44 9.59 11.15
C THR A 107 14.62 8.89 9.79
N GLY A 108 15.43 7.83 9.77
CA GLY A 108 15.96 7.31 8.52
C GLY A 108 16.88 8.32 7.85
N GLY A 109 17.22 8.05 6.60
CA GLY A 109 18.04 8.96 5.80
C GLY A 109 19.51 8.84 6.15
N ASP A 110 19.91 7.70 6.73
CA ASP A 110 21.29 7.50 7.13
C ASP A 110 22.25 7.09 5.99
N GLY A 111 21.68 6.75 4.83
CA GLY A 111 22.47 6.56 3.61
C GLY A 111 23.12 5.18 3.49
N VAL A 112 23.13 4.45 4.60
CA VAL A 112 23.56 3.05 4.64
C VAL A 112 22.32 2.19 4.43
N ASN A 113 22.40 1.19 3.58
CA ASN A 113 21.28 0.27 3.45
C ASN A 113 21.41 -0.79 4.55
N THR A 114 20.65 -0.62 5.64
CA THR A 114 20.69 -1.62 6.71
C THR A 114 19.43 -2.48 6.78
N VAL A 115 19.57 -3.61 7.45
CA VAL A 115 18.48 -4.34 8.01
C VAL A 115 17.68 -3.45 8.94
N ASN A 116 16.49 -3.87 9.22
CA ASN A 116 15.56 -3.05 10.02
C ASN A 116 15.75 -3.23 11.50
N LEU A 117 16.84 -2.67 12.01
CA LEU A 117 17.20 -2.81 13.40
C LEU A 117 16.14 -2.32 14.38
N SER A 118 15.47 -1.20 14.09
CA SER A 118 14.41 -0.69 15.00
C SER A 118 13.23 -1.65 15.09
N THR A 119 12.75 -2.12 13.94
CA THR A 119 11.62 -3.04 13.91
C THR A 119 11.97 -4.37 14.59
N MET A 120 13.20 -4.85 14.40
CA MET A 120 13.60 -6.08 15.09
C MET A 120 13.68 -5.85 16.59
N ALA A 121 14.30 -4.73 16.99
CA ALA A 121 14.43 -4.40 18.42
C ALA A 121 13.07 -4.24 19.07
N ALA A 122 12.12 -3.61 18.37
CA ALA A 122 10.76 -3.48 18.90
C ALA A 122 10.12 -4.83 19.25
N ILE A 123 10.24 -5.78 18.34
CA ILE A 123 9.65 -7.09 18.53
C ILE A 123 10.20 -7.71 19.82
N VAL A 124 11.52 -7.66 19.94
CA VAL A 124 12.25 -8.22 21.06
C VAL A 124 11.89 -7.54 22.39
N VAL A 125 11.78 -6.20 22.35
CA VAL A 125 11.35 -5.43 23.51
C VAL A 125 9.93 -5.82 23.97
N ALA A 126 8.97 -5.92 23.04
CA ALA A 126 7.61 -6.38 23.37
C ALA A 126 7.69 -7.75 24.04
N ALA A 127 8.58 -8.60 23.52
CA ALA A 127 8.69 -9.97 24.01
C ALA A 127 9.32 -10.00 25.41
N ALA A 128 10.17 -9.02 25.75
CA ALA A 128 10.61 -8.89 27.11
C ALA A 128 9.52 -8.42 28.07
N GLY A 129 8.33 -8.09 27.55
CA GLY A 129 7.22 -7.67 28.42
C GLY A 129 7.00 -6.17 28.53
N VAL A 130 7.69 -5.40 27.70
CA VAL A 130 7.49 -3.94 27.63
C VAL A 130 6.50 -3.62 26.52
N PRO A 131 5.38 -2.97 26.85
CA PRO A 131 4.48 -2.64 25.75
C PRO A 131 5.16 -1.77 24.71
N VAL A 132 4.96 -2.11 23.44
CA VAL A 132 5.54 -1.35 22.32
C VAL A 132 4.48 -0.83 21.35
N VAL A 133 4.47 0.48 21.10
CA VAL A 133 3.65 0.98 19.98
C VAL A 133 4.58 1.70 19.06
N LYS A 134 4.91 1.02 17.97
CA LYS A 134 5.92 1.51 17.07
C LYS A 134 5.26 2.39 16.02
N HIS A 135 5.80 3.60 15.84
CA HIS A 135 5.47 4.42 14.66
C HIS A 135 6.36 4.01 13.50
N GLY A 136 5.84 3.96 12.29
CA GLY A 136 6.68 3.64 11.16
C GLY A 136 6.11 3.97 9.80
N ASN A 137 6.88 3.62 8.77
CA ASN A 137 6.57 3.93 7.37
C ASN A 137 7.32 3.03 6.41
N ARG A 138 6.93 3.07 5.14
CA ARG A 138 7.68 2.39 4.08
C ARG A 138 9.04 3.08 3.83
N ALA A 139 9.92 2.47 3.04
CA ALA A 139 11.26 3.04 2.83
C ALA A 139 11.23 4.39 2.12
N ALA A 140 12.15 5.29 2.49
CA ALA A 140 12.29 6.60 1.83
C ALA A 140 13.54 6.65 0.94
N SER A 141 14.69 6.31 1.51
CA SER A 141 15.96 6.24 0.75
C SER A 141 16.68 4.88 0.83
N SER A 142 15.94 3.83 1.22
CA SER A 142 16.48 2.48 1.32
C SER A 142 15.60 1.48 0.57
N LEU A 143 16.03 0.22 0.51
CA LEU A 143 15.27 -0.81 -0.24
C LEU A 143 14.00 -1.29 0.48
N SER A 144 13.99 -1.24 1.80
CA SER A 144 12.86 -1.75 2.57
C SER A 144 12.73 -1.10 3.94
N GLY A 145 11.68 -0.30 4.13
CA GLY A 145 11.44 0.33 5.42
C GLY A 145 10.85 -0.64 6.42
N GLY A 146 10.75 -0.22 7.68
CA GLY A 146 10.05 -0.99 8.72
C GLY A 146 8.74 -1.58 8.25
N ALA A 147 7.91 -0.74 7.63
CA ALA A 147 6.58 -1.21 7.19
C ALA A 147 6.62 -2.20 6.04
N ASP A 148 7.52 -1.97 5.06
CA ASP A 148 7.75 -2.93 3.97
C ASP A 148 8.10 -4.32 4.51
N THR A 149 8.99 -4.33 5.49
CA THR A 149 9.48 -5.56 6.13
C THR A 149 8.43 -6.25 7.00
N LEU A 150 7.74 -5.50 7.88
CA LEU A 150 6.64 -6.08 8.66
C LEU A 150 5.59 -6.69 7.74
N GLU A 151 5.27 -5.99 6.66
CA GLU A 151 4.34 -6.48 5.66
C GLU A 151 4.79 -7.81 5.03
N ALA A 152 6.07 -7.92 4.65
CA ALA A 152 6.61 -9.13 4.01
C ALA A 152 6.61 -10.31 4.95
N LEU A 153 6.61 -10.01 6.27
CA LEU A 153 6.55 -10.97 7.35
C LEU A 153 5.13 -11.44 7.61
N GLY A 154 4.15 -10.73 7.06
CA GLY A 154 2.74 -11.07 7.21
C GLY A 154 2.06 -10.32 8.33
N VAL A 155 2.74 -9.31 8.87
CA VAL A 155 2.17 -8.46 9.89
C VAL A 155 1.36 -7.39 9.18
N ARG A 156 0.20 -7.08 9.73
CA ARG A 156 -0.68 -6.09 9.15
C ARG A 156 -0.17 -4.69 9.49
N ILE A 157 0.17 -3.95 8.43
CA ILE A 157 0.63 -2.57 8.58
C ILE A 157 -0.51 -1.56 8.34
N ASP A 158 -1.73 -2.06 8.18
CA ASP A 158 -2.84 -1.24 7.72
C ASP A 158 -3.88 -0.94 8.79
N LEU A 159 -3.60 -1.29 10.05
CA LEU A 159 -4.62 -1.18 11.10
C LEU A 159 -4.93 0.25 11.47
N GLY A 160 -6.19 0.49 11.82
CA GLY A 160 -6.63 1.77 12.32
C GLY A 160 -6.46 1.77 13.82
N PRO A 161 -6.84 2.87 14.46
CA PRO A 161 -6.64 3.07 15.89
C PRO A 161 -7.20 1.93 16.74
N ASP A 162 -8.48 1.63 16.59
CA ASP A 162 -9.13 0.64 17.44
C ASP A 162 -8.46 -0.72 17.35
N LEU A 163 -7.91 -1.04 16.18
CA LEU A 163 -7.27 -2.32 15.96
C LEU A 163 -5.82 -2.32 16.39
N VAL A 164 -5.15 -1.16 16.29
CA VAL A 164 -3.81 -1.05 16.85
C VAL A 164 -3.87 -1.23 18.36
N ALA A 165 -4.86 -0.61 18.99
CA ALA A 165 -5.12 -0.77 20.40
C ALA A 165 -5.33 -2.24 20.80
N ARG A 166 -6.05 -2.98 19.96
CA ARG A 166 -6.30 -4.42 20.23
C ARG A 166 -5.01 -5.23 20.11
N SER A 167 -4.23 -4.92 19.07
CA SER A 167 -2.96 -5.59 18.82
C SER A 167 -2.08 -5.45 20.06
N LEU A 168 -1.96 -4.22 20.54
CA LEU A 168 -1.14 -3.90 21.71
C LEU A 168 -1.62 -4.64 22.97
N ALA A 169 -2.93 -4.64 23.19
CA ALA A 169 -3.55 -5.38 24.28
C ALA A 169 -3.29 -6.88 24.11
N GLU A 170 -3.56 -7.42 22.93
CA GLU A 170 -3.57 -8.87 22.79
C GLU A 170 -2.23 -9.51 22.53
N VAL A 171 -1.36 -8.77 21.84
CA VAL A 171 -0.08 -9.28 21.36
C VAL A 171 1.11 -8.69 22.15
N GLY A 172 0.90 -7.49 22.69
CA GLY A 172 1.94 -6.74 23.41
C GLY A 172 2.65 -5.70 22.55
N ILE A 173 2.35 -5.68 21.26
CA ILE A 173 2.89 -4.70 20.32
C ILE A 173 1.83 -4.21 19.32
N GLY A 174 1.85 -2.92 19.00
CA GLY A 174 1.01 -2.39 17.92
C GLY A 174 1.90 -1.63 16.95
N PHE A 175 1.50 -1.53 15.69
CA PHE A 175 2.25 -0.73 14.71
C PHE A 175 1.35 0.36 14.18
N CYS A 176 1.78 1.61 14.34
CA CYS A 176 1.05 2.76 13.78
C CYS A 176 1.68 3.16 12.46
N PHE A 177 1.02 2.86 11.35
CA PHE A 177 1.58 3.19 10.04
C PHE A 177 1.42 4.69 9.81
N ALA A 178 2.51 5.43 9.74
CA ALA A 178 2.39 6.89 9.77
C ALA A 178 1.33 7.50 8.81
N PRO A 179 1.30 7.08 7.52
CA PRO A 179 0.29 7.65 6.61
C PRO A 179 -1.19 7.47 7.00
N ARG A 180 -1.49 6.36 7.67
CA ARG A 180 -2.86 6.04 8.10
C ARG A 180 -3.34 6.91 9.25
N PHE A 181 -2.41 7.29 10.14
CA PHE A 181 -2.72 8.07 11.32
C PHE A 181 -2.54 9.57 11.15
N HIS A 182 -1.87 9.97 10.08
CA HIS A 182 -1.58 11.39 9.82
C HIS A 182 -1.99 11.77 8.39
N PRO A 183 -3.28 11.53 8.02
CA PRO A 183 -3.58 11.75 6.60
C PRO A 183 -3.41 13.20 6.12
N SER A 184 -3.58 14.17 7.03
CA SER A 184 -3.48 15.60 6.68
C SER A 184 -2.05 16.13 6.52
N TYR A 185 -1.06 15.28 6.79
CA TYR A 185 0.36 15.58 6.54
C TYR A 185 0.79 15.19 5.11
N ARG A 186 -0.12 14.57 4.37
CA ARG A 186 0.14 14.08 3.03
C ARG A 186 0.86 15.10 2.13
N HIS A 187 0.48 16.38 2.20
CA HIS A 187 1.10 17.38 1.34
C HIS A 187 2.54 17.65 1.76
N ALA A 188 2.76 17.74 3.06
CA ALA A 188 4.11 17.98 3.57
C ALA A 188 5.01 16.79 3.21
N ALA A 189 4.51 15.57 3.40
CA ALA A 189 5.33 14.39 3.06
C ALA A 189 5.71 14.37 1.57
N ALA A 190 4.78 14.76 0.69
CA ALA A 190 5.07 14.89 -0.72
C ALA A 190 6.18 15.91 -0.99
N VAL A 191 6.10 17.08 -0.36
CA VAL A 191 7.09 18.13 -0.59
C VAL A 191 8.44 17.68 -0.08
N ARG A 192 8.46 17.02 1.08
CA ARG A 192 9.68 16.48 1.62
C ARG A 192 10.40 15.65 0.56
N ARG A 193 9.67 14.74 -0.08
CA ARG A 193 10.26 13.85 -1.07
C ARG A 193 10.62 14.55 -2.37
N GLU A 194 9.88 15.60 -2.71
CA GLU A 194 10.15 16.39 -3.90
C GLU A 194 11.48 17.08 -3.77
N ILE A 195 11.80 17.53 -2.56
CA ILE A 195 13.03 18.29 -2.39
C ILE A 195 14.28 17.44 -2.27
N GLY A 196 14.14 16.25 -1.67
CA GLY A 196 15.22 15.24 -1.67
C GLY A 196 16.51 15.63 -0.97
N VAL A 197 16.42 16.61 -0.08
CA VAL A 197 17.51 17.06 0.79
C VAL A 197 16.86 16.91 2.18
N PRO A 198 17.60 16.41 3.17
CA PRO A 198 17.07 16.39 4.53
C PRO A 198 16.80 17.79 5.13
N THR A 199 15.67 17.93 5.80
CA THR A 199 15.33 19.16 6.49
C THR A 199 14.81 18.83 7.89
N VAL A 200 14.37 19.89 8.57
CA VAL A 200 13.78 19.78 9.90
C VAL A 200 12.55 18.84 9.83
N PHE A 201 11.86 18.79 8.68
CA PHE A 201 10.72 17.86 8.49
C PHE A 201 11.08 16.39 8.69
N ASN A 202 12.36 16.06 8.52
CA ASN A 202 12.79 14.68 8.70
C ASN A 202 12.79 14.29 10.20
N LEU A 203 12.74 15.28 11.07
CA LEU A 203 12.58 15.00 12.52
C LEU A 203 11.17 14.56 12.95
N LEU A 204 10.17 14.87 12.12
CA LEU A 204 8.78 14.95 12.58
C LEU A 204 8.07 13.57 12.72
N GLY A 205 8.44 12.62 11.90
CA GLY A 205 7.97 11.25 12.07
C GLY A 205 8.21 10.73 13.46
N PRO A 206 9.49 10.71 13.90
CA PRO A 206 9.73 10.08 15.20
C PRO A 206 9.10 10.84 16.39
N LEU A 207 8.89 12.14 16.20
CA LEU A 207 8.23 12.99 17.17
C LEU A 207 6.69 12.91 17.22
N THR A 208 6.04 12.17 16.33
CA THR A 208 4.56 12.27 16.20
C THR A 208 3.84 10.92 16.18
N ASN A 209 4.39 9.98 16.93
CA ASN A 209 3.72 8.72 17.17
C ASN A 209 2.33 9.04 17.76
N PRO A 210 1.27 8.65 17.07
CA PRO A 210 -0.07 9.07 17.44
C PRO A 210 -0.59 8.48 18.75
N ALA A 211 0.07 7.45 19.26
CA ALA A 211 -0.34 6.82 20.51
C ALA A 211 0.32 7.54 21.68
N ARG A 212 1.24 8.42 21.34
CA ARG A 212 1.96 9.23 22.32
C ARG A 212 2.62 8.42 23.44
N PRO A 213 3.40 7.40 23.10
CA PRO A 213 4.10 6.72 24.18
C PRO A 213 5.13 7.63 24.84
N ARG A 214 5.38 7.41 26.11
CA ARG A 214 6.22 8.29 26.93
C ARG A 214 7.71 7.93 26.92
N ALA A 215 8.02 6.75 26.40
CA ALA A 215 9.41 6.30 26.37
C ALA A 215 9.78 5.92 24.96
N GLY A 216 11.05 5.94 24.63
CA GLY A 216 11.41 5.55 23.27
C GLY A 216 12.91 5.47 23.06
N LEU A 217 13.31 4.70 22.03
CA LEU A 217 14.67 4.73 21.48
C LEU A 217 14.52 5.34 20.12
N ILE A 218 15.07 6.53 19.96
CA ILE A 218 14.76 7.37 18.83
C ILE A 218 16.02 7.67 18.05
N GLY A 219 16.06 7.17 16.82
CA GLY A 219 17.24 7.31 15.99
C GLY A 219 17.21 8.62 15.25
N CYS A 220 18.37 9.25 15.18
CA CYS A 220 18.55 10.47 14.40
C CYS A 220 19.78 10.35 13.49
N ALA A 221 19.56 10.44 12.17
CA ALA A 221 20.63 10.32 11.17
C ALA A 221 21.53 11.58 11.10
N PHE A 222 20.97 12.69 11.55
CA PHE A 222 21.54 14.02 11.38
C PHE A 222 22.08 14.53 12.70
N ALA A 223 23.40 14.46 12.84
CA ALA A 223 24.03 14.76 14.12
C ALA A 223 23.69 16.17 14.59
N ASP A 224 23.59 17.10 13.65
CA ASP A 224 23.34 18.51 13.98
C ASP A 224 21.91 18.78 14.46
N LEU A 225 21.01 17.79 14.32
CA LEU A 225 19.61 17.94 14.74
C LEU A 225 19.15 17.07 15.93
N ALA A 226 20.02 16.17 16.40
CA ALA A 226 19.61 15.23 17.41
C ALA A 226 19.39 15.92 18.75
N GLU A 227 20.24 16.90 19.06
CA GLU A 227 20.02 17.72 20.26
C GLU A 227 18.64 18.39 20.32
N VAL A 228 18.20 18.95 19.20
CA VAL A 228 16.91 19.67 19.13
C VAL A 228 15.80 18.65 19.32
N MET A 229 15.93 17.51 18.65
CA MET A 229 14.98 16.43 18.82
C MET A 229 14.81 16.05 20.28
N ALA A 230 15.94 15.87 20.98
CA ALA A 230 15.93 15.56 22.39
C ALA A 230 15.29 16.67 23.23
N GLY A 231 15.47 17.94 22.85
CA GLY A 231 14.82 19.07 23.51
C GLY A 231 13.29 18.94 23.46
N VAL A 232 12.77 18.54 22.31
CA VAL A 232 11.32 18.34 22.14
C VAL A 232 10.79 17.22 23.07
N PHE A 233 11.45 16.07 23.08
CA PHE A 233 11.09 15.01 23.99
C PHE A 233 11.19 15.45 25.45
N ALA A 234 12.19 16.30 25.74
CA ALA A 234 12.42 16.81 27.07
C ALA A 234 11.26 17.70 27.55
N ALA A 235 10.73 18.52 26.64
CA ALA A 235 9.63 19.44 26.97
C ALA A 235 8.36 18.66 27.33
N ARG A 236 8.06 17.59 26.60
CA ARG A 236 6.88 16.78 26.91
C ARG A 236 7.12 15.71 27.98
N ARG A 237 8.20 15.85 28.75
CA ARG A 237 8.67 14.92 29.81
C ARG A 237 8.66 13.42 29.50
N SER A 238 9.16 13.12 28.31
CA SER A 238 9.35 11.75 27.84
C SER A 238 10.63 11.16 28.43
N SER A 239 10.72 9.84 28.44
CA SER A 239 11.96 9.19 28.80
C SER A 239 12.47 8.52 27.53
N VAL A 240 13.44 9.17 26.90
CA VAL A 240 13.86 8.83 25.57
C VAL A 240 15.39 8.79 25.47
N LEU A 241 15.93 7.90 24.64
CA LEU A 241 17.35 8.00 24.27
C LEU A 241 17.36 8.36 22.80
N VAL A 242 17.87 9.54 22.48
CA VAL A 242 17.97 9.94 21.09
C VAL A 242 19.35 9.50 20.69
N VAL A 243 19.40 8.71 19.63
CA VAL A 243 20.67 8.07 19.28
C VAL A 243 21.15 8.34 17.88
N HIS A 244 22.46 8.57 17.77
CA HIS A 244 23.12 8.74 16.51
C HIS A 244 24.37 7.85 16.48
N GLY A 245 24.44 6.88 15.56
CA GLY A 245 25.68 6.05 15.42
C GLY A 245 26.77 6.99 14.93
N ASP A 246 27.96 6.93 15.52
CA ASP A 246 29.12 7.76 15.05
C ASP A 246 29.62 7.38 13.66
N ASP A 247 29.04 6.31 13.11
CA ASP A 247 29.23 5.89 11.72
C ASP A 247 28.11 6.46 10.86
N GLY A 248 27.21 7.18 11.51
CA GLY A 248 26.11 7.77 10.80
C GLY A 248 24.76 7.09 10.92
N LEU A 249 24.68 5.89 11.46
CA LEU A 249 23.39 5.18 11.57
C LEU A 249 22.41 5.92 12.48
N ASP A 250 21.12 5.87 12.14
CA ASP A 250 20.06 6.34 13.06
C ASP A 250 19.64 5.23 14.02
N GLU A 251 20.64 4.59 14.58
CA GLU A 251 20.43 3.42 15.46
C GLU A 251 21.63 3.38 16.35
N LEU A 252 21.57 2.59 17.42
CA LEU A 252 22.78 2.32 18.21
C LEU A 252 23.58 1.33 17.36
N THR A 253 24.81 1.69 17.06
CA THR A 253 25.62 0.93 16.13
C THR A 253 26.55 0.01 16.88
N THR A 254 27.04 -1.00 16.18
CA THR A 254 28.05 -1.88 16.76
C THR A 254 29.41 -1.72 16.06
N THR A 255 29.47 -0.86 15.04
CA THR A 255 30.72 -0.66 14.29
C THR A 255 31.65 0.29 15.00
N THR A 256 31.10 1.08 15.91
CA THR A 256 31.87 2.11 16.63
C THR A 256 31.00 2.66 17.78
N THR A 257 31.42 3.77 18.36
CA THR A 257 30.63 4.45 19.39
C THR A 257 29.32 5.05 18.86
N SER A 258 28.40 5.36 19.76
CA SER A 258 27.19 6.10 19.42
C SER A 258 27.05 7.31 20.31
N THR A 259 26.50 8.39 19.77
CA THR A 259 26.18 9.53 20.59
C THR A 259 24.72 9.44 21.04
N ILE A 260 24.50 9.59 22.33
CA ILE A 260 23.17 9.47 22.90
C ILE A 260 22.82 10.75 23.64
N TRP A 261 21.64 11.30 23.32
CA TRP A 261 21.10 12.39 24.11
C TRP A 261 20.06 11.77 25.03
N ARG A 262 20.42 11.64 26.29
CA ARG A 262 19.60 10.98 27.28
C ARG A 262 18.61 12.00 27.83
N VAL A 263 17.33 11.70 27.71
CA VAL A 263 16.27 12.61 28.12
C VAL A 263 15.52 12.00 29.27
N ALA A 264 15.66 12.61 30.43
CA ALA A 264 15.01 12.13 31.64
C ALA A 264 14.70 13.32 32.55
N ALA A 265 13.51 13.31 33.15
CA ALA A 265 13.04 14.37 34.07
C ALA A 265 13.19 15.79 33.53
N GLY A 266 12.78 16.01 32.29
CA GLY A 266 12.79 17.33 31.66
C GLY A 266 14.13 17.85 31.14
N SER A 267 15.21 17.10 31.29
CA SER A 267 16.50 17.57 30.80
C SER A 267 17.24 16.57 29.94
N VAL A 268 18.34 17.04 29.37
CA VAL A 268 19.05 16.33 28.36
C VAL A 268 20.50 16.36 28.73
N ASP A 269 21.11 15.18 28.77
CA ASP A 269 22.56 15.15 28.78
C ASP A 269 23.14 14.26 27.68
N LYS A 270 24.29 14.70 27.18
CA LYS A 270 24.90 14.08 26.03
C LYS A 270 25.93 13.10 26.56
N LEU A 271 25.85 11.87 26.07
CA LEU A 271 26.75 10.80 26.43
C LEU A 271 27.28 10.17 25.16
N THR A 272 28.45 9.54 25.24
CA THR A 272 28.95 8.73 24.14
C THR A 272 28.85 7.30 24.65
N PHE A 273 28.28 6.39 23.85
CA PHE A 273 28.10 5.01 24.31
C PHE A 273 29.05 4.10 23.55
N ASP A 274 29.76 3.24 24.26
CA ASP A 274 30.64 2.26 23.63
C ASP A 274 30.26 0.78 23.90
N PRO A 275 29.75 0.06 22.85
CA PRO A 275 29.38 -1.35 23.02
C PRO A 275 30.52 -2.26 23.55
N ALA A 276 31.78 -1.83 23.42
CA ALA A 276 32.91 -2.65 23.91
C ALA A 276 32.89 -2.76 25.43
N GLY A 277 32.28 -1.76 26.09
CA GLY A 277 32.10 -1.79 27.54
C GLY A 277 31.21 -2.96 27.99
N PHE A 278 30.40 -3.47 27.06
CA PHE A 278 29.48 -4.57 27.37
C PHE A 278 29.83 -5.82 26.60
N GLY A 279 31.10 -5.91 26.20
CA GLY A 279 31.65 -7.12 25.59
C GLY A 279 31.31 -7.34 24.13
N PHE A 280 30.88 -6.30 23.42
CA PHE A 280 30.54 -6.41 22.00
C PHE A 280 31.74 -6.22 21.06
N ALA A 281 31.93 -7.19 20.16
CA ALA A 281 33.00 -7.08 19.17
C ALA A 281 32.63 -6.01 18.15
N ARG A 282 33.62 -5.29 17.61
CA ARG A 282 33.34 -4.30 16.57
C ARG A 282 32.92 -4.96 15.27
N ALA A 283 31.86 -4.45 14.66
CA ALA A 283 31.37 -4.97 13.41
C ALA A 283 31.74 -4.00 12.29
N GLN A 284 31.55 -4.46 11.07
CA GLN A 284 31.75 -3.61 9.91
C GLN A 284 30.37 -3.28 9.42
N LEU A 285 30.20 -2.09 8.85
CA LEU A 285 28.88 -1.68 8.35
C LEU A 285 28.28 -2.71 7.39
N ASP A 286 29.09 -3.25 6.48
CA ASP A 286 28.57 -4.16 5.46
C ASP A 286 27.97 -5.44 6.05
N GLN A 287 28.28 -5.73 7.32
CA GLN A 287 27.66 -6.85 8.04
C GLN A 287 26.20 -6.60 8.45
N LEU A 288 25.79 -5.33 8.49
CA LEU A 288 24.44 -4.94 8.90
C LEU A 288 23.56 -4.57 7.70
N ALA A 289 24.15 -4.68 6.51
CA ALA A 289 23.52 -4.30 5.25
C ALA A 289 22.25 -5.10 5.00
N GLY A 290 21.23 -4.42 4.48
CA GLY A 290 19.96 -5.06 4.19
C GLY A 290 19.73 -5.14 2.69
N GLY A 291 18.62 -5.77 2.33
CA GLY A 291 18.23 -5.89 0.92
C GLY A 291 16.78 -5.48 0.73
N ASP A 292 16.10 -6.14 -0.20
CA ASP A 292 14.68 -5.90 -0.44
C ASP A 292 13.85 -6.42 0.72
N ALA A 293 12.54 -6.19 0.67
CA ALA A 293 11.65 -6.57 1.75
C ALA A 293 11.83 -8.06 2.13
N GLN A 294 11.92 -8.92 1.12
CA GLN A 294 12.06 -10.37 1.33
C GLN A 294 13.35 -10.72 2.03
N ALA A 295 14.44 -10.10 1.60
CA ALA A 295 15.73 -10.25 2.26
C ALA A 295 15.71 -9.79 3.72
N ASN A 296 15.04 -8.67 3.95
CA ASN A 296 15.01 -8.09 5.28
C ASN A 296 14.10 -8.88 6.22
N ALA A 297 13.01 -9.39 5.67
CA ALA A 297 12.11 -10.30 6.37
C ALA A 297 12.86 -11.57 6.77
N ALA A 298 13.61 -12.17 5.85
CA ALA A 298 14.37 -13.38 6.18
C ALA A 298 15.39 -13.07 7.28
N ALA A 299 15.94 -11.86 7.26
CA ALA A 299 16.89 -11.48 8.29
C ALA A 299 16.20 -11.38 9.68
N VAL A 300 14.97 -10.87 9.71
CA VAL A 300 14.20 -10.85 10.96
C VAL A 300 14.02 -12.31 11.46
N ARG A 301 13.55 -13.18 10.58
CA ARG A 301 13.40 -14.60 10.98
C ARG A 301 14.69 -15.27 11.51
N ALA A 302 15.83 -14.95 10.89
CA ALA A 302 17.11 -15.59 11.27
C ALA A 302 17.51 -15.14 12.66
N VAL A 303 17.35 -13.85 12.93
CA VAL A 303 17.59 -13.29 14.28
C VAL A 303 16.64 -13.86 15.34
N LEU A 304 15.34 -13.86 15.07
CA LEU A 304 14.40 -14.32 16.09
C LEU A 304 14.57 -15.84 16.31
N GLY A 305 15.12 -16.51 15.30
CA GLY A 305 15.37 -17.93 15.36
C GLY A 305 16.68 -18.29 16.02
N GLY A 306 17.39 -17.29 16.51
CA GLY A 306 18.59 -17.53 17.30
C GLY A 306 19.93 -17.46 16.61
N ALA A 307 19.96 -17.14 15.32
CA ALA A 307 21.22 -17.01 14.59
C ALA A 307 22.15 -16.00 15.28
N ARG A 308 23.36 -16.46 15.59
CA ARG A 308 24.38 -15.62 16.20
C ARG A 308 25.13 -14.78 15.19
N GLY A 309 25.71 -13.68 15.65
CA GLY A 309 26.50 -12.84 14.78
C GLY A 309 26.14 -11.36 14.85
N PRO A 310 26.66 -10.57 13.90
CA PRO A 310 26.59 -9.09 13.92
C PRO A 310 25.18 -8.53 14.03
N VAL A 311 24.24 -9.09 13.25
CA VAL A 311 22.88 -8.58 13.21
C VAL A 311 22.17 -8.75 14.57
N ARG A 312 22.34 -9.93 15.16
CA ARG A 312 21.82 -10.22 16.49
C ARG A 312 22.40 -9.21 17.46
N ASP A 313 23.73 -9.09 17.50
CA ASP A 313 24.36 -8.15 18.43
C ASP A 313 23.70 -6.77 18.34
N ALA A 314 23.42 -6.30 17.11
CA ALA A 314 22.86 -4.95 16.89
C ALA A 314 21.39 -4.83 17.31
N VAL A 315 20.63 -5.88 17.08
CA VAL A 315 19.25 -5.95 17.55
C VAL A 315 19.20 -5.93 19.09
N VAL A 316 20.01 -6.76 19.74
CA VAL A 316 20.05 -6.84 21.21
C VAL A 316 20.50 -5.51 21.85
N LEU A 317 21.53 -4.92 21.27
CA LEU A 317 21.98 -3.62 21.73
C LEU A 317 20.86 -2.61 21.59
N ASN A 318 20.18 -2.55 20.45
CA ASN A 318 19.10 -1.58 20.29
C ASN A 318 17.89 -1.90 21.16
N ALA A 319 17.57 -3.18 21.32
CA ALA A 319 16.46 -3.59 22.18
C ALA A 319 16.77 -3.17 23.61
N ALA A 320 18.01 -3.37 24.05
CA ALA A 320 18.42 -2.95 25.38
C ALA A 320 18.34 -1.42 25.59
N GLY A 321 18.59 -0.65 24.55
CA GLY A 321 18.51 0.85 24.64
C GLY A 321 17.07 1.30 24.83
N ALA A 322 16.14 0.69 24.10
CA ALA A 322 14.71 0.87 24.34
C ALA A 322 14.34 0.50 25.79
N ILE A 323 14.86 -0.61 26.28
CA ILE A 323 14.54 -1.01 27.65
C ILE A 323 15.14 -0.07 28.69
N VAL A 324 16.36 0.40 28.46
CA VAL A 324 16.92 1.48 29.27
C VAL A 324 16.01 2.73 29.28
N ALA A 325 15.51 3.15 28.12
CA ALA A 325 14.53 4.25 28.02
C ALA A 325 13.28 4.02 28.88
N HIS A 326 12.68 2.84 28.73
CA HIS A 326 11.56 2.39 29.56
C HIS A 326 11.85 2.55 31.05
N ALA A 327 13.01 2.05 31.48
CA ALA A 327 13.43 2.12 32.90
C ALA A 327 13.59 3.56 33.40
N GLY A 328 14.00 4.45 32.51
CA GLY A 328 14.11 5.88 32.87
C GLY A 328 12.79 6.53 33.26
N LEU A 329 11.67 5.85 33.01
CA LEU A 329 10.35 6.37 33.38
C LEU A 329 10.15 6.33 34.89
N SER A 330 10.93 5.50 35.57
CA SER A 330 10.91 5.38 37.02
C SER A 330 11.88 6.29 37.74
N SER A 331 13.00 6.64 37.10
CA SER A 331 13.94 7.63 37.63
C SER A 331 14.69 7.18 38.90
N ARG A 332 14.26 6.05 39.48
CA ARG A 332 15.09 5.32 40.41
C ARG A 332 16.29 4.72 39.65
N ALA A 333 16.20 4.79 38.31
CA ALA A 333 17.11 4.13 37.36
C ALA A 333 18.54 4.65 37.35
N GLU A 334 19.49 3.70 37.28
CA GLU A 334 20.95 3.93 37.27
C GLU A 334 21.57 3.34 36.00
N TRP A 335 22.39 4.13 35.30
CA TRP A 335 22.78 3.93 33.89
C TRP A 335 23.39 2.56 33.52
N LEU A 336 24.32 2.09 34.36
CA LEU A 336 25.03 0.80 34.14
C LEU A 336 24.19 -0.43 34.46
N PRO A 337 23.61 -0.50 35.69
CA PRO A 337 22.65 -1.59 35.95
C PRO A 337 21.52 -1.67 34.92
N ALA A 338 21.04 -0.50 34.46
CA ALA A 338 20.00 -0.40 33.43
C ALA A 338 20.40 -1.13 32.16
N TRP A 339 21.59 -0.82 31.65
CA TRP A 339 22.07 -1.38 30.38
C TRP A 339 22.29 -2.88 30.49
N GLU A 340 22.88 -3.28 31.62
CA GLU A 340 23.12 -4.68 31.91
C GLU A 340 21.80 -5.46 32.01
N GLU A 341 20.79 -4.89 32.65
CA GLU A 341 19.45 -5.48 32.70
C GLU A 341 18.82 -5.53 31.31
N GLY A 342 18.99 -4.44 30.56
CA GLY A 342 18.43 -4.32 29.22
C GLY A 342 18.93 -5.44 28.33
N LEU A 343 20.25 -5.65 28.37
CA LEU A 343 20.90 -6.65 27.54
C LEU A 343 20.47 -8.04 27.92
N ARG A 344 20.46 -8.30 29.22
CA ARG A 344 20.04 -9.58 29.78
C ARG A 344 18.63 -9.91 29.29
N ARG A 345 17.71 -8.96 29.46
CA ARG A 345 16.32 -9.13 29.11
C ARG A 345 16.16 -9.31 27.62
N ALA A 346 16.93 -8.55 26.82
CA ALA A 346 16.79 -8.60 25.35
C ALA A 346 17.29 -9.93 24.84
N SER A 347 18.46 -10.33 25.31
CA SER A 347 19.00 -11.64 24.94
C SER A 347 18.07 -12.78 25.38
N ALA A 348 17.58 -12.74 26.61
CA ALA A 348 16.65 -13.75 27.09
C ALA A 348 15.39 -13.86 26.22
N ALA A 349 14.83 -12.74 25.77
CA ALA A 349 13.62 -12.76 24.96
C ALA A 349 13.82 -13.49 23.66
N ILE A 350 15.00 -13.34 23.07
CA ILE A 350 15.36 -14.13 21.90
C ILE A 350 15.62 -15.58 22.30
N ASP A 351 16.50 -15.81 23.26
CA ASP A 351 16.93 -17.17 23.61
C ASP A 351 15.79 -18.15 24.02
N THR A 352 14.80 -17.65 24.76
CA THR A 352 13.65 -18.45 25.21
C THR A 352 12.65 -18.77 24.09
N GLY A 353 12.82 -18.11 22.94
CA GLY A 353 11.86 -18.21 21.85
C GLY A 353 10.72 -17.22 21.96
N ALA A 354 10.68 -16.44 23.04
CA ALA A 354 9.57 -15.49 23.27
C ALA A 354 9.42 -14.56 22.08
N ALA A 355 10.53 -14.04 21.57
CA ALA A 355 10.50 -13.06 20.51
C ALA A 355 9.98 -13.69 19.23
N GLU A 356 10.51 -14.85 18.85
CA GLU A 356 9.98 -15.58 17.68
C GLU A 356 8.48 -15.89 17.81
N GLN A 357 8.04 -16.30 19.01
CA GLN A 357 6.64 -16.68 19.20
C GLN A 357 5.81 -15.40 19.14
N LEU A 358 6.38 -14.29 19.62
CA LEU A 358 5.60 -13.05 19.66
C LEU A 358 5.27 -12.61 18.23
N LEU A 359 6.23 -12.77 17.33
CA LEU A 359 6.03 -12.41 15.92
C LEU A 359 4.95 -13.29 15.30
N ALA A 360 5.07 -14.61 15.50
CA ALA A 360 4.02 -15.56 15.07
C ALA A 360 2.64 -15.16 15.58
N ARG A 361 2.53 -14.88 16.87
CA ARG A 361 1.26 -14.46 17.43
C ARG A 361 0.78 -13.13 16.84
N TRP A 362 1.72 -12.23 16.56
CA TRP A 362 1.36 -10.96 15.92
C TRP A 362 0.74 -11.21 14.53
N VAL A 363 1.30 -12.17 13.78
CA VAL A 363 0.85 -12.49 12.42
C VAL A 363 -0.56 -13.11 12.48
N ARG A 364 -0.70 -14.13 13.34
CA ARG A 364 -1.98 -14.77 13.55
C ARG A 364 -3.04 -13.75 13.95
N PHE A 365 -2.70 -12.80 14.82
CA PHE A 365 -3.66 -11.79 15.28
C PHE A 365 -4.26 -11.01 14.11
N GLY A 366 -3.41 -10.58 13.18
CA GLY A 366 -3.83 -9.79 12.03
C GLY A 366 -4.65 -10.57 11.01
N ARG A 367 -4.31 -11.85 10.86
CA ARG A 367 -5.09 -12.77 10.03
C ARG A 367 -6.45 -13.10 10.65
N GLN A 368 -6.51 -13.22 11.97
CA GLN A 368 -7.78 -13.44 12.70
C GLN A 368 -8.63 -12.16 12.73
N ILE A 369 -8.17 -11.17 11.98
CA ILE A 369 -8.91 -9.94 11.71
C ILE A 369 -8.99 -9.02 12.93
N PRO B 24 -30.21 -16.87 7.71
CA PRO B 24 -29.35 -17.96 7.24
C PRO B 24 -29.51 -18.27 5.75
N SER B 25 -28.40 -18.61 5.10
CA SER B 25 -28.36 -18.83 3.68
C SER B 25 -27.10 -19.58 3.31
N TRP B 26 -27.10 -20.19 2.13
CA TRP B 26 -25.91 -20.87 1.66
C TRP B 26 -24.75 -19.90 1.42
N PRO B 27 -24.99 -18.77 0.71
CA PRO B 27 -23.93 -17.79 0.58
C PRO B 27 -23.27 -17.39 1.91
N GLN B 28 -24.06 -17.25 2.97
CA GLN B 28 -23.52 -16.82 4.25
C GLN B 28 -22.66 -17.91 4.95
N ILE B 29 -23.15 -19.14 4.93
CA ILE B 29 -22.43 -20.23 5.59
C ILE B 29 -21.15 -20.58 4.81
N LEU B 30 -21.28 -20.79 3.50
CA LEU B 30 -20.15 -21.06 2.60
C LEU B 30 -19.14 -19.93 2.66
N GLY B 31 -19.65 -18.70 2.71
CA GLY B 31 -18.81 -17.53 2.84
C GLY B 31 -17.93 -17.63 4.07
N ARG B 32 -18.55 -17.95 5.20
CA ARG B 32 -17.83 -18.01 6.48
C ARG B 32 -16.81 -19.16 6.50
N LEU B 33 -17.22 -20.30 5.98
CA LEU B 33 -16.30 -21.45 5.91
C LEU B 33 -15.08 -21.14 5.05
N THR B 34 -15.31 -20.60 3.85
CA THR B 34 -14.23 -20.29 2.90
C THR B 34 -13.37 -19.16 3.43
N ASP B 35 -13.93 -18.35 4.33
CA ASP B 35 -13.14 -17.38 5.07
C ASP B 35 -12.35 -18.04 6.21
N ASN B 36 -12.41 -19.38 6.28
CA ASN B 36 -11.66 -20.12 7.29
C ASN B 36 -12.09 -19.80 8.73
N ARG B 37 -13.39 -19.57 8.93
CA ARG B 37 -13.92 -19.29 10.28
C ARG B 37 -14.85 -20.40 10.70
N ASP B 38 -14.83 -20.69 12.01
CA ASP B 38 -15.82 -21.55 12.63
C ASP B 38 -17.23 -20.99 12.46
N LEU B 39 -18.17 -21.90 12.26
CA LEU B 39 -19.58 -21.54 12.13
C LEU B 39 -20.14 -21.07 13.44
N ALA B 40 -21.18 -20.22 13.36
CA ALA B 40 -21.95 -19.84 14.52
C ALA B 40 -22.80 -21.05 14.91
N ARG B 41 -23.07 -21.19 16.21
CA ARG B 41 -24.00 -22.21 16.75
C ARG B 41 -25.27 -22.26 15.94
N GLY B 42 -25.65 -23.47 15.52
CA GLY B 42 -26.87 -23.66 14.75
C GLY B 42 -26.66 -23.59 13.24
N GLN B 43 -25.55 -23.02 12.79
CA GLN B 43 -25.36 -22.89 11.34
C GLN B 43 -25.09 -24.23 10.64
N ALA B 44 -24.20 -25.06 11.18
CA ALA B 44 -23.97 -26.40 10.64
C ALA B 44 -25.30 -27.18 10.62
N ALA B 45 -26.02 -27.12 11.74
CA ALA B 45 -27.37 -27.70 11.88
C ALA B 45 -28.35 -27.23 10.78
N TRP B 46 -28.43 -25.90 10.58
CA TRP B 46 -29.21 -25.34 9.46
C TRP B 46 -28.82 -25.94 8.11
N ALA B 47 -27.53 -26.05 7.84
CA ALA B 47 -27.07 -26.57 6.56
C ALA B 47 -27.49 -28.02 6.33
N MET B 48 -27.26 -28.88 7.32
CA MET B 48 -27.58 -30.29 7.17
C MET B 48 -29.09 -30.48 7.00
N ASP B 49 -29.85 -29.65 7.68
CA ASP B 49 -31.31 -29.77 7.55
C ASP B 49 -31.80 -29.40 6.14
N GLN B 50 -31.21 -28.36 5.56
CA GLN B 50 -31.47 -28.04 4.15
C GLN B 50 -31.11 -29.22 3.25
N ILE B 51 -29.95 -29.82 3.55
CA ILE B 51 -29.52 -30.98 2.79
C ILE B 51 -30.54 -32.11 2.89
N MET B 52 -31.16 -32.29 4.06
CA MET B 52 -32.05 -33.44 4.29
C MET B 52 -33.52 -33.18 4.02
N THR B 53 -33.83 -31.95 3.66
CA THR B 53 -35.18 -31.59 3.22
C THR B 53 -35.24 -31.43 1.70
N GLY B 54 -34.14 -31.69 1.00
CA GLY B 54 -34.07 -31.55 -0.45
C GLY B 54 -33.93 -30.10 -0.93
N ASN B 55 -33.67 -29.19 0.00
CA ASN B 55 -33.42 -27.78 -0.35
C ASN B 55 -31.93 -27.46 -0.53
N ALA B 56 -31.13 -28.41 -1.01
CA ALA B 56 -29.73 -28.09 -1.25
C ALA B 56 -29.27 -28.63 -2.59
N ARG B 57 -28.63 -27.77 -3.37
CA ARG B 57 -28.10 -28.20 -4.65
C ARG B 57 -26.85 -29.04 -4.40
N PRO B 58 -26.62 -30.06 -5.23
CA PRO B 58 -25.38 -30.83 -5.11
C PRO B 58 -24.13 -29.94 -5.00
N ALA B 59 -24.02 -28.89 -5.82
CA ALA B 59 -22.92 -27.93 -5.69
C ALA B 59 -22.81 -27.32 -4.27
N GLN B 60 -23.92 -26.97 -3.64
CA GLN B 60 -23.87 -26.39 -2.28
C GLN B 60 -23.46 -27.43 -1.23
N ILE B 61 -24.00 -28.64 -1.36
CA ILE B 61 -23.57 -29.80 -0.57
C ILE B 61 -22.04 -30.00 -0.66
N ALA B 62 -21.52 -30.16 -1.88
CA ALA B 62 -20.10 -30.40 -2.12
C ALA B 62 -19.26 -29.24 -1.62
N ALA B 63 -19.73 -28.01 -1.83
CA ALA B 63 -19.01 -26.83 -1.35
C ALA B 63 -18.93 -26.82 0.17
N PHE B 64 -20.03 -27.18 0.81
CA PHE B 64 -20.14 -27.18 2.25
C PHE B 64 -19.19 -28.22 2.85
N ALA B 65 -19.26 -29.45 2.37
CA ALA B 65 -18.40 -30.51 2.89
C ALA B 65 -16.90 -30.22 2.67
N VAL B 66 -16.55 -29.75 1.48
CA VAL B 66 -15.15 -29.40 1.20
C VAL B 66 -14.68 -28.24 2.06
N ALA B 67 -15.43 -27.14 2.08
CA ALA B 67 -15.02 -25.97 2.87
C ALA B 67 -14.93 -26.28 4.37
N MET B 68 -15.81 -27.11 4.88
CA MET B 68 -15.69 -27.38 6.32
C MET B 68 -14.42 -28.20 6.61
N THR B 69 -14.13 -29.14 5.73
CA THR B 69 -12.92 -29.95 5.85
C THR B 69 -11.66 -29.09 5.87
N MET B 70 -11.50 -28.21 4.88
CA MET B 70 -10.28 -27.41 4.78
C MET B 70 -10.19 -26.33 5.85
N LYS B 71 -11.33 -25.86 6.35
CA LYS B 71 -11.36 -24.98 7.50
C LYS B 71 -10.78 -25.73 8.74
N ALA B 72 -11.07 -27.04 8.80
CA ALA B 72 -10.81 -27.93 9.94
C ALA B 72 -12.06 -27.90 10.81
N PRO B 73 -12.88 -28.97 10.71
CA PRO B 73 -14.18 -29.01 11.37
C PRO B 73 -13.99 -28.98 12.89
N THR B 74 -14.95 -28.42 13.63
CA THR B 74 -14.93 -28.51 15.11
C THR B 74 -15.88 -29.62 15.61
N ALA B 75 -15.73 -30.04 16.86
CA ALA B 75 -16.66 -31.03 17.42
C ALA B 75 -18.08 -30.49 17.43
N ASP B 76 -18.21 -29.23 17.83
CA ASP B 76 -19.52 -28.55 17.80
C ASP B 76 -20.20 -28.69 16.46
N GLU B 77 -19.49 -28.35 15.39
CA GLU B 77 -20.05 -28.39 14.05
C GLU B 77 -20.41 -29.81 13.61
N VAL B 78 -19.49 -30.74 13.86
CA VAL B 78 -19.74 -32.12 13.47
C VAL B 78 -20.90 -32.67 14.29
N GLY B 79 -20.93 -32.35 15.58
CA GLY B 79 -22.07 -32.73 16.42
C GLY B 79 -23.41 -32.23 15.89
N GLU B 80 -23.46 -30.99 15.41
CA GLU B 80 -24.71 -30.46 14.84
C GLU B 80 -25.15 -31.24 13.61
N LEU B 81 -24.19 -31.61 12.79
CA LEU B 81 -24.45 -32.34 11.56
C LEU B 81 -25.00 -33.74 11.84
N ALA B 82 -24.30 -34.49 12.68
CA ALA B 82 -24.79 -35.83 13.09
C ALA B 82 -26.15 -35.70 13.80
N GLY B 83 -26.29 -34.66 14.62
CA GLY B 83 -27.54 -34.44 15.35
C GLY B 83 -28.77 -34.28 14.46
N VAL B 84 -28.63 -33.47 13.42
CA VAL B 84 -29.68 -33.32 12.42
C VAL B 84 -29.98 -34.67 11.74
N MET B 85 -28.93 -35.38 11.38
CA MET B 85 -29.14 -36.69 10.75
C MET B 85 -29.97 -37.62 11.63
N LEU B 86 -29.55 -37.71 12.89
CA LEU B 86 -30.20 -38.58 13.88
C LEU B 86 -31.63 -38.15 14.15
N SER B 87 -31.86 -36.85 14.08
CA SER B 87 -33.20 -36.28 14.28
C SER B 87 -34.15 -36.67 13.16
N HIS B 88 -33.63 -36.91 11.95
CA HIS B 88 -34.47 -37.38 10.85
C HIS B 88 -34.47 -38.90 10.64
N ALA B 89 -33.58 -39.62 11.33
CA ALA B 89 -33.42 -41.06 11.11
C ALA B 89 -34.62 -41.89 11.60
N HIS B 90 -34.92 -43.01 10.94
CA HIS B 90 -35.86 -44.01 11.52
C HIS B 90 -35.25 -44.59 12.82
N PRO B 91 -35.89 -44.32 13.97
CA PRO B 91 -35.41 -44.81 15.27
C PRO B 91 -35.84 -46.26 15.53
N LEU B 92 -35.16 -46.98 16.43
CA LEU B 92 -35.68 -48.30 16.85
C LEU B 92 -36.83 -48.10 17.86
N PRO B 93 -37.78 -49.09 17.97
CA PRO B 93 -38.90 -48.93 18.93
C PRO B 93 -38.41 -48.66 20.35
N ALA B 94 -39.26 -48.07 21.19
CA ALA B 94 -38.88 -47.69 22.55
C ALA B 94 -38.47 -48.90 23.40
N ASP B 95 -37.46 -48.70 24.24
CA ASP B 95 -36.96 -49.73 25.18
C ASP B 95 -36.61 -51.05 24.49
N THR B 96 -35.98 -50.98 23.33
CA THR B 96 -35.58 -52.17 22.58
C THR B 96 -34.05 -52.30 22.44
N VAL B 97 -33.35 -51.25 22.85
CA VAL B 97 -31.90 -51.22 22.73
C VAL B 97 -31.33 -51.13 24.15
N PRO B 98 -30.66 -52.20 24.63
CA PRO B 98 -30.07 -52.22 25.97
C PRO B 98 -29.18 -50.99 26.21
N ASP B 99 -29.16 -50.48 27.44
CA ASP B 99 -28.31 -49.34 27.79
C ASP B 99 -26.82 -49.55 27.51
N ASP B 100 -26.40 -50.81 27.33
CA ASP B 100 -25.00 -51.14 27.15
C ASP B 100 -24.67 -51.70 25.76
N ALA B 101 -25.57 -51.52 24.80
CA ALA B 101 -25.33 -51.88 23.42
C ALA B 101 -24.10 -51.18 22.89
N VAL B 102 -23.39 -51.84 21.96
CA VAL B 102 -22.12 -51.33 21.43
C VAL B 102 -22.17 -51.38 19.93
N ASP B 103 -21.42 -50.50 19.30
CA ASP B 103 -21.26 -50.49 17.85
C ASP B 103 -19.80 -50.87 17.56
N VAL B 104 -19.54 -51.40 16.38
CA VAL B 104 -18.20 -51.57 15.88
C VAL B 104 -18.29 -51.19 14.40
N VAL B 105 -17.72 -50.05 14.03
CA VAL B 105 -17.92 -49.44 12.71
C VAL B 105 -16.87 -48.37 12.45
N GLY B 106 -16.49 -48.20 11.19
CA GLY B 106 -15.45 -47.26 10.80
C GLY B 106 -15.86 -46.29 9.70
N THR B 107 -15.02 -45.30 9.46
CA THR B 107 -15.22 -44.39 8.36
C THR B 107 -15.09 -45.11 7.01
N GLY B 108 -14.32 -46.19 6.98
CA GLY B 108 -13.86 -46.73 5.70
C GLY B 108 -12.85 -45.73 5.13
N GLY B 109 -12.48 -45.91 3.87
CA GLY B 109 -11.62 -44.94 3.20
C GLY B 109 -10.16 -45.10 3.54
N ASP B 110 -9.77 -46.22 4.13
CA ASP B 110 -8.36 -46.54 4.34
C ASP B 110 -7.58 -46.94 3.09
N GLY B 111 -8.28 -47.33 2.05
CA GLY B 111 -7.61 -47.58 0.77
C GLY B 111 -6.70 -48.79 0.72
N VAL B 112 -6.50 -49.44 1.88
CA VAL B 112 -6.01 -50.80 1.93
C VAL B 112 -7.24 -51.69 1.83
N ASN B 113 -7.24 -52.63 0.91
CA ASN B 113 -8.37 -53.55 0.80
C ASN B 113 -8.19 -54.63 1.87
N THR B 114 -8.92 -54.53 2.98
CA THR B 114 -8.82 -55.54 4.04
C THR B 114 -10.06 -56.42 4.12
N VAL B 115 -9.89 -57.55 4.77
CA VAL B 115 -11.01 -58.35 5.29
C VAL B 115 -11.85 -57.44 6.21
N ASN B 116 -13.14 -57.74 6.35
CA ASN B 116 -14.09 -56.92 7.13
C ASN B 116 -13.90 -57.06 8.63
N LEU B 117 -12.83 -56.45 9.16
CA LEU B 117 -12.50 -56.62 10.55
C LEU B 117 -13.59 -56.19 11.54
N SER B 118 -14.33 -55.12 11.23
CA SER B 118 -15.30 -54.63 12.20
C SER B 118 -16.48 -55.56 12.37
N THR B 119 -17.00 -56.03 11.24
CA THR B 119 -18.10 -56.97 11.21
C THR B 119 -17.75 -58.30 11.89
N MET B 120 -16.54 -58.80 11.63
CA MET B 120 -16.10 -60.03 12.29
C MET B 120 -16.01 -59.82 13.79
N ALA B 121 -15.39 -58.72 14.20
CA ALA B 121 -15.31 -58.30 15.62
C ALA B 121 -16.67 -58.16 16.34
N ALA B 122 -17.66 -57.59 15.64
CA ALA B 122 -19.01 -57.41 16.13
C ALA B 122 -19.68 -58.76 16.44
N ILE B 123 -19.56 -59.71 15.52
CA ILE B 123 -20.07 -61.07 15.73
C ILE B 123 -19.50 -61.69 17.01
N VAL B 124 -18.18 -61.66 17.15
CA VAL B 124 -17.46 -62.19 18.30
C VAL B 124 -17.89 -61.51 19.60
N VAL B 125 -17.99 -60.19 19.56
CA VAL B 125 -18.46 -59.39 20.71
C VAL B 125 -19.89 -59.79 21.10
N ALA B 126 -20.78 -59.85 20.11
CA ALA B 126 -22.16 -60.25 20.41
C ALA B 126 -22.10 -61.66 21.01
N ALA B 127 -21.29 -62.53 20.40
CA ALA B 127 -21.23 -63.90 20.91
C ALA B 127 -20.72 -63.95 22.35
N ALA B 128 -19.98 -62.93 22.77
CA ALA B 128 -19.47 -62.85 24.14
C ALA B 128 -20.53 -62.37 25.12
N GLY B 129 -21.71 -62.01 24.62
CA GLY B 129 -22.81 -61.62 25.52
C GLY B 129 -22.98 -60.12 25.68
N VAL B 130 -22.21 -59.34 24.92
CA VAL B 130 -22.39 -57.89 24.85
C VAL B 130 -23.37 -57.53 23.73
N PRO B 131 -24.49 -56.87 24.03
CA PRO B 131 -25.37 -56.59 22.90
C PRO B 131 -24.69 -55.67 21.87
N VAL B 132 -24.81 -56.05 20.59
CA VAL B 132 -24.25 -55.31 19.46
C VAL B 132 -25.32 -54.82 18.48
N VAL B 133 -25.39 -53.50 18.26
CA VAL B 133 -26.16 -53.00 17.10
C VAL B 133 -25.18 -52.30 16.16
N LYS B 134 -24.85 -52.96 15.07
CA LYS B 134 -23.81 -52.48 14.18
C LYS B 134 -24.47 -51.61 13.11
N HIS B 135 -23.91 -50.42 12.89
CA HIS B 135 -24.30 -49.58 11.78
C HIS B 135 -23.35 -49.92 10.66
N GLY B 136 -23.87 -50.01 9.44
CA GLY B 136 -23.02 -50.34 8.31
C GLY B 136 -23.55 -49.95 6.94
N ASN B 137 -22.79 -50.33 5.89
CA ASN B 137 -23.12 -50.03 4.49
C ASN B 137 -22.41 -50.93 3.48
N ARG B 138 -22.85 -50.84 2.22
CA ARG B 138 -22.13 -51.45 1.10
C ARG B 138 -20.80 -50.72 0.96
N ALA B 139 -19.85 -51.29 0.23
CA ALA B 139 -18.56 -50.61 0.07
C ALA B 139 -18.68 -49.26 -0.67
N ALA B 140 -17.72 -48.37 -0.45
CA ALA B 140 -17.66 -47.12 -1.21
C ALA B 140 -16.49 -47.17 -2.20
N SER B 141 -15.28 -47.37 -1.67
CA SER B 141 -14.07 -47.42 -2.50
C SER B 141 -13.27 -48.74 -2.34
N SER B 142 -13.88 -49.72 -1.68
CA SER B 142 -13.35 -51.10 -1.57
C SER B 142 -14.24 -52.10 -2.35
N LEU B 143 -13.85 -53.37 -2.40
CA LEU B 143 -14.69 -54.35 -3.12
C LEU B 143 -15.83 -54.90 -2.25
N SER B 144 -15.58 -55.07 -0.96
CA SER B 144 -16.63 -55.66 -0.14
C SER B 144 -16.79 -55.04 1.25
N GLY B 145 -17.78 -54.16 1.38
CA GLY B 145 -18.06 -53.53 2.67
C GLY B 145 -18.73 -54.54 3.59
N GLY B 146 -18.86 -54.14 4.86
CA GLY B 146 -19.52 -54.95 5.86
C GLY B 146 -20.90 -55.47 5.45
N ALA B 147 -21.75 -54.62 4.88
CA ALA B 147 -23.07 -55.05 4.41
C ALA B 147 -22.99 -56.02 3.20
N ASP B 148 -22.03 -55.78 2.32
CA ASP B 148 -21.74 -56.72 1.21
C ASP B 148 -21.39 -58.09 1.77
N THR B 149 -20.48 -58.13 2.73
CA THR B 149 -20.05 -59.40 3.27
C THR B 149 -21.15 -60.15 4.06
N LEU B 150 -21.98 -59.40 4.81
CA LEU B 150 -23.07 -59.99 5.61
C LEU B 150 -24.11 -60.63 4.69
N GLU B 151 -24.46 -59.88 3.65
CA GLU B 151 -25.36 -60.35 2.60
C GLU B 151 -24.89 -61.67 1.97
N ALA B 152 -23.62 -61.78 1.61
CA ALA B 152 -23.05 -63.02 1.03
C ALA B 152 -23.11 -64.19 2.00
N LEU B 153 -23.02 -63.87 3.30
CA LEU B 153 -23.09 -64.86 4.39
C LEU B 153 -24.52 -65.35 4.65
N GLY B 154 -25.50 -64.62 4.14
CA GLY B 154 -26.90 -65.00 4.32
C GLY B 154 -27.64 -64.18 5.35
N VAL B 155 -26.95 -63.19 5.93
CA VAL B 155 -27.56 -62.30 6.92
C VAL B 155 -28.40 -61.25 6.21
N ARG B 156 -29.59 -60.97 6.76
CA ARG B 156 -30.46 -59.92 6.22
C ARG B 156 -29.85 -58.55 6.47
N ILE B 157 -29.57 -57.82 5.39
CA ILE B 157 -29.10 -56.43 5.51
C ILE B 157 -30.22 -55.46 5.13
N ASP B 158 -31.47 -55.87 5.27
CA ASP B 158 -32.58 -55.12 4.75
C ASP B 158 -33.70 -54.93 5.77
N LEU B 159 -33.41 -55.15 7.03
CA LEU B 159 -34.43 -55.07 8.08
C LEU B 159 -34.68 -53.65 8.52
N GLY B 160 -35.95 -53.34 8.78
CA GLY B 160 -36.35 -52.08 9.36
C GLY B 160 -36.25 -52.12 10.87
N PRO B 161 -36.64 -51.03 11.55
CA PRO B 161 -36.47 -50.85 12.98
C PRO B 161 -37.02 -51.99 13.85
N ASP B 162 -38.29 -52.33 13.65
CA ASP B 162 -38.94 -53.43 14.36
C ASP B 162 -38.12 -54.72 14.28
N LEU B 163 -37.72 -55.10 13.08
CA LEU B 163 -37.03 -56.37 12.86
C LEU B 163 -35.55 -56.37 13.34
N VAL B 164 -34.88 -55.21 13.28
CA VAL B 164 -33.55 -55.08 13.90
C VAL B 164 -33.69 -55.22 15.40
N ALA B 165 -34.70 -54.56 15.98
CA ALA B 165 -35.08 -54.76 17.37
C ALA B 165 -35.32 -56.25 17.69
N ARG B 166 -36.06 -56.95 16.84
CA ARG B 166 -36.27 -58.40 17.02
C ARG B 166 -34.94 -59.17 16.94
N SER B 167 -34.12 -58.81 15.95
CA SER B 167 -32.83 -59.45 15.77
C SER B 167 -31.96 -59.32 17.01
N LEU B 168 -31.85 -58.11 17.55
CA LEU B 168 -30.98 -57.84 18.70
C LEU B 168 -31.44 -58.62 19.95
N ALA B 169 -32.75 -58.64 20.16
CA ALA B 169 -33.38 -59.37 21.24
C ALA B 169 -33.15 -60.89 21.09
N GLU B 170 -33.38 -61.43 19.91
CA GLU B 170 -33.39 -62.88 19.76
C GLU B 170 -32.04 -63.50 19.44
N VAL B 171 -31.17 -62.73 18.78
CA VAL B 171 -29.89 -63.25 18.29
C VAL B 171 -28.73 -62.67 19.06
N GLY B 172 -28.89 -61.43 19.55
CA GLY B 172 -27.90 -60.75 20.38
C GLY B 172 -27.18 -59.65 19.60
N ILE B 173 -27.50 -59.58 18.31
CA ILE B 173 -26.92 -58.63 17.38
C ILE B 173 -28.00 -58.21 16.39
N GLY B 174 -27.97 -56.94 16.05
CA GLY B 174 -28.76 -56.41 14.95
C GLY B 174 -27.87 -55.55 14.07
N PHE B 175 -28.27 -55.41 12.81
CA PHE B 175 -27.50 -54.63 11.83
C PHE B 175 -28.40 -53.55 11.28
N CYS B 176 -28.00 -52.29 11.43
CA CYS B 176 -28.76 -51.19 10.82
C CYS B 176 -28.09 -50.81 9.52
N PHE B 177 -28.74 -51.09 8.40
CA PHE B 177 -28.17 -50.74 7.09
C PHE B 177 -28.35 -49.24 6.86
N ALA B 178 -27.24 -48.51 6.81
CA ALA B 178 -27.31 -47.05 6.80
C ALA B 178 -28.40 -46.46 5.86
N PRO B 179 -28.40 -46.83 4.55
CA PRO B 179 -29.37 -46.19 3.64
C PRO B 179 -30.86 -46.44 4.02
N ARG B 180 -31.12 -47.56 4.67
CA ARG B 180 -32.49 -47.93 5.06
C ARG B 180 -33.01 -47.08 6.24
N PHE B 181 -32.09 -46.64 7.09
CA PHE B 181 -32.44 -45.89 8.27
C PHE B 181 -32.29 -44.37 8.14
N HIS B 182 -31.54 -43.92 7.13
CA HIS B 182 -31.28 -42.49 6.92
C HIS B 182 -31.68 -42.10 5.51
N PRO B 183 -32.95 -42.34 5.11
CA PRO B 183 -33.31 -42.14 3.71
C PRO B 183 -33.18 -40.70 3.25
N SER B 184 -33.33 -39.75 4.16
CA SER B 184 -33.27 -38.31 3.81
C SER B 184 -31.86 -37.84 3.49
N TYR B 185 -30.85 -38.69 3.71
CA TYR B 185 -29.45 -38.30 3.54
C TYR B 185 -28.94 -38.69 2.14
N ARG B 186 -29.84 -39.29 1.38
CA ARG B 186 -29.66 -39.69 -0.01
C ARG B 186 -28.81 -38.69 -0.83
N HIS B 187 -29.20 -37.43 -0.84
CA HIS B 187 -28.49 -36.44 -1.65
C HIS B 187 -27.07 -36.21 -1.15
N ALA B 188 -26.89 -36.10 0.16
CA ALA B 188 -25.57 -35.94 0.75
C ALA B 188 -24.67 -37.13 0.43
N ALA B 189 -25.21 -38.34 0.56
CA ALA B 189 -24.42 -39.54 0.27
C ALA B 189 -24.00 -39.63 -1.19
N ALA B 190 -24.90 -39.25 -2.09
CA ALA B 190 -24.57 -39.21 -3.50
C ALA B 190 -23.41 -38.25 -3.76
N VAL B 191 -23.49 -37.05 -3.20
CA VAL B 191 -22.42 -36.04 -3.39
C VAL B 191 -21.09 -36.56 -2.85
N ARG B 192 -21.14 -37.20 -1.68
CA ARG B 192 -19.94 -37.84 -1.13
C ARG B 192 -19.21 -38.72 -2.18
N ARG B 193 -19.92 -39.65 -2.81
CA ARG B 193 -19.35 -40.57 -3.83
C ARG B 193 -18.76 -39.83 -5.03
N GLU B 194 -19.55 -38.90 -5.57
CA GLU B 194 -19.11 -38.04 -6.66
C GLU B 194 -17.81 -37.32 -6.36
N ILE B 195 -17.71 -36.71 -5.18
CA ILE B 195 -16.52 -35.93 -4.81
C ILE B 195 -15.27 -36.81 -4.97
N GLY B 196 -15.34 -38.03 -4.46
CA GLY B 196 -14.25 -38.98 -4.63
C GLY B 196 -13.01 -38.64 -3.84
N VAL B 197 -13.15 -37.75 -2.85
CA VAL B 197 -12.09 -37.49 -1.86
C VAL B 197 -12.74 -37.35 -0.49
N PRO B 198 -12.01 -37.74 0.57
CA PRO B 198 -12.58 -37.73 1.92
C PRO B 198 -12.88 -36.32 2.43
N THR B 199 -14.07 -36.16 2.99
CA THR B 199 -14.42 -34.91 3.68
C THR B 199 -14.97 -35.22 5.08
N VAL B 200 -15.33 -34.16 5.77
CA VAL B 200 -15.97 -34.26 7.06
C VAL B 200 -17.22 -35.18 7.02
N PHE B 201 -17.85 -35.31 5.84
CA PHE B 201 -19.00 -36.20 5.69
C PHE B 201 -18.65 -37.66 5.94
N ASN B 202 -17.39 -38.03 5.74
CA ASN B 202 -16.97 -39.41 6.00
C ASN B 202 -16.99 -39.76 7.49
N LEU B 203 -17.06 -38.76 8.36
CA LEU B 203 -17.23 -39.00 9.81
C LEU B 203 -18.66 -39.41 10.20
N LEU B 204 -19.61 -39.12 9.32
CA LEU B 204 -21.01 -39.08 9.69
C LEU B 204 -21.72 -40.44 9.84
N GLY B 205 -21.39 -41.41 9.00
CA GLY B 205 -21.90 -42.78 9.20
C GLY B 205 -21.66 -43.30 10.63
N PRO B 206 -20.40 -43.36 11.05
CA PRO B 206 -20.07 -43.92 12.36
C PRO B 206 -20.73 -43.15 13.51
N LEU B 207 -20.99 -41.87 13.31
CA LEU B 207 -21.63 -41.02 14.30
C LEU B 207 -23.15 -41.08 14.32
N THR B 208 -23.79 -41.78 13.39
CA THR B 208 -25.26 -41.72 13.27
C THR B 208 -25.97 -43.08 13.28
N ASN B 209 -25.45 -44.01 14.07
CA ASN B 209 -26.13 -45.28 14.30
C ASN B 209 -27.54 -44.91 14.82
N PRO B 210 -28.60 -45.31 14.08
CA PRO B 210 -29.97 -44.90 14.43
C PRO B 210 -30.46 -45.44 15.77
N ALA B 211 -29.83 -46.53 16.22
CA ALA B 211 -30.20 -47.18 17.46
C ALA B 211 -29.54 -46.47 18.62
N ARG B 212 -28.58 -45.60 18.32
CA ARG B 212 -27.93 -44.75 19.33
C ARG B 212 -27.25 -45.54 20.48
N PRO B 213 -26.46 -46.58 20.18
CA PRO B 213 -25.80 -47.20 21.34
C PRO B 213 -24.81 -46.24 21.99
N ARG B 214 -24.57 -46.45 23.27
CA ARG B 214 -23.75 -45.57 24.10
C ARG B 214 -22.26 -45.97 24.11
N ALA B 215 -21.94 -47.16 23.60
CA ALA B 215 -20.56 -47.61 23.57
C ALA B 215 -20.18 -47.99 22.14
N GLY B 216 -18.89 -47.88 21.83
CA GLY B 216 -18.44 -48.30 20.50
C GLY B 216 -16.93 -48.42 20.36
N LEU B 217 -16.52 -49.26 19.41
CA LEU B 217 -15.18 -49.20 18.83
C LEU B 217 -15.35 -48.60 17.45
N ILE B 218 -14.82 -47.39 17.29
CA ILE B 218 -15.14 -46.56 16.14
C ILE B 218 -13.88 -46.25 15.36
N GLY B 219 -13.78 -46.74 14.13
CA GLY B 219 -12.55 -46.61 13.39
C GLY B 219 -12.54 -45.35 12.57
N CYS B 220 -11.37 -44.71 12.50
CA CYS B 220 -11.24 -43.52 11.70
C CYS B 220 -10.01 -43.58 10.78
N ALA B 221 -10.24 -43.55 9.48
CA ALA B 221 -9.15 -43.67 8.49
C ALA B 221 -8.25 -42.40 8.43
N PHE B 222 -8.79 -41.29 8.91
CA PHE B 222 -8.12 -39.99 8.76
C PHE B 222 -7.65 -39.47 10.08
N ALA B 223 -6.35 -39.61 10.30
CA ALA B 223 -5.66 -39.13 11.48
C ALA B 223 -6.13 -37.73 11.94
N ASP B 224 -6.28 -36.80 10.98
CA ASP B 224 -6.56 -35.39 11.25
C ASP B 224 -7.98 -35.08 11.71
N LEU B 225 -8.88 -36.05 11.53
CA LEU B 225 -10.30 -35.90 11.86
C LEU B 225 -10.73 -36.76 13.05
N ALA B 226 -9.88 -37.69 13.48
CA ALA B 226 -10.27 -38.62 14.55
C ALA B 226 -10.51 -37.93 15.88
N GLU B 227 -9.68 -36.96 16.24
CA GLU B 227 -9.90 -36.26 17.51
C GLU B 227 -11.28 -35.55 17.57
N VAL B 228 -11.71 -35.01 16.44
CA VAL B 228 -12.98 -34.27 16.35
C VAL B 228 -14.14 -35.24 16.44
N MET B 229 -13.95 -36.42 15.85
CA MET B 229 -14.94 -37.47 15.97
C MET B 229 -15.09 -37.91 17.44
N ALA B 230 -13.98 -38.09 18.14
CA ALA B 230 -13.98 -38.38 19.57
C ALA B 230 -14.69 -37.33 20.44
N GLY B 231 -14.47 -36.05 20.12
CA GLY B 231 -15.13 -34.94 20.84
C GLY B 231 -16.65 -34.96 20.72
N VAL B 232 -17.15 -35.41 19.57
CA VAL B 232 -18.60 -35.58 19.33
C VAL B 232 -19.14 -36.70 20.18
N PHE B 233 -18.48 -37.86 20.21
CA PHE B 233 -18.86 -38.89 21.16
C PHE B 233 -18.79 -38.44 22.62
N ALA B 234 -17.76 -37.65 22.95
CA ALA B 234 -17.61 -37.11 24.29
C ALA B 234 -18.80 -36.25 24.72
N ALA B 235 -19.27 -35.41 23.79
CA ALA B 235 -20.40 -34.53 24.06
C ALA B 235 -21.69 -35.32 24.42
N ARG B 236 -21.89 -36.49 23.78
CA ARG B 236 -23.02 -37.35 24.14
C ARG B 236 -22.72 -38.24 25.33
N ARG B 237 -21.56 -38.09 25.94
CA ARG B 237 -21.11 -38.98 27.01
C ARG B 237 -21.22 -40.48 26.66
N SER B 238 -20.83 -40.81 25.42
CA SER B 238 -20.63 -42.19 24.97
C SER B 238 -19.35 -42.78 25.53
N SER B 239 -19.26 -44.11 25.63
CA SER B 239 -18.00 -44.77 26.00
C SER B 239 -17.46 -45.41 24.72
N VAL B 240 -16.46 -44.75 24.15
CA VAL B 240 -16.02 -44.99 22.79
C VAL B 240 -14.47 -45.01 22.77
N LEU B 241 -13.90 -45.93 21.98
CA LEU B 241 -12.51 -45.79 21.58
C LEU B 241 -12.57 -45.43 20.11
N VAL B 242 -12.00 -44.29 19.73
CA VAL B 242 -11.92 -43.94 18.32
C VAL B 242 -10.50 -44.34 17.97
N VAL B 243 -10.36 -45.16 16.95
CA VAL B 243 -9.08 -45.77 16.67
C VAL B 243 -8.60 -45.52 15.25
N HIS B 244 -7.28 -45.37 15.13
CA HIS B 244 -6.65 -45.15 13.86
C HIS B 244 -5.33 -45.90 13.91
N GLY B 245 -5.23 -46.97 13.12
CA GLY B 245 -3.97 -47.76 13.03
C GLY B 245 -2.88 -46.85 12.46
N ASP B 246 -1.65 -46.93 12.98
CA ASP B 246 -0.58 -46.04 12.49
C ASP B 246 -0.06 -46.45 11.11
N ASP B 247 -0.65 -47.52 10.57
CA ASP B 247 -0.44 -47.94 9.19
C ASP B 247 -1.59 -47.42 8.31
N GLY B 248 -2.46 -46.59 8.89
CA GLY B 248 -3.61 -46.06 8.17
C GLY B 248 -4.95 -46.79 8.24
N LEU B 249 -5.01 -47.97 8.85
CA LEU B 249 -6.30 -48.69 8.95
C LEU B 249 -7.28 -47.97 9.84
N ASP B 250 -8.58 -48.02 9.49
CA ASP B 250 -9.61 -47.53 10.39
C ASP B 250 -10.04 -48.62 11.39
N GLU B 251 -9.06 -49.24 12.02
CA GLU B 251 -9.26 -50.37 12.91
C GLU B 251 -8.08 -50.36 13.82
N LEU B 252 -8.14 -51.14 14.90
CA LEU B 252 -6.91 -51.42 15.65
C LEU B 252 -6.13 -52.38 14.76
N THR B 253 -4.91 -52.02 14.41
CA THR B 253 -4.09 -52.81 13.55
C THR B 253 -3.21 -53.77 14.34
N THR B 254 -2.76 -54.82 13.66
CA THR B 254 -1.72 -55.68 14.24
C THR B 254 -0.32 -55.45 13.62
N THR B 255 -0.24 -54.60 12.59
CA THR B 255 1.06 -54.33 11.90
C THR B 255 2.00 -53.38 12.60
N THR B 256 1.44 -52.53 13.47
CA THR B 256 2.22 -51.54 14.21
C THR B 256 1.31 -50.98 15.31
N THR B 257 1.69 -49.86 15.88
CA THR B 257 0.89 -49.21 16.91
C THR B 257 -0.40 -48.66 16.29
N SER B 258 -1.38 -48.38 17.14
CA SER B 258 -2.60 -47.66 16.78
C SER B 258 -2.75 -46.46 17.69
N THR B 259 -3.24 -45.35 17.13
CA THR B 259 -3.62 -44.22 17.96
C THR B 259 -5.08 -44.34 18.41
N ILE B 260 -5.30 -44.20 19.71
CA ILE B 260 -6.63 -44.32 20.28
C ILE B 260 -7.03 -43.02 20.96
N TRP B 261 -8.20 -42.51 20.61
CA TRP B 261 -8.82 -41.43 21.39
C TRP B 261 -9.84 -42.07 22.33
N ARG B 262 -9.51 -42.14 23.60
CA ARG B 262 -10.35 -42.83 24.56
C ARG B 262 -11.39 -41.81 25.04
N VAL B 263 -12.66 -42.13 24.85
CA VAL B 263 -13.75 -41.25 25.28
C VAL B 263 -14.48 -41.86 26.46
N ALA B 264 -14.41 -41.20 27.61
CA ALA B 264 -15.11 -41.66 28.81
C ALA B 264 -15.40 -40.47 29.76
N ALA B 265 -16.54 -40.50 30.45
CA ALA B 265 -16.97 -39.38 31.32
C ALA B 265 -16.90 -37.99 30.66
N GLY B 266 -17.23 -37.89 29.38
CA GLY B 266 -17.28 -36.60 28.68
C GLY B 266 -15.95 -35.99 28.26
N SER B 267 -14.85 -36.73 28.41
CA SER B 267 -13.58 -36.22 27.91
C SER B 267 -12.80 -37.24 27.11
N VAL B 268 -11.84 -36.72 26.34
CA VAL B 268 -11.09 -37.49 25.42
C VAL B 268 -9.65 -37.49 25.91
N ASP B 269 -9.01 -38.63 25.86
CA ASP B 269 -7.59 -38.57 26.05
C ASP B 269 -6.90 -39.42 24.98
N LYS B 270 -5.78 -38.91 24.48
CA LYS B 270 -5.15 -39.50 23.31
C LYS B 270 -4.09 -40.48 23.75
N LEU B 271 -4.20 -41.73 23.28
CA LEU B 271 -3.24 -42.78 23.63
C LEU B 271 -2.68 -43.43 22.40
N THR B 272 -1.48 -43.99 22.50
CA THR B 272 -0.95 -44.88 21.48
C THR B 272 -1.03 -46.26 22.09
N PHE B 273 -1.45 -47.21 21.28
CA PHE B 273 -1.68 -48.57 21.76
C PHE B 273 -0.75 -49.53 21.04
N ASP B 274 -0.03 -50.37 21.80
CA ASP B 274 0.82 -51.41 21.18
C ASP B 274 0.40 -52.84 21.54
N PRO B 275 -0.05 -53.58 20.52
CA PRO B 275 -0.56 -54.91 20.83
C PRO B 275 0.54 -55.90 21.23
N ALA B 276 1.81 -55.58 20.92
CA ALA B 276 2.94 -56.37 21.40
C ALA B 276 2.87 -56.45 22.91
N GLY B 277 2.28 -55.43 23.54
CA GLY B 277 2.13 -55.44 24.98
C GLY B 277 1.20 -56.56 25.43
N PHE B 278 0.43 -57.10 24.49
CA PHE B 278 -0.51 -58.17 24.80
C PHE B 278 -0.11 -59.48 24.13
N GLY B 279 1.16 -59.57 23.76
CA GLY B 279 1.69 -60.78 23.13
C GLY B 279 1.36 -60.98 21.66
N PHE B 280 0.87 -59.94 20.98
CA PHE B 280 0.54 -60.05 19.57
C PHE B 280 1.77 -59.88 18.67
N ALA B 281 1.93 -60.78 17.71
CA ALA B 281 3.08 -60.73 16.84
C ALA B 281 2.80 -59.71 15.76
N ARG B 282 3.84 -59.05 15.26
CA ARG B 282 3.66 -58.10 14.17
C ARG B 282 3.19 -58.81 12.91
N ALA B 283 2.08 -58.33 12.36
CA ALA B 283 1.60 -58.83 11.08
C ALA B 283 2.01 -57.87 9.97
N GLN B 284 1.90 -58.35 8.73
CA GLN B 284 2.07 -57.51 7.55
C GLN B 284 0.71 -57.19 7.01
N LEU B 285 0.60 -56.02 6.41
CA LEU B 285 -0.68 -55.49 5.95
C LEU B 285 -1.34 -56.44 4.95
N ASP B 286 -0.54 -57.00 4.03
CA ASP B 286 -1.08 -57.92 3.02
C ASP B 286 -1.63 -59.22 3.61
N GLN B 287 -1.25 -59.55 4.84
CA GLN B 287 -1.82 -60.72 5.51
C GLN B 287 -3.31 -60.50 5.86
N LEU B 288 -3.73 -59.23 5.88
CA LEU B 288 -5.10 -58.88 6.26
C LEU B 288 -5.93 -58.51 5.04
N ALA B 289 -5.31 -58.66 3.86
CA ALA B 289 -5.93 -58.27 2.58
C ALA B 289 -7.23 -59.01 2.35
N GLY B 290 -8.23 -58.29 1.84
CA GLY B 290 -9.55 -58.87 1.54
C GLY B 290 -9.75 -59.02 0.04
N GLY B 291 -10.97 -59.42 -0.34
CA GLY B 291 -11.32 -59.59 -1.77
C GLY B 291 -12.76 -59.19 -2.03
N ASP B 292 -13.44 -59.93 -2.91
CA ASP B 292 -14.87 -59.70 -3.16
C ASP B 292 -15.75 -60.25 -2.05
N ALA B 293 -17.06 -60.00 -2.16
CA ALA B 293 -18.01 -60.44 -1.16
C ALA B 293 -17.82 -61.91 -0.77
N GLN B 294 -17.60 -62.78 -1.77
CA GLN B 294 -17.44 -64.23 -1.52
C GLN B 294 -16.16 -64.54 -0.80
N ALA B 295 -15.05 -63.95 -1.25
CA ALA B 295 -13.76 -64.09 -0.58
C ALA B 295 -13.85 -63.64 0.87
N ASN B 296 -14.46 -62.46 1.10
CA ASN B 296 -14.53 -61.88 2.45
C ASN B 296 -15.45 -62.69 3.39
N ALA B 297 -16.59 -63.13 2.86
CA ALA B 297 -17.46 -64.11 3.52
C ALA B 297 -16.69 -65.37 3.96
N ALA B 298 -15.88 -65.94 3.06
CA ALA B 298 -15.11 -67.15 3.36
C ALA B 298 -14.12 -66.87 4.49
N ALA B 299 -13.57 -65.65 4.48
CA ALA B 299 -12.67 -65.21 5.53
C ALA B 299 -13.40 -65.18 6.87
N VAL B 300 -14.70 -64.83 6.87
CA VAL B 300 -15.45 -64.74 8.13
C VAL B 300 -15.60 -66.16 8.70
N ARG B 301 -16.02 -67.07 7.83
CA ARG B 301 -16.20 -68.47 8.20
C ARG B 301 -14.90 -69.13 8.69
N ALA B 302 -13.79 -68.82 8.04
CA ALA B 302 -12.48 -69.34 8.46
C ALA B 302 -12.14 -68.95 9.91
N VAL B 303 -12.33 -67.66 10.24
CA VAL B 303 -12.00 -67.17 11.58
C VAL B 303 -12.94 -67.72 12.63
N LEU B 304 -14.23 -67.70 12.32
CA LEU B 304 -15.28 -68.18 13.19
C LEU B 304 -15.19 -69.70 13.40
N GLY B 305 -14.52 -70.38 12.45
CA GLY B 305 -14.30 -71.81 12.49
C GLY B 305 -13.06 -72.19 13.25
N GLY B 306 -12.32 -71.19 13.70
CA GLY B 306 -11.13 -71.44 14.51
C GLY B 306 -9.79 -71.32 13.83
N ALA B 307 -9.77 -70.99 12.54
CA ALA B 307 -8.50 -70.79 11.80
C ALA B 307 -7.58 -69.81 12.55
N ARG B 308 -6.32 -70.21 12.73
CA ARG B 308 -5.40 -69.33 13.41
C ARG B 308 -4.55 -68.53 12.45
N GLY B 309 -4.02 -67.41 12.95
CA GLY B 309 -3.17 -66.55 12.14
C GLY B 309 -3.52 -65.08 12.23
N PRO B 310 -2.88 -64.27 11.38
CA PRO B 310 -3.02 -62.84 11.34
C PRO B 310 -4.47 -62.34 11.42
N VAL B 311 -5.35 -62.89 10.60
CA VAL B 311 -6.76 -62.44 10.58
C VAL B 311 -7.47 -62.63 11.93
N ARG B 312 -7.36 -63.83 12.51
CA ARG B 312 -7.94 -64.10 13.83
C ARG B 312 -7.39 -63.10 14.80
N ASP B 313 -6.07 -62.93 14.79
CA ASP B 313 -5.41 -61.99 15.69
C ASP B 313 -6.07 -60.59 15.66
N ALA B 314 -6.29 -60.05 14.48
CA ALA B 314 -6.82 -58.69 14.35
C ALA B 314 -8.28 -58.64 14.79
N VAL B 315 -9.02 -59.71 14.52
CA VAL B 315 -10.40 -59.79 14.97
C VAL B 315 -10.50 -59.77 16.49
N VAL B 316 -9.71 -60.63 17.14
CA VAL B 316 -9.71 -60.77 18.60
C VAL B 316 -9.36 -59.45 19.26
N LEU B 317 -8.31 -58.82 18.77
CA LEU B 317 -7.89 -57.53 19.26
C LEU B 317 -8.99 -56.47 19.11
N ASN B 318 -9.61 -56.39 17.93
CA ASN B 318 -10.73 -55.46 17.74
C ASN B 318 -11.97 -55.81 18.54
N ALA B 319 -12.31 -57.09 18.63
CA ALA B 319 -13.38 -57.52 19.53
C ALA B 319 -13.06 -57.07 20.96
N ALA B 320 -11.83 -57.29 21.44
CA ALA B 320 -11.44 -56.87 22.77
C ALA B 320 -11.62 -55.37 22.98
N GLY B 321 -11.31 -54.58 21.94
CA GLY B 321 -11.44 -53.11 21.99
C GLY B 321 -12.89 -52.69 22.16
N ALA B 322 -13.78 -53.30 21.38
CA ALA B 322 -15.23 -53.08 21.58
C ALA B 322 -15.64 -53.46 23.01
N ILE B 323 -15.09 -54.55 23.53
CA ILE B 323 -15.40 -54.96 24.90
C ILE B 323 -14.85 -53.99 25.95
N VAL B 324 -13.63 -53.49 25.73
CA VAL B 324 -13.09 -52.43 26.59
C VAL B 324 -13.99 -51.16 26.59
N ALA B 325 -14.41 -50.72 25.41
CA ALA B 325 -15.39 -49.62 25.29
C ALA B 325 -16.67 -49.91 26.12
N HIS B 326 -17.14 -51.17 26.03
CA HIS B 326 -18.32 -51.62 26.79
C HIS B 326 -18.09 -51.45 28.29
N ALA B 327 -16.96 -51.95 28.78
CA ALA B 327 -16.55 -51.84 30.20
C ALA B 327 -16.49 -50.37 30.64
N GLY B 328 -16.12 -49.49 29.72
CA GLY B 328 -15.98 -48.06 30.03
C GLY B 328 -17.28 -47.38 30.42
N LEU B 329 -18.42 -48.00 30.09
CA LEU B 329 -19.73 -47.50 30.52
C LEU B 329 -19.83 -47.44 32.04
N SER B 330 -19.13 -48.35 32.71
CA SER B 330 -18.86 -48.23 34.15
C SER B 330 -17.62 -47.39 34.40
N SER B 331 -17.74 -46.40 35.26
CA SER B 331 -16.61 -45.51 35.56
C SER B 331 -15.55 -46.17 36.47
N ARG B 332 -15.81 -47.40 36.89
CA ARG B 332 -14.85 -48.20 37.66
C ARG B 332 -13.79 -48.98 36.82
N ALA B 333 -14.01 -49.03 35.51
CA ALA B 333 -13.15 -49.76 34.55
C ALA B 333 -11.68 -49.34 34.53
N GLU B 334 -10.79 -50.30 34.80
CA GLU B 334 -9.32 -50.08 34.73
C GLU B 334 -8.75 -50.62 33.40
N TRP B 335 -7.94 -49.79 32.73
CA TRP B 335 -7.46 -50.00 31.35
C TRP B 335 -6.83 -51.37 31.08
N LEU B 336 -5.82 -51.76 31.86
CA LEU B 336 -5.12 -53.03 31.60
C LEU B 336 -5.97 -54.27 31.95
N PRO B 337 -6.61 -54.30 33.13
CA PRO B 337 -7.58 -55.39 33.39
C PRO B 337 -8.65 -55.53 32.28
N ALA B 338 -9.09 -54.40 31.71
CA ALA B 338 -10.17 -54.41 30.74
C ALA B 338 -9.74 -55.04 29.43
N TRP B 339 -8.55 -54.71 28.96
CA TRP B 339 -7.99 -55.32 27.75
C TRP B 339 -7.72 -56.79 27.96
N GLU B 340 -7.15 -57.13 29.10
CA GLU B 340 -6.91 -58.55 29.39
C GLU B 340 -8.23 -59.35 29.46
N GLU B 341 -9.25 -58.80 30.11
CA GLU B 341 -10.59 -59.41 30.10
C GLU B 341 -11.26 -59.39 28.71
N GLY B 342 -11.11 -58.29 27.97
CA GLY B 342 -11.56 -58.23 26.56
C GLY B 342 -10.95 -59.32 25.67
N LEU B 343 -9.66 -59.52 25.79
CA LEU B 343 -8.99 -60.51 24.95
C LEU B 343 -9.45 -61.95 25.31
N ARG B 344 -9.48 -62.23 26.61
CA ARG B 344 -10.01 -63.47 27.09
C ARG B 344 -11.40 -63.78 26.49
N ARG B 345 -12.33 -62.83 26.60
CA ARG B 345 -13.72 -63.05 26.23
C ARG B 345 -13.82 -63.22 24.74
N ALA B 346 -13.03 -62.44 23.99
CA ALA B 346 -13.04 -62.51 22.52
C ALA B 346 -12.51 -63.86 22.05
N SER B 347 -11.37 -64.27 22.60
CA SER B 347 -10.80 -65.56 22.22
C SER B 347 -11.76 -66.73 22.58
N ALA B 348 -12.34 -66.69 23.78
CA ALA B 348 -13.26 -67.71 24.23
C ALA B 348 -14.52 -67.81 23.38
N ALA B 349 -15.05 -66.67 22.92
CA ALA B 349 -16.28 -66.67 22.13
C ALA B 349 -16.08 -67.37 20.77
N ILE B 350 -14.88 -67.27 20.22
CA ILE B 350 -14.53 -68.02 19.02
C ILE B 350 -14.26 -69.48 19.36
N ASP B 351 -13.42 -69.71 20.36
CA ASP B 351 -12.94 -71.06 20.71
C ASP B 351 -14.04 -72.01 21.16
N THR B 352 -15.01 -71.50 21.90
CA THR B 352 -16.16 -72.31 22.31
C THR B 352 -17.11 -72.63 21.16
N GLY B 353 -16.92 -71.96 20.02
CA GLY B 353 -17.87 -72.06 18.91
C GLY B 353 -19.07 -71.12 18.98
N ALA B 354 -19.14 -70.33 20.05
CA ALA B 354 -20.30 -69.47 20.28
C ALA B 354 -20.48 -68.47 19.15
N ALA B 355 -19.36 -67.97 18.61
CA ALA B 355 -19.42 -66.98 17.54
C ALA B 355 -19.94 -67.56 16.21
N GLU B 356 -19.42 -68.72 15.88
CA GLU B 356 -19.86 -69.47 14.71
C GLU B 356 -21.34 -69.77 14.79
N GLN B 357 -21.78 -70.24 15.95
CA GLN B 357 -23.16 -70.60 16.17
C GLN B 357 -24.02 -69.34 16.14
N LEU B 358 -23.51 -68.22 16.63
CA LEU B 358 -24.29 -66.97 16.59
C LEU B 358 -24.55 -66.52 15.15
N LEU B 359 -23.53 -66.59 14.29
CA LEU B 359 -23.72 -66.28 12.87
C LEU B 359 -24.79 -67.18 12.25
N ALA B 360 -24.66 -68.50 12.48
CA ALA B 360 -25.69 -69.45 12.02
C ALA B 360 -27.09 -69.08 12.52
N ARG B 361 -27.25 -68.78 13.80
CA ARG B 361 -28.55 -68.39 14.35
C ARG B 361 -29.06 -67.10 13.71
N TRP B 362 -28.12 -66.19 13.43
CA TRP B 362 -28.46 -64.91 12.83
C TRP B 362 -29.01 -65.11 11.40
N VAL B 363 -28.41 -66.04 10.65
CA VAL B 363 -28.85 -66.36 9.29
C VAL B 363 -30.26 -66.98 9.39
N ARG B 364 -30.41 -67.99 10.25
CA ARG B 364 -31.70 -68.62 10.47
C ARG B 364 -32.78 -67.62 10.86
N PHE B 365 -32.49 -66.76 11.85
CA PHE B 365 -33.45 -65.74 12.29
C PHE B 365 -34.10 -65.02 11.11
N GLY B 366 -33.27 -64.64 10.13
CA GLY B 366 -33.69 -63.82 9.00
C GLY B 366 -34.46 -64.58 7.95
N ARG B 367 -34.06 -65.84 7.73
CA ARG B 367 -34.76 -66.72 6.81
C ARG B 367 -36.11 -67.15 7.41
N GLN B 368 -36.22 -67.13 8.74
CA GLN B 368 -37.48 -67.37 9.43
C GLN B 368 -38.32 -66.09 9.52
N ILE B 369 -37.98 -65.12 8.68
CA ILE B 369 -38.70 -63.83 8.59
C ILE B 369 -38.97 -63.21 9.96
N PRO C 24 24.55 17.10 -12.85
CA PRO C 24 24.26 17.29 -11.42
C PRO C 24 22.83 16.87 -11.10
N SER C 25 22.40 17.12 -9.86
CA SER C 25 21.04 16.80 -9.40
C SER C 25 20.57 17.80 -8.34
N TRP C 26 19.26 17.85 -8.14
CA TRP C 26 18.68 18.66 -7.05
C TRP C 26 19.19 18.23 -5.67
N PRO C 27 19.11 16.91 -5.34
CA PRO C 27 19.62 16.51 -4.03
C PRO C 27 21.07 16.95 -3.85
N GLN C 28 21.87 16.91 -4.90
CA GLN C 28 23.27 17.32 -4.79
C GLN C 28 23.45 18.84 -4.57
N ILE C 29 22.76 19.61 -5.39
CA ILE C 29 22.82 21.08 -5.33
C ILE C 29 22.23 21.65 -4.01
N LEU C 30 21.01 21.24 -3.67
CA LEU C 30 20.35 21.67 -2.41
C LEU C 30 21.10 21.26 -1.16
N GLY C 31 21.66 20.03 -1.16
CA GLY C 31 22.45 19.55 -0.03
C GLY C 31 23.70 20.40 0.15
N ARG C 32 24.33 20.76 -0.96
CA ARG C 32 25.52 21.61 -0.91
C ARG C 32 25.20 23.00 -0.33
N LEU C 33 24.05 23.57 -0.71
CA LEU C 33 23.65 24.90 -0.25
C LEU C 33 23.26 24.90 1.24
N THR C 34 22.53 23.88 1.67
CA THR C 34 22.16 23.75 3.09
C THR C 34 23.34 23.43 4.02
N ASP C 35 24.41 22.84 3.49
CA ASP C 35 25.64 22.63 4.28
C ASP C 35 26.52 23.89 4.22
N ASN C 36 25.93 24.95 3.68
CA ASN C 36 26.55 26.27 3.60
C ASN C 36 27.78 26.39 2.70
N ARG C 37 27.74 25.74 1.54
CA ARG C 37 28.89 25.77 0.63
C ARG C 37 28.55 26.39 -0.71
N ASP C 38 29.52 27.11 -1.26
CA ASP C 38 29.38 27.64 -2.60
C ASP C 38 29.21 26.51 -3.60
N LEU C 39 28.49 26.79 -4.70
CA LEU C 39 28.28 25.73 -5.68
C LEU C 39 29.52 25.53 -6.56
N ALA C 40 29.70 24.32 -7.08
CA ALA C 40 30.66 24.06 -8.15
C ALA C 40 30.31 24.84 -9.41
N ARG C 41 31.35 25.13 -10.21
CA ARG C 41 31.21 25.76 -11.51
C ARG C 41 30.12 25.05 -12.32
N GLY C 42 29.14 25.82 -12.78
CA GLY C 42 28.10 25.25 -13.63
C GLY C 42 26.89 24.65 -12.93
N GLN C 43 26.92 24.51 -11.61
CA GLN C 43 25.72 24.00 -10.86
C GLN C 43 24.57 25.01 -10.80
N ALA C 44 24.88 26.28 -10.57
CA ALA C 44 23.83 27.32 -10.58
C ALA C 44 23.20 27.38 -11.97
N ALA C 45 24.04 27.31 -13.00
CA ALA C 45 23.54 27.32 -14.39
C ALA C 45 22.60 26.13 -14.60
N TRP C 46 23.04 24.94 -14.23
CA TRP C 46 22.20 23.74 -14.28
C TRP C 46 20.82 23.94 -13.61
N ALA C 47 20.84 24.42 -12.37
CA ALA C 47 19.61 24.59 -11.60
C ALA C 47 18.67 25.56 -12.31
N MET C 48 19.22 26.67 -12.77
CA MET C 48 18.42 27.71 -13.40
C MET C 48 17.90 27.25 -14.75
N ASP C 49 18.68 26.42 -15.43
CA ASP C 49 18.22 25.91 -16.72
C ASP C 49 17.06 24.92 -16.52
N GLN C 50 17.15 24.09 -15.48
CA GLN C 50 15.99 23.28 -15.06
C GLN C 50 14.77 24.14 -14.79
N ILE C 51 14.94 25.18 -13.98
CA ILE C 51 13.84 26.10 -13.67
C ILE C 51 13.27 26.71 -14.95
N MET C 52 14.16 27.11 -15.89
CA MET C 52 13.74 27.81 -17.13
C MET C 52 13.08 26.92 -18.21
N THR C 53 13.22 25.60 -18.11
CA THR C 53 12.68 24.67 -19.11
C THR C 53 11.43 23.93 -18.65
N GLY C 54 10.83 24.40 -17.56
CA GLY C 54 9.63 23.78 -16.98
C GLY C 54 9.90 22.49 -16.24
N ASN C 55 11.18 22.14 -16.07
CA ASN C 55 11.61 20.87 -15.47
C ASN C 55 11.78 20.83 -13.95
N ALA C 56 11.57 21.95 -13.27
CA ALA C 56 11.74 22.01 -11.83
C ALA C 56 10.38 22.06 -11.16
N ARG C 57 10.13 21.18 -10.19
CA ARG C 57 8.88 21.29 -9.41
C ARG C 57 8.89 22.59 -8.58
N PRO C 58 7.71 23.17 -8.31
CA PRO C 58 7.68 24.38 -7.50
C PRO C 58 8.47 24.24 -6.18
N ALA C 59 8.35 23.09 -5.52
CA ALA C 59 9.08 22.90 -4.28
C ALA C 59 10.60 22.99 -4.49
N GLN C 60 11.09 22.48 -5.62
CA GLN C 60 12.53 22.51 -5.88
C GLN C 60 12.99 23.95 -6.21
N ILE C 61 12.22 24.67 -7.01
CA ILE C 61 12.47 26.11 -7.25
C ILE C 61 12.58 26.86 -5.91
N ALA C 62 11.55 26.71 -5.08
CA ALA C 62 11.50 27.42 -3.81
C ALA C 62 12.67 27.00 -2.94
N ALA C 63 12.95 25.69 -2.86
CA ALA C 63 14.08 25.23 -2.09
C ALA C 63 15.38 25.89 -2.54
N PHE C 64 15.60 25.96 -3.86
CA PHE C 64 16.87 26.49 -4.38
C PHE C 64 16.97 28.00 -4.08
N ALA C 65 15.87 28.70 -4.34
CA ALA C 65 15.81 30.14 -4.14
C ALA C 65 16.16 30.51 -2.71
N VAL C 66 15.55 29.82 -1.74
CA VAL C 66 15.78 30.14 -0.32
C VAL C 66 17.20 29.77 0.11
N ALA C 67 17.61 28.56 -0.24
CA ALA C 67 18.93 28.06 0.19
C ALA C 67 20.08 28.91 -0.38
N MET C 68 19.99 29.28 -1.65
CA MET C 68 20.96 30.18 -2.28
C MET C 68 21.03 31.51 -1.54
N THR C 69 19.87 32.02 -1.12
CA THR C 69 19.76 33.29 -0.40
C THR C 69 20.40 33.20 1.00
N MET C 70 20.15 32.11 1.71
CA MET C 70 20.65 31.99 3.08
C MET C 70 22.12 31.55 3.13
N LYS C 71 22.59 30.93 2.07
CA LYS C 71 23.98 30.59 2.03
C LYS C 71 24.81 31.84 1.80
N ALA C 72 24.28 32.74 1.02
CA ALA C 72 24.89 33.99 0.56
C ALA C 72 25.48 33.72 -0.82
N PRO C 73 24.79 34.17 -1.87
CA PRO C 73 25.25 33.90 -3.23
C PRO C 73 26.51 34.67 -3.64
N THR C 74 27.36 34.07 -4.47
CA THR C 74 28.61 34.70 -4.92
C THR C 74 28.34 35.34 -6.27
N ALA C 75 29.24 36.21 -6.72
CA ALA C 75 29.15 36.79 -8.05
C ALA C 75 29.18 35.73 -9.17
N ASP C 76 29.99 34.68 -8.99
CA ASP C 76 30.01 33.56 -9.96
C ASP C 76 28.62 32.92 -10.12
N GLU C 77 28.04 32.51 -9.00
CA GLU C 77 26.71 31.90 -8.96
C GLU C 77 25.59 32.77 -9.56
N VAL C 78 25.52 34.03 -9.14
CA VAL C 78 24.53 34.96 -9.69
C VAL C 78 24.76 35.21 -11.20
N GLY C 79 26.01 35.24 -11.66
CA GLY C 79 26.33 35.36 -13.10
C GLY C 79 25.84 34.17 -13.88
N GLU C 80 26.01 32.98 -13.33
CA GLU C 80 25.45 31.76 -13.93
C GLU C 80 23.93 31.85 -14.07
N LEU C 81 23.26 32.26 -13.00
CA LEU C 81 21.80 32.38 -13.04
C LEU C 81 21.35 33.37 -14.12
N ALA C 82 21.96 34.55 -14.13
CA ALA C 82 21.59 35.62 -15.05
C ALA C 82 21.88 35.17 -16.51
N GLY C 83 23.03 34.52 -16.69
CA GLY C 83 23.39 33.97 -17.98
C GLY C 83 22.35 33.06 -18.58
N VAL C 84 21.88 32.10 -17.80
CA VAL C 84 20.84 31.16 -18.29
C VAL C 84 19.62 31.91 -18.71
N MET C 85 19.16 32.85 -17.87
CA MET C 85 18.04 33.70 -18.27
C MET C 85 18.24 34.37 -19.62
N LEU C 86 19.42 34.96 -19.82
CA LEU C 86 19.71 35.66 -21.06
C LEU C 86 19.81 34.70 -22.26
N SER C 87 20.22 33.45 -22.03
CA SER C 87 20.22 32.40 -23.06
C SER C 87 18.83 32.13 -23.58
N HIS C 88 17.85 32.22 -22.68
CA HIS C 88 16.48 31.88 -23.01
C HIS C 88 15.64 33.09 -23.41
N ALA C 89 16.17 34.29 -23.18
CA ALA C 89 15.44 35.52 -23.41
C ALA C 89 15.22 35.77 -24.90
N HIS C 90 14.11 36.40 -25.25
CA HIS C 90 13.92 36.90 -26.62
C HIS C 90 14.84 38.10 -26.82
N PRO C 91 15.86 37.98 -27.69
CA PRO C 91 16.73 39.13 -27.97
C PRO C 91 16.07 40.22 -28.83
N LEU C 92 16.72 41.38 -28.83
CA LEU C 92 16.47 42.39 -29.85
C LEU C 92 17.18 41.95 -31.15
N PRO C 93 16.67 42.39 -32.33
CA PRO C 93 17.31 42.05 -33.60
C PRO C 93 18.79 42.46 -33.59
N ALA C 94 19.60 41.84 -34.46
CA ALA C 94 21.02 42.19 -34.50
C ALA C 94 21.22 43.64 -35.01
N ASP C 95 22.25 44.32 -34.49
CA ASP C 95 22.61 45.71 -34.90
C ASP C 95 21.51 46.72 -34.61
N THR C 96 20.85 46.49 -33.48
CA THR C 96 19.63 47.18 -33.13
C THR C 96 19.91 48.01 -31.89
N VAL C 97 20.78 47.49 -31.04
CA VAL C 97 21.11 48.11 -29.77
C VAL C 97 22.49 48.75 -29.94
N PRO C 98 22.56 50.10 -29.86
CA PRO C 98 23.86 50.80 -29.91
C PRO C 98 24.84 50.34 -28.80
N ASP C 99 26.12 50.23 -29.14
CA ASP C 99 27.19 49.84 -28.20
C ASP C 99 27.14 50.55 -26.86
N ASP C 100 26.56 51.74 -26.81
CA ASP C 100 26.64 52.56 -25.60
C ASP C 100 25.29 52.76 -24.89
N ALA C 101 24.32 51.90 -25.23
CA ALA C 101 23.01 51.90 -24.57
C ALA C 101 23.19 51.69 -23.05
N VAL C 102 22.36 52.38 -22.26
CA VAL C 102 22.39 52.21 -20.81
C VAL C 102 21.05 51.74 -20.27
N ASP C 103 21.09 51.21 -19.06
CA ASP C 103 19.90 50.84 -18.32
C ASP C 103 19.88 51.75 -17.11
N VAL C 104 18.69 52.02 -16.59
CA VAL C 104 18.52 52.72 -15.32
C VAL C 104 17.46 51.96 -14.54
N VAL C 105 17.87 51.22 -13.52
CA VAL C 105 17.00 50.22 -12.90
C VAL C 105 17.46 49.78 -11.50
N GLY C 106 16.51 49.24 -10.74
CA GLY C 106 16.74 48.82 -9.37
C GLY C 106 16.16 47.44 -9.11
N THR C 107 16.70 46.80 -8.07
CA THR C 107 16.19 45.49 -7.65
C THR C 107 14.75 45.62 -7.17
N GLY C 108 14.45 46.76 -6.56
CA GLY C 108 13.17 46.95 -5.89
C GLY C 108 13.30 46.38 -4.49
N GLY C 109 12.17 45.92 -3.94
CA GLY C 109 12.11 45.40 -2.56
C GLY C 109 12.36 46.45 -1.49
N ASP C 110 12.14 47.71 -1.85
CA ASP C 110 12.49 48.85 -1.00
C ASP C 110 11.57 48.96 0.23
N GLY C 111 10.30 48.58 0.05
CA GLY C 111 9.28 48.74 1.08
C GLY C 111 8.83 50.19 1.17
N VAL C 112 9.80 51.09 0.92
CA VAL C 112 9.58 52.54 0.91
C VAL C 112 8.93 52.93 -0.43
N ASN C 113 7.59 53.02 -0.43
CA ASN C 113 6.80 53.38 -1.62
C ASN C 113 7.03 54.82 -2.11
N THR C 114 7.96 54.97 -3.06
CA THR C 114 8.33 56.28 -3.60
C THR C 114 7.93 56.45 -5.07
N VAL C 115 8.10 57.67 -5.58
CA VAL C 115 8.00 57.95 -7.01
C VAL C 115 9.11 57.22 -7.76
N ASN C 116 8.77 56.73 -8.95
CA ASN C 116 9.69 55.96 -9.77
C ASN C 116 10.84 56.82 -10.28
N LEU C 117 11.82 57.06 -9.41
CA LEU C 117 13.00 57.87 -9.71
C LEU C 117 13.77 57.35 -10.90
N SER C 118 13.82 56.02 -11.03
CA SER C 118 14.50 55.36 -12.16
C SER C 118 13.86 55.73 -13.47
N THR C 119 12.54 55.59 -13.51
CA THR C 119 11.76 55.85 -14.71
C THR C 119 11.91 57.32 -15.15
N MET C 120 11.90 58.23 -14.18
CA MET C 120 12.13 59.63 -14.47
C MET C 120 13.57 59.92 -14.92
N ALA C 121 14.55 59.43 -14.16
CA ALA C 121 15.97 59.58 -14.49
C ALA C 121 16.22 59.02 -15.89
N ALA C 122 15.63 57.87 -16.18
CA ALA C 122 15.75 57.25 -17.51
C ALA C 122 15.25 58.14 -18.68
N ILE C 123 14.11 58.80 -18.47
CA ILE C 123 13.57 59.70 -19.51
C ILE C 123 14.54 60.85 -19.78
N VAL C 124 15.11 61.41 -18.72
CA VAL C 124 16.06 62.52 -18.79
C VAL C 124 17.34 62.08 -19.50
N VAL C 125 17.88 60.94 -19.09
CA VAL C 125 19.07 60.35 -19.74
C VAL C 125 18.90 60.21 -21.25
N ALA C 126 17.78 59.62 -21.68
CA ALA C 126 17.45 59.49 -23.11
C ALA C 126 17.34 60.83 -23.84
N ALA C 127 16.75 61.81 -23.17
CA ALA C 127 16.53 63.13 -23.76
C ALA C 127 17.87 63.85 -23.91
N ALA C 128 18.84 63.50 -23.07
CA ALA C 128 20.20 64.02 -23.16
C ALA C 128 21.03 63.41 -24.28
N GLY C 129 20.46 62.42 -24.97
CA GLY C 129 21.09 61.84 -26.14
C GLY C 129 21.76 60.49 -25.87
N VAL C 130 21.60 59.93 -24.68
CA VAL C 130 22.16 58.63 -24.36
C VAL C 130 21.06 57.58 -24.55
N PRO C 131 21.28 56.59 -25.45
CA PRO C 131 20.21 55.62 -25.70
C PRO C 131 19.91 54.82 -24.44
N VAL C 132 18.62 54.66 -24.10
CA VAL C 132 18.25 53.93 -22.88
C VAL C 132 17.39 52.74 -23.25
N VAL C 133 17.80 51.56 -22.81
CA VAL C 133 16.92 50.41 -23.00
C VAL C 133 16.64 49.82 -21.64
N LYS C 134 15.38 49.96 -21.23
CA LYS C 134 14.98 49.63 -19.89
C LYS C 134 14.20 48.32 -19.86
N HIS C 135 13.88 47.84 -18.67
CA HIS C 135 13.52 46.46 -18.44
C HIS C 135 12.76 46.33 -17.12
N GLY C 136 11.58 45.71 -17.15
CA GLY C 136 10.80 45.61 -15.91
C GLY C 136 9.47 44.90 -15.97
N ASN C 137 8.89 44.64 -14.79
CA ASN C 137 7.56 44.06 -14.67
C ASN C 137 6.70 45.10 -13.94
N ARG C 138 5.40 44.86 -13.91
CA ARG C 138 4.52 45.62 -13.03
C ARG C 138 4.90 45.33 -11.57
N ALA C 139 4.70 46.30 -10.68
CA ALA C 139 5.01 46.15 -9.25
C ALA C 139 4.32 44.94 -8.63
N ALA C 140 5.03 44.27 -7.72
CA ALA C 140 4.41 43.29 -6.81
C ALA C 140 3.30 44.00 -6.01
N SER C 141 3.65 45.19 -5.50
CA SER C 141 2.76 46.02 -4.72
C SER C 141 1.79 46.74 -5.64
N LEU C 143 3.03 50.45 -4.90
CA LEU C 143 1.81 50.15 -5.64
C LEU C 143 1.89 50.45 -7.15
N SER C 144 3.02 51.01 -7.60
CA SER C 144 3.21 51.31 -9.03
C SER C 144 4.68 51.21 -9.41
N GLY C 145 5.04 50.11 -10.08
CA GLY C 145 6.43 49.87 -10.47
C GLY C 145 6.74 50.49 -11.81
N GLY C 146 7.96 50.23 -12.30
CA GLY C 146 8.43 50.80 -13.57
C GLY C 146 7.37 50.72 -14.65
N ALA C 147 6.94 49.50 -14.94
CA ALA C 147 5.93 49.23 -15.97
C ALA C 147 4.60 49.96 -15.73
N ASP C 148 4.10 49.96 -14.50
CA ASP C 148 2.80 50.56 -14.17
C ASP C 148 2.76 52.06 -14.41
N THR C 149 3.70 52.76 -13.78
CA THR C 149 3.87 54.21 -13.92
C THR C 149 3.92 54.64 -15.38
N LEU C 150 4.68 53.89 -16.19
CA LEU C 150 4.82 54.14 -17.62
C LEU C 150 3.51 53.99 -18.39
N GLU C 151 2.70 53.02 -17.99
CA GLU C 151 1.39 52.80 -18.60
C GLU C 151 0.42 53.94 -18.29
N ALA C 152 0.48 54.44 -17.06
CA ALA C 152 -0.38 55.54 -16.62
C ALA C 152 -0.05 56.84 -17.36
N LEU C 153 1.20 56.95 -17.84
CA LEU C 153 1.67 58.08 -18.63
C LEU C 153 1.30 57.90 -20.10
N GLY C 154 0.81 56.71 -20.44
CA GLY C 154 0.43 56.44 -21.81
C GLY C 154 1.44 55.66 -22.63
N VAL C 155 2.60 55.34 -22.07
CA VAL C 155 3.58 54.54 -22.83
C VAL C 155 3.11 53.10 -22.97
N ARG C 156 3.29 52.53 -24.16
CA ARG C 156 3.01 51.14 -24.44
C ARG C 156 4.19 50.29 -23.96
N ILE C 157 4.00 49.59 -22.84
CA ILE C 157 5.09 48.92 -22.12
C ILE C 157 5.47 47.52 -22.61
N ASP C 158 4.63 46.90 -23.43
CA ASP C 158 4.83 45.52 -23.79
C ASP C 158 4.94 45.33 -25.28
N LEU C 159 5.65 46.24 -25.94
CA LEU C 159 5.97 46.07 -27.35
C LEU C 159 6.92 44.89 -27.49
N GLY C 160 6.87 44.22 -28.64
CA GLY C 160 7.75 43.09 -28.91
C GLY C 160 9.11 43.58 -29.35
N PRO C 161 10.06 42.65 -29.58
CA PRO C 161 11.46 42.96 -29.87
C PRO C 161 11.66 44.01 -30.97
N ASP C 162 11.08 43.76 -32.14
CA ASP C 162 11.20 44.66 -33.28
C ASP C 162 10.70 46.05 -32.97
N LEU C 163 9.56 46.13 -32.27
CA LEU C 163 9.04 47.46 -31.93
C LEU C 163 9.86 48.20 -30.84
N VAL C 164 10.41 47.46 -29.88
CA VAL C 164 11.30 48.05 -28.87
C VAL C 164 12.57 48.59 -29.54
N ALA C 165 13.08 47.82 -30.52
CA ALA C 165 14.21 48.22 -31.35
C ALA C 165 13.95 49.51 -32.13
N ARG C 166 12.78 49.60 -32.75
CA ARG C 166 12.41 50.80 -33.48
C ARG C 166 12.19 51.97 -32.54
N SER C 167 11.61 51.71 -31.37
CA SER C 167 11.43 52.73 -30.34
C SER C 167 12.79 53.31 -29.97
N LEU C 168 13.77 52.40 -29.80
CA LEU C 168 15.08 52.79 -29.31
C LEU C 168 15.69 53.75 -30.32
N ALA C 169 15.60 53.37 -31.59
CA ALA C 169 16.07 54.18 -32.70
C ALA C 169 15.35 55.53 -32.80
N GLU C 170 14.03 55.48 -32.90
CA GLU C 170 13.27 56.67 -33.28
C GLU C 170 13.05 57.59 -32.10
N VAL C 171 12.86 57.01 -30.92
CA VAL C 171 12.53 57.81 -29.76
C VAL C 171 13.78 58.05 -28.89
N GLY C 172 14.71 57.10 -28.93
CA GLY C 172 15.90 57.20 -28.07
C GLY C 172 15.75 56.42 -26.77
N ILE C 173 14.58 55.81 -26.57
CA ILE C 173 14.34 54.96 -25.38
C ILE C 173 13.43 53.82 -25.77
N GLY C 174 13.55 52.71 -25.05
CA GLY C 174 12.66 51.57 -25.23
C GLY C 174 12.51 50.88 -23.90
N PHE C 175 11.48 50.03 -23.79
CA PHE C 175 11.19 49.30 -22.56
C PHE C 175 10.83 47.86 -22.87
N CYS C 176 11.57 46.94 -22.27
CA CYS C 176 11.39 45.49 -22.47
C CYS C 176 10.59 44.92 -21.32
N PHE C 177 9.38 44.47 -21.60
CA PHE C 177 8.48 43.91 -20.57
C PHE C 177 8.99 42.51 -20.23
N ALA C 178 9.30 42.26 -18.97
CA ALA C 178 9.81 40.94 -18.52
C ALA C 178 8.96 39.74 -18.96
N PRO C 179 7.63 39.74 -18.68
CA PRO C 179 6.82 38.61 -19.18
C PRO C 179 6.85 38.44 -20.71
N ARG C 180 7.11 39.50 -21.45
CA ARG C 180 7.20 39.44 -22.92
C ARG C 180 8.56 38.87 -23.37
N PHE C 181 9.63 39.33 -22.74
CA PHE C 181 10.97 38.92 -23.14
C PHE C 181 11.54 37.67 -22.43
N HIS C 182 11.16 37.46 -21.16
CA HIS C 182 11.60 36.30 -20.37
C HIS C 182 10.41 35.38 -20.07
N PRO C 183 9.65 34.98 -21.11
CA PRO C 183 8.44 34.26 -20.73
C PRO C 183 8.69 32.83 -20.19
N SER C 184 9.87 32.26 -20.40
CA SER C 184 10.19 30.97 -19.75
C SER C 184 10.48 31.10 -18.23
N TYR C 185 10.59 32.33 -17.75
CA TYR C 185 10.77 32.61 -16.34
C TYR C 185 9.46 32.42 -15.56
N ARG C 186 8.36 32.18 -16.28
CA ARG C 186 7.04 32.07 -15.65
C ARG C 186 6.97 31.14 -14.45
N HIS C 187 7.70 30.02 -14.49
CA HIS C 187 7.66 29.06 -13.38
C HIS C 187 8.29 29.63 -12.12
N ALA C 188 9.49 30.22 -12.26
CA ALA C 188 10.13 31.01 -11.17
C ALA C 188 9.31 32.19 -10.66
N ALA C 189 8.65 32.88 -11.57
CA ALA C 189 7.76 34.02 -11.25
C ALA C 189 6.62 33.60 -10.34
N ALA C 190 5.93 32.52 -10.70
CA ALA C 190 4.88 31.94 -9.85
C ALA C 190 5.37 31.74 -8.41
N VAL C 191 6.54 31.10 -8.27
CA VAL C 191 7.14 30.76 -6.97
C VAL C 191 7.58 31.99 -6.16
N ARG C 192 8.14 33.00 -6.84
CA ARG C 192 8.45 34.29 -6.18
C ARG C 192 7.23 34.94 -5.55
N ARG C 193 6.11 34.91 -6.26
CA ARG C 193 4.85 35.47 -5.74
C ARG C 193 4.33 34.65 -4.55
N GLU C 194 4.46 33.32 -4.63
CA GLU C 194 3.91 32.43 -3.58
C GLU C 194 4.73 32.56 -2.31
N ILE C 195 6.02 32.83 -2.51
CA ILE C 195 6.95 32.94 -1.41
C ILE C 195 6.95 34.33 -0.79
N GLY C 196 6.78 35.35 -1.63
CA GLY C 196 6.59 36.74 -1.21
C GLY C 196 7.70 37.31 -0.36
N VAL C 197 8.82 36.59 -0.28
CA VAL C 197 10.02 37.13 0.37
C VAL C 197 11.14 37.27 -0.64
N PRO C 198 11.95 38.34 -0.50
CA PRO C 198 13.09 38.54 -1.37
C PRO C 198 14.01 37.35 -1.30
N THR C 199 14.45 36.91 -2.46
CA THR C 199 15.46 35.87 -2.56
C THR C 199 16.50 36.38 -3.54
N VAL C 200 17.51 35.54 -3.78
CA VAL C 200 18.47 35.77 -4.85
C VAL C 200 17.84 36.17 -6.21
N PHE C 201 16.65 35.65 -6.52
CA PHE C 201 15.95 35.98 -7.76
C PHE C 201 15.66 37.47 -7.88
N ASN C 202 15.52 38.14 -6.74
CA ASN C 202 15.28 39.58 -6.74
C ASN C 202 16.45 40.36 -7.34
N LEU C 203 17.60 39.72 -7.46
CA LEU C 203 18.83 40.36 -7.94
C LEU C 203 18.95 40.34 -9.45
N LEU C 204 18.21 39.43 -10.08
CA LEU C 204 18.40 39.11 -11.50
C LEU C 204 17.88 40.17 -12.46
N GLY C 205 16.99 41.02 -11.99
CA GLY C 205 16.32 41.99 -12.85
C GLY C 205 17.33 42.90 -13.55
N PRO C 206 18.11 43.66 -12.76
CA PRO C 206 19.09 44.52 -13.40
C PRO C 206 20.12 43.73 -14.19
N LEU C 207 20.21 42.43 -13.92
CA LEU C 207 21.26 41.61 -14.55
C LEU C 207 20.82 40.88 -15.81
N THR C 208 19.54 40.97 -16.15
CA THR C 208 19.01 40.20 -17.27
C THR C 208 18.26 41.05 -18.31
N ASN C 209 18.67 42.31 -18.47
CA ASN C 209 18.14 43.14 -19.54
C ASN C 209 18.35 42.42 -20.88
N PRO C 210 17.25 42.12 -21.60
CA PRO C 210 17.38 41.32 -22.82
C PRO C 210 18.10 42.07 -23.94
N ALA C 211 18.16 43.40 -23.88
CA ALA C 211 18.92 44.16 -24.88
C ALA C 211 20.40 44.19 -24.55
N ARG C 212 20.74 43.68 -23.37
CA ARG C 212 22.11 43.63 -22.83
C ARG C 212 22.93 44.94 -23.00
N PRO C 213 22.40 46.07 -22.50
CA PRO C 213 23.26 47.23 -22.50
C PRO C 213 24.53 46.97 -21.68
N ARG C 214 25.61 47.66 -22.05
CA ARG C 214 26.92 47.46 -21.43
C ARG C 214 27.16 48.53 -20.37
N ALA C 215 26.21 49.44 -20.21
CA ALA C 215 26.31 50.51 -19.24
C ALA C 215 25.04 50.62 -18.44
N GLY C 216 25.15 51.16 -17.24
CA GLY C 216 23.99 51.29 -16.37
C GLY C 216 24.22 51.95 -15.04
N LEU C 217 23.13 52.50 -14.51
CA LEU C 217 23.08 52.94 -13.16
C LEU C 217 22.17 51.93 -12.51
N ILE C 218 22.71 51.15 -11.59
CA ILE C 218 21.99 50.01 -11.02
C ILE C 218 21.77 50.17 -9.51
N GLY C 219 20.51 50.28 -9.12
CA GLY C 219 20.12 50.40 -7.73
C GLY C 219 19.95 49.05 -7.06
N CYS C 220 20.48 48.94 -5.85
CA CYS C 220 20.32 47.74 -5.06
C CYS C 220 19.93 48.11 -3.65
N ALA C 221 18.78 47.61 -3.21
CA ALA C 221 18.26 47.86 -1.87
C ALA C 221 19.17 47.20 -0.84
N PHE C 222 19.26 45.87 -0.94
CA PHE C 222 20.10 45.07 -0.07
C PHE C 222 21.54 45.53 -0.16
N ALA C 223 22.10 45.94 0.96
CA ALA C 223 23.45 46.47 1.01
C ALA C 223 24.53 45.40 0.80
N ASP C 224 24.27 44.20 1.27
CA ASP C 224 25.25 43.11 1.20
C ASP C 224 25.27 42.42 -0.17
N LEU C 225 24.30 42.74 -1.02
CA LEU C 225 24.24 42.12 -2.34
C LEU C 225 24.66 43.06 -3.46
N ALA C 226 24.79 44.34 -3.13
CA ALA C 226 25.18 45.31 -4.13
C ALA C 226 26.55 44.97 -4.71
N GLU C 227 27.46 44.54 -3.85
CA GLU C 227 28.85 44.24 -4.23
C GLU C 227 28.93 42.98 -5.12
N VAL C 228 28.06 42.03 -4.84
CA VAL C 228 27.90 40.82 -5.66
C VAL C 228 27.42 41.21 -7.07
N MET C 229 26.35 42.00 -7.14
CA MET C 229 25.82 42.44 -8.42
C MET C 229 26.92 43.12 -9.22
N ALA C 230 27.66 44.00 -8.56
CA ALA C 230 28.82 44.68 -9.15
C ALA C 230 29.84 43.70 -9.73
N GLY C 231 30.10 42.62 -8.99
CA GLY C 231 31.02 41.58 -9.44
C GLY C 231 30.53 40.97 -10.74
N VAL C 232 29.22 40.72 -10.84
CA VAL C 232 28.61 40.19 -12.08
C VAL C 232 28.82 41.12 -13.27
N PHE C 233 28.55 42.41 -13.06
CA PHE C 233 28.76 43.38 -14.12
C PHE C 233 30.24 43.50 -14.50
N ALA C 234 31.13 43.35 -13.52
CA ALA C 234 32.56 43.42 -13.80
C ALA C 234 32.99 42.25 -14.69
N ALA C 235 32.43 41.06 -14.45
CA ALA C 235 32.71 39.86 -15.24
C ALA C 235 32.35 40.07 -16.72
N ARG C 236 31.25 40.79 -16.97
CA ARG C 236 30.83 41.03 -18.35
C ARG C 236 31.42 42.31 -18.96
N ARG C 237 32.31 42.95 -18.20
CA ARG C 237 33.01 44.18 -18.55
C ARG C 237 32.07 45.35 -18.86
N SER C 238 31.10 45.53 -17.98
CA SER C 238 30.11 46.60 -18.10
C SER C 238 30.64 47.87 -17.44
N SER C 239 30.26 49.02 -17.99
CA SER C 239 30.55 50.27 -17.32
C SER C 239 29.33 50.65 -16.50
N VAL C 240 29.35 50.29 -15.21
CA VAL C 240 28.19 50.40 -14.35
C VAL C 240 28.51 51.10 -13.02
N LEU C 241 27.58 51.93 -12.55
CA LEU C 241 27.56 52.35 -11.16
C LEU C 241 26.47 51.58 -10.48
N VAL C 242 26.86 50.72 -9.56
CA VAL C 242 25.90 50.04 -8.70
C VAL C 242 25.84 50.94 -7.49
N VAL C 243 24.64 51.32 -7.10
CA VAL C 243 24.51 52.38 -6.12
C VAL C 243 23.70 51.96 -4.92
N HIS C 244 24.20 52.29 -3.73
CA HIS C 244 23.42 52.11 -2.50
C HIS C 244 23.44 53.35 -1.63
N GLY C 245 22.26 53.93 -1.47
CA GLY C 245 22.05 55.04 -0.55
C GLY C 245 22.21 54.52 0.88
N ASP C 246 23.15 55.11 1.62
CA ASP C 246 23.40 54.77 3.01
C ASP C 246 22.14 54.95 3.87
N ASP C 247 21.02 55.23 3.20
CA ASP C 247 19.71 55.35 3.85
C ASP C 247 18.80 54.21 3.41
N GLY C 248 19.37 53.25 2.70
CA GLY C 248 18.62 52.07 2.25
C GLY C 248 17.92 52.16 0.90
N LEU C 249 18.03 53.31 0.23
CA LEU C 249 17.37 53.48 -1.08
C LEU C 249 18.10 52.72 -2.19
N ASP C 250 17.33 52.21 -3.15
CA ASP C 250 17.93 51.61 -4.34
C ASP C 250 18.12 52.61 -5.51
N GLU C 251 18.66 53.79 -5.18
CA GLU C 251 19.01 54.84 -6.14
C GLU C 251 20.00 55.74 -5.41
N LEU C 252 20.62 56.66 -6.13
CA LEU C 252 21.45 57.65 -5.46
C LEU C 252 20.55 58.54 -4.61
N THR C 253 20.83 58.61 -3.31
CA THR C 253 20.01 59.36 -2.38
C THR C 253 20.53 60.78 -2.19
N THR C 254 19.61 61.68 -1.85
CA THR C 254 19.92 63.07 -1.48
C THR C 254 19.76 63.28 0.03
N THR C 255 19.16 62.29 0.69
CA THR C 255 18.98 62.23 2.14
C THR C 255 20.32 62.18 2.89
N THR C 256 21.29 61.49 2.29
CA THR C 256 22.55 61.20 2.94
C THR C 256 23.62 60.86 1.88
N THR C 257 24.76 60.35 2.31
CA THR C 257 25.75 59.84 1.37
C THR C 257 25.24 58.57 0.67
N SER C 258 26.02 58.13 -0.30
CA SER C 258 25.73 56.88 -0.98
C SER C 258 27.00 56.06 -1.12
N THR C 259 26.82 54.75 -1.17
CA THR C 259 27.89 53.82 -1.52
C THR C 259 27.78 53.42 -3.00
N ILE C 260 28.84 53.70 -3.74
CA ILE C 260 28.89 53.36 -5.16
C ILE C 260 29.98 52.32 -5.37
N TRP C 261 29.65 51.32 -6.18
CA TRP C 261 30.61 50.39 -6.73
C TRP C 261 30.82 50.76 -8.20
N ARG C 262 31.94 51.42 -8.49
CA ARG C 262 32.26 51.83 -9.85
C ARG C 262 32.89 50.68 -10.67
N VAL C 263 32.11 50.12 -11.60
CA VAL C 263 32.58 49.04 -12.43
C VAL C 263 33.01 49.58 -13.80
N ALA C 264 34.27 49.35 -14.14
CA ALA C 264 34.81 49.64 -15.49
C ALA C 264 36.12 48.89 -15.65
N ALA C 265 36.44 48.51 -16.89
CA ALA C 265 37.67 47.76 -17.21
C ALA C 265 37.69 46.36 -16.57
N GLY C 266 36.56 45.93 -16.01
CA GLY C 266 36.42 44.63 -15.38
C GLY C 266 36.78 44.61 -13.90
N SER C 267 37.00 45.78 -13.32
CA SER C 267 37.33 45.90 -11.89
C SER C 267 36.36 46.81 -11.12
N VAL C 268 36.29 46.60 -9.81
CA VAL C 268 35.33 47.27 -8.94
C VAL C 268 36.05 48.21 -7.96
N ASP C 269 35.46 49.39 -7.74
CA ASP C 269 35.92 50.34 -6.72
C ASP C 269 34.76 50.68 -5.81
N LYS C 270 34.85 50.32 -4.53
CA LYS C 270 33.85 50.78 -3.58
C LYS C 270 34.24 52.16 -3.06
N LEU C 271 33.43 53.16 -3.39
CA LEU C 271 33.65 54.49 -2.85
C LEU C 271 32.37 55.05 -2.27
N THR C 272 32.51 56.08 -1.44
CA THR C 272 31.36 56.70 -0.81
C THR C 272 31.13 58.09 -1.44
N PHE C 273 29.88 58.42 -1.67
CA PHE C 273 29.53 59.53 -2.54
C PHE C 273 28.62 60.51 -1.81
N ASP C 274 28.91 61.80 -1.95
CA ASP C 274 28.09 62.83 -1.30
C ASP C 274 27.64 63.86 -2.33
N PRO C 275 26.30 63.98 -2.52
CA PRO C 275 25.70 64.92 -3.49
C PRO C 275 25.93 66.39 -3.10
N ALA C 276 26.13 66.65 -1.81
CA ALA C 276 26.35 68.00 -1.31
C ALA C 276 27.70 68.54 -1.77
N GLY C 277 28.60 67.63 -2.14
CA GLY C 277 29.84 68.00 -2.81
C GLY C 277 29.58 68.62 -4.18
N PHE C 278 28.34 68.45 -4.68
CA PHE C 278 27.88 69.05 -5.94
C PHE C 278 26.77 70.06 -5.71
N GLY C 279 26.44 70.32 -4.45
CA GLY C 279 25.54 71.41 -4.09
C GLY C 279 24.10 71.02 -3.83
N PHE C 280 23.82 69.72 -3.70
CA PHE C 280 22.47 69.28 -3.38
C PHE C 280 22.17 69.47 -1.90
N ALA C 281 20.99 70.01 -1.64
CA ALA C 281 20.44 70.06 -0.31
C ALA C 281 20.18 68.63 0.15
N ARG C 282 20.02 68.44 1.46
CA ARG C 282 19.48 67.20 1.99
C ARG C 282 17.97 67.20 1.80
N ALA C 283 17.36 66.01 1.81
CA ALA C 283 15.90 65.89 1.73
C ALA C 283 15.39 64.95 2.81
N GLN C 284 14.08 64.76 2.85
CA GLN C 284 13.47 63.77 3.73
C GLN C 284 12.91 62.63 2.88
N LEU C 285 13.14 61.40 3.35
CA LEU C 285 12.55 60.20 2.71
C LEU C 285 11.07 60.37 2.36
N ASP C 286 10.35 61.17 3.16
CA ASP C 286 8.91 61.41 3.00
C ASP C 286 8.57 62.22 1.75
N GLN C 287 9.53 63.03 1.29
CA GLN C 287 9.30 63.95 0.18
C GLN C 287 9.33 63.26 -1.19
N LEU C 288 9.73 61.98 -1.19
CA LEU C 288 9.85 61.16 -2.40
C LEU C 288 8.68 60.21 -2.62
N ALA C 289 7.74 60.18 -1.66
CA ALA C 289 6.61 59.25 -1.67
C ALA C 289 5.58 59.43 -2.81
N GLY C 290 4.69 58.46 -2.94
CA GLY C 290 3.77 58.37 -4.07
C GLY C 290 3.57 56.91 -4.38
N GLY C 291 2.33 56.51 -4.65
CA GLY C 291 2.02 55.09 -4.83
C GLY C 291 1.21 54.76 -6.06
N ASP C 292 0.05 55.40 -6.19
CA ASP C 292 -0.88 55.14 -7.29
C ASP C 292 -0.20 55.29 -8.66
N ALA C 293 -0.54 54.42 -9.61
CA ALA C 293 -0.06 54.59 -10.97
C ALA C 293 -0.22 56.05 -11.39
N GLN C 294 -1.37 56.63 -11.07
CA GLN C 294 -1.72 58.00 -11.45
C GLN C 294 -0.98 59.06 -10.65
N ALA C 295 -0.59 58.74 -9.42
CA ALA C 295 0.15 59.64 -8.55
C ALA C 295 1.61 59.79 -8.97
N ASN C 296 2.22 58.67 -9.32
CA ASN C 296 3.57 58.63 -9.84
C ASN C 296 3.66 59.23 -11.23
N ALA C 297 2.66 58.91 -12.07
CA ALA C 297 2.55 59.50 -13.40
C ALA C 297 2.50 61.04 -13.33
N ALA C 298 1.62 61.58 -12.48
CA ALA C 298 1.48 63.03 -12.32
C ALA C 298 2.78 63.65 -11.84
N ALA C 299 3.48 62.95 -10.94
CA ALA C 299 4.77 63.42 -10.44
C ALA C 299 5.87 63.40 -11.52
N VAL C 300 5.72 62.51 -12.52
CA VAL C 300 6.61 62.50 -13.67
C VAL C 300 6.40 63.78 -14.48
N ARG C 301 5.15 64.01 -14.89
CA ARG C 301 4.77 65.19 -15.68
C ARG C 301 5.17 66.49 -14.99
N ALA C 302 5.10 66.50 -13.65
CA ALA C 302 5.42 67.68 -12.85
C ALA C 302 6.91 68.03 -12.89
N VAL C 303 7.77 67.05 -12.59
CA VAL C 303 9.21 67.28 -12.64
C VAL C 303 9.66 67.62 -14.06
N LEU C 304 9.13 66.89 -15.04
CA LEU C 304 9.45 67.13 -16.44
C LEU C 304 8.87 68.46 -16.93
N GLY C 305 7.92 69.01 -16.16
CA GLY C 305 7.32 70.31 -16.42
C GLY C 305 8.07 71.43 -15.75
N GLY C 306 9.11 71.08 -15.00
CA GLY C 306 10.03 72.09 -14.47
C GLY C 306 9.84 72.36 -13.01
N ALA C 307 9.03 71.54 -12.33
CA ALA C 307 8.83 71.71 -10.91
C ALA C 307 10.14 71.50 -10.16
N ARG C 308 10.55 72.50 -9.39
CA ARG C 308 11.77 72.42 -8.59
C ARG C 308 11.50 71.70 -7.28
N GLY C 309 12.54 71.42 -6.51
CA GLY C 309 12.39 70.76 -5.22
C GLY C 309 12.88 69.34 -5.25
N PRO C 310 12.82 68.64 -4.09
CA PRO C 310 13.56 67.40 -3.81
C PRO C 310 13.43 66.26 -4.84
N VAL C 311 12.25 66.11 -5.45
CA VAL C 311 12.04 65.09 -6.47
C VAL C 311 12.95 65.33 -7.67
N ARG C 312 12.92 66.54 -8.22
CA ARG C 312 13.80 66.89 -9.32
C ARG C 312 15.28 66.68 -8.95
N ASP C 313 15.66 67.12 -7.75
CA ASP C 313 17.01 66.93 -7.27
C ASP C 313 17.44 65.47 -7.40
N ALA C 314 16.58 64.54 -6.98
CA ALA C 314 16.90 63.11 -7.00
C ALA C 314 16.93 62.52 -8.42
N VAL C 315 16.01 62.99 -9.26
CA VAL C 315 15.94 62.63 -10.66
C VAL C 315 17.22 63.07 -11.39
N VAL C 316 17.55 64.36 -11.28
CA VAL C 316 18.78 64.90 -11.92
C VAL C 316 20.02 64.11 -11.50
N LEU C 317 20.21 63.88 -10.18
CA LEU C 317 21.42 63.22 -9.68
C LEU C 317 21.53 61.78 -10.21
N ASN C 318 20.42 61.06 -10.23
CA ASN C 318 20.40 59.72 -10.80
C ASN C 318 20.57 59.67 -12.31
N ALA C 319 20.04 60.68 -12.99
CA ALA C 319 20.26 60.83 -14.43
C ALA C 319 21.76 61.11 -14.69
N ALA C 320 22.34 61.99 -13.89
CA ALA C 320 23.77 62.30 -14.01
C ALA C 320 24.61 61.04 -13.83
N GLY C 321 24.29 60.26 -12.81
CA GLY C 321 24.97 58.97 -12.54
C GLY C 321 24.95 57.99 -13.70
N ALA C 322 23.80 57.91 -14.37
CA ALA C 322 23.69 57.04 -15.54
C ALA C 322 24.54 57.57 -16.70
N ILE C 323 24.66 58.89 -16.77
CA ILE C 323 25.51 59.57 -17.76
C ILE C 323 26.99 59.33 -17.46
N VAL C 324 27.34 59.32 -16.17
CA VAL C 324 28.72 59.05 -15.75
C VAL C 324 29.11 57.59 -16.09
N ALA C 325 28.17 56.66 -15.89
CA ALA C 325 28.36 55.25 -16.29
C ALA C 325 28.59 55.13 -17.79
N HIS C 326 27.75 55.83 -18.56
CA HIS C 326 27.87 55.91 -20.02
C HIS C 326 29.27 56.39 -20.42
N ALA C 327 29.74 57.44 -19.76
CA ALA C 327 31.06 58.03 -20.07
C ALA C 327 32.20 57.04 -19.80
N GLY C 328 32.08 56.26 -18.73
CA GLY C 328 33.05 55.24 -18.35
C GLY C 328 33.25 54.13 -19.37
N LEU C 329 32.44 54.13 -20.43
CA LEU C 329 32.67 53.23 -21.54
C LEU C 329 33.94 53.66 -22.30
N SER C 330 34.39 54.89 -22.05
CA SER C 330 35.70 55.41 -22.47
C SER C 330 36.72 55.43 -21.33
N SER C 331 37.84 54.73 -21.51
CA SER C 331 38.85 54.58 -20.45
C SER C 331 39.32 55.91 -19.86
N ARG C 332 39.61 56.89 -20.71
CA ARG C 332 40.07 58.21 -20.24
C ARG C 332 38.94 59.10 -19.67
N ALA C 333 38.18 58.55 -18.70
CA ALA C 333 37.11 59.28 -18.03
C ALA C 333 37.43 59.59 -16.56
N GLU C 334 37.38 60.89 -16.22
CA GLU C 334 37.69 61.41 -14.88
C GLU C 334 36.41 61.57 -14.07
N TRP C 335 36.44 61.12 -12.81
CA TRP C 335 35.26 61.10 -11.93
C TRP C 335 34.54 62.43 -11.76
N LEU C 336 35.22 63.44 -11.20
CA LEU C 336 34.59 64.74 -10.93
C LEU C 336 34.16 65.52 -12.18
N PRO C 337 35.05 65.68 -13.18
CA PRO C 337 34.58 66.29 -14.43
C PRO C 337 33.39 65.56 -15.14
N ALA C 338 33.37 64.22 -15.08
CA ALA C 338 32.26 63.43 -15.65
C ALA C 338 30.93 63.70 -14.97
N TRP C 339 30.96 63.79 -13.64
CA TRP C 339 29.76 64.10 -12.85
C TRP C 339 29.26 65.51 -13.09
N GLU C 340 30.19 66.44 -13.28
CA GLU C 340 29.83 67.82 -13.63
C GLU C 340 29.13 67.87 -15.01
N GLU C 341 29.69 67.16 -15.99
CA GLU C 341 29.03 67.03 -17.30
C GLU C 341 27.65 66.37 -17.20
N GLY C 342 27.56 65.30 -16.41
CA GLY C 342 26.28 64.58 -16.20
C GLY C 342 25.18 65.43 -15.59
N LEU C 343 25.50 66.16 -14.52
CA LEU C 343 24.49 67.01 -13.88
C LEU C 343 24.03 68.13 -14.81
N ARG C 344 24.99 68.76 -15.49
CA ARG C 344 24.73 69.81 -16.45
C ARG C 344 23.83 69.30 -17.59
N ARG C 345 24.17 68.13 -18.12
CA ARG C 345 23.37 67.54 -19.20
C ARG C 345 21.96 67.14 -18.74
N ALA C 346 21.86 66.60 -17.53
CA ALA C 346 20.57 66.18 -16.97
C ALA C 346 19.66 67.39 -16.69
N SER C 347 20.20 68.40 -16.01
CA SER C 347 19.48 69.66 -15.74
C SER C 347 18.96 70.28 -17.05
N ALA C 348 19.83 70.38 -18.04
CA ALA C 348 19.49 70.96 -19.33
C ALA C 348 18.39 70.22 -20.09
N ALA C 349 18.45 68.89 -20.09
CA ALA C 349 17.44 68.08 -20.74
C ALA C 349 16.03 68.34 -20.17
N ILE C 350 15.93 68.59 -18.87
CA ILE C 350 14.67 68.97 -18.26
C ILE C 350 14.34 70.43 -18.64
N ASP C 351 15.29 71.32 -18.37
CA ASP C 351 15.06 72.77 -18.47
C ASP C 351 14.68 73.25 -19.86
N THR C 352 15.14 72.56 -20.90
CA THR C 352 14.88 72.98 -22.28
C THR C 352 13.58 72.35 -22.76
N GLY C 353 13.02 71.51 -21.90
CA GLY C 353 11.82 70.80 -22.21
C GLY C 353 12.11 69.60 -23.06
N ALA C 354 13.39 69.30 -23.27
CA ALA C 354 13.75 68.10 -24.05
C ALA C 354 13.20 66.81 -23.41
N ALA C 355 13.20 66.72 -22.08
CA ALA C 355 12.76 65.48 -21.44
C ALA C 355 11.25 65.30 -21.60
N GLU C 356 10.51 66.40 -21.35
CA GLU C 356 9.05 66.44 -21.50
C GLU C 356 8.66 66.03 -22.91
N GLN C 357 9.34 66.63 -23.89
CA GLN C 357 9.09 66.33 -25.30
C GLN C 357 9.42 64.91 -25.71
N LEU C 358 10.49 64.33 -25.15
CA LEU C 358 10.79 62.93 -25.44
C LEU C 358 9.65 62.03 -24.93
N LEU C 359 9.17 62.28 -23.71
CA LEU C 359 8.07 61.48 -23.15
C LEU C 359 6.81 61.58 -24.02
N ALA C 360 6.41 62.82 -24.38
CA ALA C 360 5.27 62.98 -25.33
C ALA C 360 5.53 62.23 -26.64
N ARG C 361 6.76 62.29 -27.16
CA ARG C 361 7.12 61.55 -28.39
C ARG C 361 7.06 60.04 -28.21
N TRP C 362 7.36 59.59 -27.00
CA TRP C 362 7.37 58.17 -26.66
C TRP C 362 5.93 57.67 -26.64
N VAL C 363 5.10 58.42 -25.92
CA VAL C 363 3.67 58.15 -25.79
C VAL C 363 3.05 58.05 -27.18
N ARG C 364 3.44 58.98 -28.05
CA ARG C 364 2.92 59.04 -29.42
C ARG C 364 3.41 57.89 -30.31
N PHE C 365 4.63 57.40 -30.06
CA PHE C 365 5.24 56.33 -30.88
C PHE C 365 4.39 55.07 -30.89
N GLY C 366 3.94 54.63 -29.72
CA GLY C 366 3.20 53.38 -29.61
C GLY C 366 1.83 53.41 -30.28
N ARG C 367 1.73 54.05 -31.45
CA ARG C 367 0.45 54.29 -32.13
C ARG C 367 0.50 54.14 -33.65
N PRO D 24 -3.74 -38.31 -13.41
CA PRO D 24 -4.67 -37.28 -13.89
C PRO D 24 -6.14 -37.61 -13.62
N SER D 25 -6.61 -37.37 -12.39
CA SER D 25 -8.00 -37.65 -12.02
C SER D 25 -8.55 -36.70 -10.97
N TRP D 26 -9.87 -36.67 -10.83
CA TRP D 26 -10.53 -35.84 -9.81
C TRP D 26 -10.11 -36.19 -8.39
N PRO D 27 -10.18 -37.49 -8.01
CA PRO D 27 -9.71 -37.83 -6.67
C PRO D 27 -8.28 -37.39 -6.38
N GLN D 28 -7.42 -37.50 -7.38
CA GLN D 28 -6.03 -37.12 -7.23
C GLN D 28 -5.92 -35.60 -7.05
N ILE D 29 -6.62 -34.86 -7.92
CA ILE D 29 -6.55 -33.39 -7.92
C ILE D 29 -7.19 -32.78 -6.67
N LEU D 30 -8.41 -33.23 -6.34
CA LEU D 30 -9.13 -32.75 -5.13
C LEU D 30 -8.42 -33.13 -3.85
N GLY D 31 -7.84 -34.33 -3.79
CA GLY D 31 -7.05 -34.76 -2.63
C GLY D 31 -5.80 -33.91 -2.43
N ARG D 32 -5.10 -33.63 -3.53
CA ARG D 32 -3.99 -32.68 -3.49
C ARG D 32 -4.37 -31.28 -2.94
N LEU D 33 -5.50 -30.74 -3.41
CA LEU D 33 -5.93 -29.39 -2.97
C LEU D 33 -6.37 -29.34 -1.50
N THR D 34 -7.17 -30.32 -1.09
CA THR D 34 -7.60 -30.42 0.32
C THR D 34 -6.42 -30.66 1.27
N ASP D 35 -5.35 -31.28 0.75
CA ASP D 35 -4.07 -31.44 1.45
C ASP D 35 -3.28 -30.11 1.42
N ASN D 36 -3.90 -29.06 0.85
CA ASN D 36 -3.29 -27.72 0.75
C ASN D 36 -1.98 -27.66 -0.04
N ARG D 37 -1.92 -28.41 -1.13
CA ARG D 37 -0.71 -28.47 -1.95
C ARG D 37 -1.00 -27.94 -3.34
N ASP D 38 -0.03 -27.23 -3.92
CA ASP D 38 -0.17 -26.65 -5.25
C ASP D 38 -0.30 -27.79 -6.23
N LEU D 39 -0.98 -27.55 -7.34
CA LEU D 39 -1.16 -28.61 -8.34
C LEU D 39 0.09 -28.83 -9.16
N ALA D 40 0.20 -30.02 -9.73
CA ALA D 40 1.29 -30.33 -10.64
C ALA D 40 0.98 -29.62 -11.95
N ARG D 41 2.04 -29.23 -12.65
CA ARG D 41 2.00 -28.82 -14.05
C ARG D 41 0.93 -29.60 -14.78
N GLY D 42 0.00 -28.88 -15.39
CA GLY D 42 -1.06 -29.52 -16.18
C GLY D 42 -2.34 -29.90 -15.43
N GLN D 43 -2.29 -30.01 -14.10
CA GLN D 43 -3.49 -30.50 -13.36
C GLN D 43 -4.67 -29.53 -13.36
N ALA D 44 -4.39 -28.26 -13.07
CA ALA D 44 -5.41 -27.22 -13.21
C ALA D 44 -6.02 -27.27 -14.58
N ALA D 45 -5.19 -27.40 -15.62
CA ALA D 45 -5.69 -27.41 -16.99
C ALA D 45 -6.62 -28.60 -17.31
N TRP D 46 -6.22 -29.78 -16.84
CA TRP D 46 -7.02 -31.00 -17.03
C TRP D 46 -8.38 -30.80 -16.37
N ALA D 47 -8.36 -30.31 -15.14
CA ALA D 47 -9.61 -30.02 -14.41
C ALA D 47 -10.54 -29.10 -15.18
N MET D 48 -10.02 -27.97 -15.63
CA MET D 48 -10.85 -26.97 -16.31
C MET D 48 -11.36 -27.56 -17.60
N ASP D 49 -10.51 -28.30 -18.29
CA ASP D 49 -10.95 -28.92 -19.54
C ASP D 49 -12.06 -29.96 -19.28
N GLN D 50 -11.96 -30.67 -18.16
CA GLN D 50 -13.02 -31.61 -17.83
C GLN D 50 -14.31 -30.83 -17.69
N ILE D 51 -14.23 -29.74 -16.94
CA ILE D 51 -15.36 -28.84 -16.70
C ILE D 51 -15.92 -28.21 -17.99
N MET D 52 -15.04 -27.84 -18.92
CA MET D 52 -15.47 -27.24 -20.19
C MET D 52 -16.04 -28.26 -21.22
N THR D 53 -15.76 -29.54 -21.05
CA THR D 53 -16.28 -30.53 -22.01
C THR D 53 -17.51 -31.27 -21.49
N GLY D 54 -18.07 -30.80 -20.38
CA GLY D 54 -19.23 -31.44 -19.76
C GLY D 54 -18.89 -32.71 -18.97
N ASN D 55 -17.61 -33.00 -18.79
CA ASN D 55 -17.21 -34.23 -18.14
C ASN D 55 -17.06 -34.21 -16.62
N ALA D 56 -17.39 -33.07 -16.03
CA ALA D 56 -17.31 -32.89 -14.59
C ALA D 56 -18.71 -32.73 -14.00
N ARG D 57 -19.04 -33.55 -13.01
CA ARG D 57 -20.32 -33.36 -12.36
C ARG D 57 -20.26 -32.12 -11.44
N PRO D 58 -21.40 -31.43 -11.26
CA PRO D 58 -21.51 -30.21 -10.47
C PRO D 58 -20.83 -30.30 -9.10
N ALA D 59 -20.87 -31.47 -8.47
CA ALA D 59 -20.21 -31.64 -7.16
C ALA D 59 -18.69 -31.55 -7.26
N GLN D 60 -18.14 -32.11 -8.34
CA GLN D 60 -16.72 -32.05 -8.62
C GLN D 60 -16.28 -30.62 -8.97
N ILE D 61 -17.09 -29.92 -9.77
CA ILE D 61 -16.83 -28.51 -10.10
C ILE D 61 -16.81 -27.65 -8.83
N ALA D 62 -17.85 -27.77 -8.02
CA ALA D 62 -17.96 -27.07 -6.74
C ALA D 62 -16.80 -27.41 -5.80
N ALA D 63 -16.47 -28.70 -5.70
CA ALA D 63 -15.38 -29.13 -4.82
C ALA D 63 -14.09 -28.48 -5.31
N PHE D 64 -13.90 -28.45 -6.62
CA PHE D 64 -12.67 -27.88 -7.21
C PHE D 64 -12.56 -26.37 -6.97
N ALA D 65 -13.65 -25.67 -7.22
CA ALA D 65 -13.69 -24.21 -7.03
C ALA D 65 -13.37 -23.81 -5.59
N VAL D 66 -14.01 -24.48 -4.64
CA VAL D 66 -13.78 -24.18 -3.23
C VAL D 66 -12.39 -24.54 -2.75
N ALA D 67 -11.93 -25.74 -3.09
CA ALA D 67 -10.63 -26.20 -2.66
C ALA D 67 -9.48 -25.31 -3.14
N MET D 68 -9.54 -24.95 -4.42
CA MET D 68 -8.56 -24.06 -5.03
C MET D 68 -8.54 -22.68 -4.35
N THR D 69 -9.72 -22.18 -3.97
CA THR D 69 -9.85 -20.88 -3.32
C THR D 69 -9.21 -20.95 -1.93
N MET D 70 -9.50 -22.00 -1.20
CA MET D 70 -9.04 -22.09 0.18
C MET D 70 -7.57 -22.48 0.28
N LYS D 71 -7.02 -23.17 -0.72
CA LYS D 71 -5.56 -23.39 -0.74
C LYS D 71 -4.84 -22.08 -1.10
N ALA D 72 -5.49 -21.25 -1.89
CA ALA D 72 -4.95 -20.03 -2.49
C ALA D 72 -4.26 -20.45 -3.78
N PRO D 73 -4.82 -20.00 -4.90
CA PRO D 73 -4.27 -20.37 -6.19
C PRO D 73 -2.98 -19.64 -6.51
N THR D 74 -2.14 -20.28 -7.34
CA THR D 74 -0.89 -19.71 -7.78
C THR D 74 -1.16 -19.14 -9.17
N ALA D 75 -0.27 -18.28 -9.65
CA ALA D 75 -0.33 -17.77 -11.01
C ALA D 75 -0.26 -18.86 -12.07
N ASP D 76 0.59 -19.87 -11.89
CA ASP D 76 0.55 -21.02 -12.82
C ASP D 76 -0.83 -21.66 -12.91
N GLU D 77 -1.46 -21.93 -11.76
CA GLU D 77 -2.78 -22.60 -11.75
C GLU D 77 -3.87 -21.77 -12.39
N VAL D 78 -3.98 -20.52 -11.95
CA VAL D 78 -4.87 -19.56 -12.56
C VAL D 78 -4.59 -19.39 -14.06
N GLY D 79 -3.31 -19.36 -14.45
CA GLY D 79 -2.98 -19.27 -15.87
C GLY D 79 -3.45 -20.48 -16.67
N GLU D 80 -3.26 -21.67 -16.11
CA GLU D 80 -3.81 -22.88 -16.71
C GLU D 80 -5.31 -22.84 -16.89
N LEU D 81 -6.03 -22.40 -15.86
CA LEU D 81 -7.48 -22.32 -15.93
C LEU D 81 -7.91 -21.38 -17.04
N ALA D 82 -7.30 -20.19 -17.07
CA ALA D 82 -7.63 -19.17 -18.07
C ALA D 82 -7.31 -19.67 -19.47
N GLY D 83 -6.13 -20.28 -19.62
CA GLY D 83 -5.70 -20.83 -20.90
C GLY D 83 -6.71 -21.80 -21.48
N VAL D 84 -7.25 -22.69 -20.63
CA VAL D 84 -8.23 -23.66 -21.12
C VAL D 84 -9.51 -22.98 -21.56
N MET D 85 -9.98 -22.01 -20.78
CA MET D 85 -11.17 -21.26 -21.20
C MET D 85 -10.94 -20.55 -22.51
N LEU D 86 -9.77 -19.96 -22.68
CA LEU D 86 -9.50 -19.25 -23.91
C LEU D 86 -9.45 -20.18 -25.13
N SER D 87 -8.96 -21.41 -24.94
CA SER D 87 -8.87 -22.37 -26.02
C SER D 87 -10.24 -22.93 -26.44
N HIS D 88 -11.25 -22.76 -25.58
CA HIS D 88 -12.63 -23.14 -25.93
C HIS D 88 -13.49 -21.98 -26.40
N ALA D 89 -13.00 -20.75 -26.21
CA ALA D 89 -13.81 -19.56 -26.48
C ALA D 89 -13.94 -19.29 -27.97
N HIS D 90 -14.99 -18.58 -28.36
CA HIS D 90 -15.09 -18.05 -29.71
C HIS D 90 -14.07 -16.91 -29.87
N PRO D 91 -13.18 -17.03 -30.85
CA PRO D 91 -12.22 -15.96 -31.07
C PRO D 91 -12.83 -14.86 -31.96
N LEU D 92 -12.24 -13.68 -31.99
CA LEU D 92 -12.63 -12.69 -33.00
C LEU D 92 -11.95 -13.07 -34.32
N PRO D 93 -12.50 -12.62 -35.47
CA PRO D 93 -11.85 -12.98 -36.74
C PRO D 93 -10.43 -12.45 -36.82
N ALA D 94 -9.57 -13.16 -37.56
CA ALA D 94 -8.16 -12.80 -37.69
C ALA D 94 -7.98 -11.36 -38.15
N ASP D 95 -6.94 -10.71 -37.64
CA ASP D 95 -6.56 -9.36 -38.06
C ASP D 95 -7.55 -8.25 -37.68
N THR D 96 -8.63 -8.57 -36.97
CA THR D 96 -9.67 -7.57 -36.62
C THR D 96 -9.46 -6.87 -35.28
N VAL D 97 -8.66 -7.46 -34.40
CA VAL D 97 -8.32 -6.81 -33.13
C VAL D 97 -6.95 -6.16 -33.23
N PRO D 98 -6.87 -4.83 -33.01
CA PRO D 98 -5.60 -4.11 -33.01
C PRO D 98 -4.64 -4.61 -31.94
N ASP D 99 -3.35 -4.47 -32.21
CA ASP D 99 -2.27 -4.87 -31.32
C ASP D 99 -2.36 -4.18 -29.98
N ASP D 100 -2.98 -3.01 -29.97
CA ASP D 100 -2.87 -2.17 -28.80
C ASP D 100 -4.22 -2.02 -28.11
N ALA D 101 -5.14 -2.92 -28.45
CA ALA D 101 -6.48 -2.94 -27.87
C ALA D 101 -6.33 -3.07 -26.36
N VAL D 102 -7.27 -2.50 -25.60
CA VAL D 102 -7.17 -2.52 -24.15
C VAL D 102 -8.49 -3.04 -23.56
N ASP D 103 -8.41 -3.55 -22.34
CA ASP D 103 -9.59 -3.94 -21.58
C ASP D 103 -9.58 -3.04 -20.38
N VAL D 104 -10.77 -2.78 -19.85
CA VAL D 104 -10.96 -2.05 -18.59
C VAL D 104 -12.02 -2.81 -17.80
N VAL D 105 -11.63 -3.45 -16.70
CA VAL D 105 -12.48 -4.44 -16.05
C VAL D 105 -12.02 -4.76 -14.63
N GLY D 106 -12.92 -5.33 -13.84
CA GLY D 106 -12.60 -5.72 -12.47
C GLY D 106 -13.19 -7.06 -12.09
N THR D 107 -12.52 -7.73 -11.15
CA THR D 107 -12.91 -9.08 -10.70
C THR D 107 -14.26 -9.08 -9.98
N GLY D 108 -14.50 -8.06 -9.16
CA GLY D 108 -15.86 -7.84 -8.65
C GLY D 108 -16.04 -7.78 -7.14
N GLY D 109 -17.31 -7.84 -6.71
CA GLY D 109 -17.70 -7.68 -5.30
C GLY D 109 -18.67 -6.53 -5.12
N ASN D 116 -19.66 1.23 -11.12
CA ASN D 116 -20.11 1.58 -12.48
C ASN D 116 -18.97 2.26 -13.26
N LEU D 117 -17.81 2.27 -12.61
CA LEU D 117 -16.62 2.96 -13.06
C LEU D 117 -15.96 2.36 -14.30
N SER D 118 -15.89 1.04 -14.37
CA SER D 118 -15.23 0.37 -15.48
C SER D 118 -15.93 0.72 -16.78
N THR D 119 -17.26 0.63 -16.80
CA THR D 119 -18.05 0.92 -18.00
C THR D 119 -17.80 2.35 -18.51
N MET D 120 -17.86 3.33 -17.61
CA MET D 120 -17.59 4.73 -17.93
C MET D 120 -16.14 4.98 -18.34
N ALA D 121 -15.20 4.41 -17.60
CA ALA D 121 -13.77 4.56 -17.91
C ALA D 121 -13.49 4.01 -19.30
N ALA D 122 -14.14 2.91 -19.65
CA ALA D 122 -13.94 2.27 -20.96
C ALA D 122 -14.44 3.11 -22.16
N ILE D 123 -15.59 3.74 -21.99
CA ILE D 123 -16.12 4.66 -23.00
C ILE D 123 -15.19 5.86 -23.21
N VAL D 124 -14.70 6.44 -22.11
CA VAL D 124 -13.77 7.56 -22.15
C VAL D 124 -12.44 7.19 -22.83
N VAL D 125 -11.92 6.01 -22.50
CA VAL D 125 -10.70 5.47 -23.10
C VAL D 125 -10.88 5.31 -24.62
N ALA D 126 -11.96 4.67 -25.04
CA ALA D 126 -12.23 4.53 -26.49
C ALA D 126 -12.37 5.92 -27.19
N ALA D 127 -13.06 6.84 -26.54
CA ALA D 127 -13.28 8.20 -27.09
C ALA D 127 -11.96 8.92 -27.31
N ALA D 128 -10.99 8.62 -26.46
CA ALA D 128 -9.61 9.15 -26.55
C ALA D 128 -8.74 8.49 -27.63
N GLY D 129 -9.29 7.50 -28.33
CA GLY D 129 -8.58 6.90 -29.47
C GLY D 129 -7.94 5.55 -29.22
N VAL D 130 -8.06 5.03 -28.00
CA VAL D 130 -7.51 3.72 -27.67
C VAL D 130 -8.55 2.62 -27.92
N PRO D 131 -8.26 1.66 -28.81
CA PRO D 131 -9.29 0.63 -29.05
C PRO D 131 -9.63 -0.11 -27.75
N VAL D 132 -10.92 -0.33 -27.50
CA VAL D 132 -11.34 -1.00 -26.25
C VAL D 132 -12.19 -2.22 -26.53
N VAL D 133 -11.78 -3.35 -26.01
CA VAL D 133 -12.65 -4.50 -26.14
C VAL D 133 -12.96 -5.02 -24.75
N LYS D 134 -14.21 -4.79 -24.34
CA LYS D 134 -14.73 -5.20 -23.04
C LYS D 134 -15.33 -6.61 -23.07
N HIS D 135 -15.49 -7.18 -21.88
CA HIS D 135 -15.87 -8.56 -21.75
C HIS D 135 -16.61 -8.69 -20.42
N GLY D 136 -17.86 -9.14 -20.45
CA GLY D 136 -18.66 -9.21 -19.22
C GLY D 136 -19.83 -10.17 -19.21
N ASN D 137 -20.37 -10.42 -18.01
CA ASN D 137 -21.74 -10.93 -17.86
C ASN D 137 -22.62 -9.79 -17.27
N ARG D 138 -23.89 -10.07 -17.04
CA ARG D 138 -24.78 -9.09 -16.39
C ARG D 138 -24.48 -9.03 -14.88
N ALA D 139 -24.66 -7.85 -14.28
CA ALA D 139 -24.29 -7.57 -12.88
C ALA D 139 -25.13 -8.35 -11.87
N GLY D 146 -21.74 -3.49 -15.68
CA GLY D 146 -21.51 -4.72 -16.45
C GLY D 146 -22.31 -4.75 -17.75
N ALA D 147 -22.67 -5.95 -18.19
CA ALA D 147 -23.46 -6.11 -19.41
C ALA D 147 -24.84 -5.46 -19.29
N ASP D 148 -25.50 -5.62 -18.15
CA ASP D 148 -26.85 -5.05 -18.01
C ASP D 148 -26.83 -3.53 -17.92
N THR D 149 -25.75 -2.95 -17.42
CA THR D 149 -25.58 -1.49 -17.44
C THR D 149 -25.57 -0.99 -18.89
N LEU D 150 -24.78 -1.64 -19.74
CA LEU D 150 -24.69 -1.27 -21.17
C LEU D 150 -26.03 -1.46 -21.87
N GLU D 151 -26.65 -2.62 -21.61
CA GLU D 151 -27.98 -2.95 -22.13
C GLU D 151 -28.95 -1.81 -21.84
N ALA D 152 -28.98 -1.36 -20.59
CA ALA D 152 -29.85 -0.24 -20.17
C ALA D 152 -29.57 1.06 -20.93
N LEU D 153 -28.31 1.24 -21.35
CA LEU D 153 -27.92 2.42 -22.13
C LEU D 153 -28.34 2.31 -23.59
N GLY D 154 -28.80 1.13 -23.99
CA GLY D 154 -29.20 0.89 -25.39
C GLY D 154 -28.11 0.28 -26.24
N VAL D 155 -27.03 -0.15 -25.61
CA VAL D 155 -25.95 -0.81 -26.34
C VAL D 155 -26.25 -2.30 -26.54
N ARG D 156 -26.08 -2.75 -27.77
CA ARG D 156 -26.26 -4.12 -28.14
C ARG D 156 -25.12 -4.98 -27.52
N ILE D 157 -25.47 -5.83 -26.56
CA ILE D 157 -24.41 -6.56 -25.85
C ILE D 157 -24.13 -7.96 -26.39
N ASP D 158 -25.02 -8.48 -27.22
CA ASP D 158 -24.93 -9.88 -27.63
C ASP D 158 -24.44 -10.09 -29.07
N LEU D 159 -23.60 -9.19 -29.57
CA LEU D 159 -23.11 -9.35 -30.90
C LEU D 159 -22.12 -10.50 -30.95
N GLY D 160 -22.10 -11.21 -32.08
CA GLY D 160 -21.13 -12.29 -32.35
C GLY D 160 -19.75 -11.78 -32.71
N PRO D 161 -18.77 -12.71 -32.91
CA PRO D 161 -17.40 -12.37 -33.24
C PRO D 161 -17.28 -11.37 -34.40
N ASP D 162 -17.93 -11.67 -35.53
CA ASP D 162 -17.87 -10.78 -36.71
C ASP D 162 -18.37 -9.37 -36.40
N LEU D 163 -19.50 -9.24 -35.70
CA LEU D 163 -20.03 -7.90 -35.39
C LEU D 163 -19.32 -7.15 -34.25
N VAL D 164 -18.70 -7.88 -33.31
CA VAL D 164 -17.87 -7.22 -32.30
C VAL D 164 -16.63 -6.58 -32.94
N ALA D 165 -16.01 -7.30 -33.88
CA ALA D 165 -14.85 -6.80 -34.61
C ALA D 165 -15.25 -5.56 -35.43
N ARG D 166 -16.44 -5.59 -36.00
CA ARG D 166 -16.95 -4.42 -36.71
C ARG D 166 -17.23 -3.23 -35.76
N SER D 167 -17.84 -3.50 -34.61
CA SER D 167 -18.08 -2.45 -33.62
C SER D 167 -16.75 -1.82 -33.24
N LEU D 168 -15.77 -2.66 -32.96
CA LEU D 168 -14.44 -2.21 -32.53
C LEU D 168 -13.85 -1.25 -33.59
N ALA D 169 -13.98 -1.62 -34.86
CA ALA D 169 -13.39 -0.87 -35.96
C ALA D 169 -14.13 0.43 -36.19
N GLU D 170 -15.46 0.38 -36.20
CA GLU D 170 -16.27 1.53 -36.60
C GLU D 170 -16.55 2.49 -35.45
N VAL D 171 -16.69 1.95 -34.26
CA VAL D 171 -17.04 2.77 -33.11
C VAL D 171 -15.82 3.02 -32.24
N GLY D 172 -14.87 2.08 -32.22
CA GLY D 172 -13.69 2.20 -31.34
C GLY D 172 -13.77 1.35 -30.08
N ILE D 173 -14.90 0.68 -29.88
CA ILE D 173 -15.11 -0.14 -28.69
C ILE D 173 -15.97 -1.35 -29.11
N GLY D 174 -15.77 -2.47 -28.43
CA GLY D 174 -16.65 -3.62 -28.61
C GLY D 174 -16.88 -4.29 -27.27
N PHE D 175 -17.93 -5.11 -27.21
CA PHE D 175 -18.28 -5.84 -26.01
C PHE D 175 -18.62 -7.31 -26.27
N CYS D 176 -17.81 -8.20 -25.68
CA CYS D 176 -18.02 -9.64 -25.78
C CYS D 176 -18.85 -10.09 -24.59
N PHE D 177 -20.01 -10.67 -24.84
CA PHE D 177 -20.88 -11.12 -23.76
C PHE D 177 -20.50 -12.56 -23.43
N ALA D 178 -20.29 -12.84 -22.15
CA ALA D 178 -19.68 -14.10 -21.72
C ALA D 178 -20.43 -15.38 -22.16
N PRO D 179 -21.75 -15.46 -21.94
CA PRO D 179 -22.42 -16.67 -22.44
C PRO D 179 -22.31 -16.83 -23.96
N ARG D 180 -22.18 -15.70 -24.65
CA ARG D 180 -22.05 -15.68 -26.11
C ARG D 180 -20.69 -16.20 -26.59
N PHE D 181 -19.62 -15.79 -25.92
CA PHE D 181 -18.28 -16.18 -26.34
C PHE D 181 -17.68 -17.37 -25.60
N HIS D 182 -18.21 -17.70 -24.44
CA HIS D 182 -17.76 -18.88 -23.65
C HIS D 182 -18.86 -19.94 -23.41
N PRO D 183 -19.53 -20.41 -24.50
CA PRO D 183 -20.70 -21.29 -24.32
C PRO D 183 -20.41 -22.54 -23.49
N SER D 184 -19.20 -23.07 -23.63
CA SER D 184 -18.80 -24.29 -22.93
C SER D 184 -18.64 -24.08 -21.43
N TYR D 185 -18.72 -22.82 -20.99
CA TYR D 185 -18.53 -22.45 -19.60
C TYR D 185 -19.81 -22.65 -18.78
N ARG D 186 -20.91 -23.04 -19.44
CA ARG D 186 -22.23 -23.19 -18.78
C ARG D 186 -22.25 -24.00 -17.47
N HIS D 187 -21.56 -25.13 -17.46
CA HIS D 187 -21.58 -25.98 -16.26
C HIS D 187 -20.88 -25.29 -15.08
N ALA D 188 -19.80 -24.56 -15.35
CA ALA D 188 -19.12 -23.78 -14.34
C ALA D 188 -19.95 -22.59 -13.84
N ALA D 189 -20.62 -21.92 -14.77
CA ALA D 189 -21.42 -20.74 -14.46
C ALA D 189 -22.55 -21.04 -13.50
N ALA D 190 -23.22 -22.17 -13.72
CA ALA D 190 -24.33 -22.63 -12.90
C ALA D 190 -23.84 -23.00 -11.50
N VAL D 191 -22.71 -23.70 -11.41
CA VAL D 191 -22.13 -24.00 -10.10
C VAL D 191 -21.82 -22.72 -9.33
N ARG D 192 -21.18 -21.76 -9.99
CA ARG D 192 -20.85 -20.45 -9.39
C ARG D 192 -22.05 -19.74 -8.79
N ARG D 193 -23.15 -19.75 -9.50
CA ARG D 193 -24.39 -19.15 -8.99
C ARG D 193 -24.94 -19.88 -7.77
N GLU D 194 -25.01 -21.20 -7.84
CA GLU D 194 -25.50 -22.04 -6.73
C GLU D 194 -24.66 -21.83 -5.46
N ILE D 195 -23.33 -21.86 -5.62
CA ILE D 195 -22.40 -21.62 -4.51
C ILE D 195 -22.55 -20.20 -3.98
N GLY D 196 -22.64 -19.25 -4.91
CA GLY D 196 -23.01 -17.88 -4.56
C GLY D 196 -22.01 -17.15 -3.69
N VAL D 197 -20.80 -17.70 -3.54
CA VAL D 197 -19.69 -17.04 -2.85
C VAL D 197 -18.50 -16.95 -3.80
N PRO D 198 -17.63 -15.94 -3.60
CA PRO D 198 -16.50 -15.79 -4.51
C PRO D 198 -15.56 -16.98 -4.42
N THR D 199 -15.09 -17.42 -5.58
CA THR D 199 -14.04 -18.43 -5.62
C THR D 199 -12.97 -17.97 -6.61
N VAL D 200 -12.02 -18.86 -6.87
CA VAL D 200 -11.03 -18.70 -7.91
C VAL D 200 -11.63 -18.38 -9.29
N PHE D 201 -12.82 -18.90 -9.58
CA PHE D 201 -13.52 -18.62 -10.83
C PHE D 201 -13.82 -17.12 -11.02
N ASN D 202 -13.98 -16.38 -9.93
CA ASN D 202 -14.22 -14.93 -10.04
C ASN D 202 -13.02 -14.15 -10.57
N LEU D 203 -11.85 -14.80 -10.55
CA LEU D 203 -10.62 -14.19 -11.04
C LEU D 203 -10.45 -14.27 -12.56
N LEU D 204 -11.23 -15.14 -13.20
CA LEU D 204 -10.95 -15.53 -14.58
C LEU D 204 -11.53 -14.59 -15.65
N GLY D 205 -12.51 -13.79 -15.25
CA GLY D 205 -13.08 -12.78 -16.12
C GLY D 205 -12.08 -11.99 -16.96
N PRO D 206 -11.15 -11.26 -16.29
CA PRO D 206 -10.20 -10.37 -16.99
C PRO D 206 -9.16 -11.16 -17.75
N LEU D 207 -9.07 -12.44 -17.40
CA LEU D 207 -8.04 -13.27 -17.93
C LEU D 207 -8.55 -14.01 -19.15
N THR D 208 -9.83 -13.89 -19.43
CA THR D 208 -10.40 -14.71 -20.51
C THR D 208 -11.20 -13.90 -21.52
N ASN D 209 -10.81 -12.63 -21.69
CA ASN D 209 -11.34 -11.78 -22.74
C ASN D 209 -11.04 -12.42 -24.10
N PRO D 210 -12.10 -12.77 -24.84
CA PRO D 210 -11.89 -13.59 -26.04
C PRO D 210 -11.18 -12.89 -27.21
N ALA D 211 -11.17 -11.56 -27.21
CA ALA D 211 -10.38 -10.76 -28.15
C ALA D 211 -8.90 -10.77 -27.78
N ARG D 212 -8.60 -11.23 -26.56
CA ARG D 212 -7.24 -11.30 -26.01
C ARG D 212 -6.45 -10.00 -26.15
N PRO D 213 -6.97 -8.91 -25.55
CA PRO D 213 -6.18 -7.69 -25.60
C PRO D 213 -4.89 -7.82 -24.80
N ARG D 214 -3.87 -7.06 -25.20
CA ARG D 214 -2.55 -7.14 -24.62
C ARG D 214 -2.34 -6.12 -23.52
N ALA D 215 -3.29 -5.20 -23.38
CA ALA D 215 -3.16 -4.17 -22.36
C ALA D 215 -4.45 -4.01 -21.60
N GLY D 216 -4.39 -3.23 -20.52
CA GLY D 216 -5.56 -3.04 -19.71
C GLY D 216 -5.37 -2.53 -18.32
N LEU D 217 -6.49 -2.08 -17.76
CA LEU D 217 -6.60 -1.69 -16.38
C LEU D 217 -7.45 -2.78 -15.74
N ILE D 218 -6.86 -3.56 -14.84
CA ILE D 218 -7.56 -4.70 -14.21
C ILE D 218 -7.69 -4.48 -12.69
N GLY D 219 -8.93 -4.38 -12.25
CA GLY D 219 -9.20 -4.18 -10.84
C GLY D 219 -9.43 -5.51 -10.13
N CYS D 220 -8.96 -5.57 -8.88
CA CYS D 220 -9.23 -6.73 -8.03
C CYS D 220 -9.43 -6.31 -6.57
N ALA D 221 -10.57 -6.72 -6.01
CA ALA D 221 -10.90 -6.42 -4.60
C ALA D 221 -9.86 -6.92 -3.59
N PHE D 222 -9.26 -8.08 -3.89
CA PHE D 222 -8.47 -8.82 -2.90
C PHE D 222 -6.97 -8.74 -3.16
N ALA D 223 -6.23 -8.26 -2.17
CA ALA D 223 -4.80 -7.87 -2.34
C ALA D 223 -3.84 -8.99 -2.75
N ASP D 224 -4.01 -10.15 -2.12
CA ASP D 224 -3.27 -11.38 -2.44
C ASP D 224 -3.50 -11.87 -3.88
N LEU D 225 -4.78 -11.90 -4.26
CA LEU D 225 -5.21 -12.44 -5.55
C LEU D 225 -4.85 -11.51 -6.70
N ALA D 226 -4.73 -10.23 -6.37
CA ALA D 226 -4.27 -9.24 -7.32
C ALA D 226 -2.83 -9.58 -7.75
N GLU D 227 -1.98 -9.90 -6.79
CA GLU D 227 -0.59 -10.28 -7.09
C GLU D 227 -0.54 -11.51 -8.02
N VAL D 228 -1.48 -12.43 -7.82
CA VAL D 228 -1.58 -13.65 -8.63
C VAL D 228 -1.97 -13.30 -10.08
N MET D 229 -2.99 -12.47 -10.20
CA MET D 229 -3.47 -12.02 -11.49
C MET D 229 -2.39 -11.31 -12.28
N ALA D 230 -1.59 -10.49 -11.60
CA ALA D 230 -0.48 -9.79 -12.24
C ALA D 230 0.54 -10.79 -12.76
N GLY D 231 0.76 -11.85 -12.00
CA GLY D 231 1.62 -12.94 -12.42
C GLY D 231 1.15 -13.56 -13.72
N VAL D 232 -0.16 -13.74 -13.83
CA VAL D 232 -0.77 -14.36 -15.00
C VAL D 232 -0.55 -13.47 -16.23
N PHE D 233 -0.88 -12.19 -16.07
CA PHE D 233 -0.60 -11.20 -17.12
C PHE D 233 0.86 -11.12 -17.51
N ALA D 234 1.77 -11.18 -16.53
CA ALA D 234 3.20 -11.09 -16.79
C ALA D 234 3.59 -12.22 -17.70
N ALA D 235 2.99 -13.38 -17.44
CA ALA D 235 3.30 -14.61 -18.14
C ALA D 235 3.00 -14.49 -19.61
N ARG D 236 1.90 -13.82 -19.94
CA ARG D 236 1.50 -13.65 -21.32
C ARG D 236 2.06 -12.37 -21.94
N ARG D 237 2.99 -11.72 -21.24
CA ARG D 237 3.62 -10.47 -21.70
C ARG D 237 2.58 -9.38 -22.03
N SER D 238 1.62 -9.18 -21.13
CA SER D 238 0.66 -8.09 -21.25
C SER D 238 1.23 -6.84 -20.60
N SER D 239 0.82 -5.68 -21.10
CA SER D 239 1.12 -4.42 -20.45
C SER D 239 -0.14 -4.01 -19.70
N VAL D 240 -0.14 -4.24 -18.41
CA VAL D 240 -1.34 -4.06 -17.60
C VAL D 240 -1.00 -3.38 -16.29
N LEU D 241 -1.97 -2.62 -15.79
CA LEU D 241 -1.95 -2.21 -14.39
C LEU D 241 -3.04 -2.99 -13.70
N VAL D 242 -2.63 -3.89 -12.81
CA VAL D 242 -3.55 -4.61 -11.93
C VAL D 242 -3.73 -3.71 -10.71
N VAL D 243 -4.96 -3.37 -10.38
CA VAL D 243 -5.16 -2.31 -9.41
C VAL D 243 -6.06 -2.69 -8.25
N HIS D 244 -5.60 -2.31 -7.06
CA HIS D 244 -6.32 -2.55 -5.84
C HIS D 244 -6.31 -1.30 -4.98
N GLY D 245 -7.49 -0.70 -4.80
CA GLY D 245 -7.66 0.40 -3.86
C GLY D 245 -7.33 -0.11 -2.47
N ASP D 246 -6.58 0.67 -1.71
CA ASP D 246 -6.27 0.33 -0.33
C ASP D 246 -7.51 0.41 0.56
N ASP D 247 -8.62 0.88 -0.01
CA ASP D 247 -9.92 0.85 0.65
C ASP D 247 -10.73 -0.34 0.14
N GLY D 248 -10.10 -1.20 -0.65
CA GLY D 248 -10.70 -2.46 -1.08
C GLY D 248 -11.50 -2.48 -2.36
N LEU D 249 -11.58 -1.34 -3.06
CA LEU D 249 -12.27 -1.27 -4.37
C LEU D 249 -11.49 -1.98 -5.47
N ASP D 250 -12.22 -2.56 -6.42
CA ASP D 250 -11.60 -3.20 -7.60
C ASP D 250 -11.47 -2.22 -8.77
N GLU D 251 -11.14 -0.97 -8.43
CA GLU D 251 -10.93 0.13 -9.37
C GLU D 251 -9.98 1.07 -8.64
N LEU D 252 -9.00 1.68 -9.31
CA LEU D 252 -8.17 2.69 -8.64
C LEU D 252 -9.11 3.64 -7.89
N THR D 253 -8.82 3.87 -6.62
CA THR D 253 -9.74 4.61 -5.75
C THR D 253 -9.30 6.06 -5.53
N THR D 254 -10.27 6.89 -5.14
CA THR D 254 -10.02 8.30 -4.77
C THR D 254 -10.14 8.52 -3.24
N THR D 255 -10.63 7.52 -2.51
CA THR D 255 -10.76 7.64 -1.04
C THR D 255 -9.40 7.57 -0.34
N THR D 256 -8.45 6.87 -0.95
CA THR D 256 -7.17 6.62 -0.31
C THR D 256 -6.10 6.25 -1.36
N THR D 257 -4.95 5.80 -0.89
CA THR D 257 -3.92 5.24 -1.75
C THR D 257 -4.50 4.02 -2.49
N SER D 258 -3.75 3.54 -3.48
CA SER D 258 -4.07 2.29 -4.13
C SER D 258 -2.76 1.54 -4.32
N THR D 259 -2.83 0.23 -4.47
CA THR D 259 -1.63 -0.51 -4.86
C THR D 259 -1.76 -0.94 -6.33
N ILE D 260 -0.65 -0.81 -7.07
CA ILE D 260 -0.63 -1.14 -8.48
C ILE D 260 0.49 -2.16 -8.73
N TRP D 261 0.14 -3.25 -9.39
CA TRP D 261 1.16 -4.13 -9.93
C TRP D 261 1.30 -3.76 -11.39
N ARG D 262 2.43 -3.15 -11.69
CA ARG D 262 2.71 -2.65 -13.01
C ARG D 262 3.40 -3.75 -13.84
N VAL D 263 2.67 -4.29 -14.80
CA VAL D 263 3.13 -5.42 -15.57
C VAL D 263 3.61 -4.92 -16.92
N ALA D 264 4.89 -5.11 -17.22
CA ALA D 264 5.44 -4.74 -18.52
C ALA D 264 6.64 -5.60 -18.89
N ALA D 265 6.80 -5.87 -20.18
CA ALA D 265 7.88 -6.73 -20.72
C ALA D 265 8.01 -8.05 -19.95
N GLY D 266 6.87 -8.59 -19.49
CA GLY D 266 6.84 -9.85 -18.73
C GLY D 266 7.26 -9.83 -17.27
N SER D 267 7.47 -8.63 -16.71
CA SER D 267 7.89 -8.50 -15.30
C SER D 267 6.94 -7.66 -14.45
N VAL D 268 6.82 -8.00 -13.17
CA VAL D 268 5.94 -7.28 -12.25
C VAL D 268 6.74 -6.30 -11.37
N ASP D 269 6.08 -5.20 -11.05
CA ASP D 269 6.66 -4.08 -10.34
C ASP D 269 5.55 -3.53 -9.44
N LYS D 270 5.62 -3.78 -8.13
CA LYS D 270 4.60 -3.31 -7.21
C LYS D 270 4.92 -1.95 -6.57
N LEU D 271 3.95 -1.05 -6.61
CA LEU D 271 4.13 0.29 -6.08
C LEU D 271 2.83 0.82 -5.49
N THR D 272 2.96 1.75 -4.56
CA THR D 272 1.78 2.37 -3.96
C THR D 272 1.54 3.72 -4.67
N PHE D 273 0.27 4.11 -4.75
CA PHE D 273 -0.16 5.15 -5.67
C PHE D 273 -1.17 6.04 -4.97
N ASP D 274 -0.99 7.34 -5.14
CA ASP D 274 -1.86 8.32 -4.53
C ASP D 274 -2.36 9.35 -5.54
N PRO D 275 -3.69 9.42 -5.75
CA PRO D 275 -4.29 10.33 -6.74
C PRO D 275 -4.24 11.80 -6.31
N ALA D 276 -4.30 12.06 -5.01
CA ALA D 276 -4.18 13.42 -4.49
C ALA D 276 -2.91 14.05 -5.00
N GLY D 277 -1.90 13.23 -5.32
CA GLY D 277 -0.65 13.71 -5.89
C GLY D 277 -0.82 14.33 -7.27
N PHE D 278 -2.00 14.18 -7.85
CA PHE D 278 -2.34 14.76 -9.16
C PHE D 278 -3.46 15.79 -9.03
N GLY D 279 -3.84 16.10 -7.80
CA GLY D 279 -4.86 17.11 -7.55
C GLY D 279 -6.25 16.61 -7.20
N PHE D 280 -6.46 15.29 -7.21
CA PHE D 280 -7.78 14.73 -6.87
C PHE D 280 -8.04 14.85 -5.38
N ALA D 281 -9.16 15.47 -5.04
CA ALA D 281 -9.63 15.51 -3.67
C ALA D 281 -9.95 14.09 -3.22
N ARG D 282 -9.78 13.80 -1.93
CA ARG D 282 -10.30 12.55 -1.38
C ARG D 282 -11.83 12.60 -1.45
N ALA D 283 -12.46 11.46 -1.66
CA ALA D 283 -13.91 11.36 -1.65
C ALA D 283 -14.29 10.36 -0.57
N GLN D 284 -15.58 10.18 -0.33
CA GLN D 284 -16.02 9.25 0.71
C GLN D 284 -16.09 7.79 0.28
N LEU D 285 -15.84 6.91 1.26
CA LEU D 285 -15.88 5.45 1.13
C LEU D 285 -17.08 4.94 0.31
N ASP D 286 -18.18 5.70 0.40
CA ASP D 286 -19.46 5.33 -0.22
C ASP D 286 -19.90 6.30 -1.31
N GLN D 287 -19.25 7.45 -1.39
CA GLN D 287 -19.75 8.58 -2.18
C GLN D 287 -19.79 8.36 -3.71
N LEU D 288 -19.36 7.18 -4.15
CA LEU D 288 -19.36 6.83 -5.57
C LEU D 288 -20.79 6.66 -6.11
N GLY D 291 -26.72 1.95 -7.68
CA GLY D 291 -25.93 0.72 -7.55
C GLY D 291 -26.15 -0.32 -8.65
N ASP D 292 -27.42 -0.56 -9.00
CA ASP D 292 -27.79 -1.56 -10.02
C ASP D 292 -27.60 -1.01 -11.46
N ALA D 293 -28.04 -1.80 -12.45
CA ALA D 293 -27.89 -1.44 -13.88
C ALA D 293 -28.61 -0.17 -14.34
N GLN D 294 -29.81 0.11 -13.80
CA GLN D 294 -30.51 1.35 -14.13
C GLN D 294 -29.88 2.58 -13.43
N ALA D 295 -29.38 2.37 -12.22
CA ALA D 295 -28.66 3.45 -11.50
C ALA D 295 -27.32 3.77 -12.19
N ASN D 296 -26.55 2.73 -12.53
CA ASN D 296 -25.32 2.90 -13.30
C ASN D 296 -25.51 3.67 -14.62
N ALA D 297 -26.57 3.33 -15.36
CA ALA D 297 -26.91 3.98 -16.63
C ALA D 297 -27.14 5.47 -16.43
N ALA D 298 -27.94 5.80 -15.42
CA ALA D 298 -28.19 7.19 -15.03
C ALA D 298 -26.87 7.93 -14.76
N ALA D 299 -25.99 7.32 -13.95
CA ALA D 299 -24.69 7.91 -13.64
C ALA D 299 -23.88 8.18 -14.91
N VAL D 300 -23.72 7.15 -15.74
CA VAL D 300 -23.04 7.27 -17.05
C VAL D 300 -23.49 8.52 -17.82
N ARG D 301 -24.78 8.63 -18.08
CA ARG D 301 -25.30 9.76 -18.85
C ARG D 301 -24.91 11.11 -18.22
N ALA D 302 -24.87 11.16 -16.90
CA ALA D 302 -24.51 12.39 -16.17
C ALA D 302 -23.01 12.69 -16.25
N VAL D 303 -22.18 11.68 -15.99
CA VAL D 303 -20.72 11.87 -16.05
C VAL D 303 -20.29 12.25 -17.46
N LEU D 304 -20.77 11.51 -18.46
CA LEU D 304 -20.44 11.82 -19.84
C LEU D 304 -20.98 13.19 -20.27
N GLY D 305 -22.05 13.63 -19.59
CA GLY D 305 -22.69 14.91 -19.87
C GLY D 305 -21.96 16.10 -19.28
N GLY D 306 -20.98 15.84 -18.43
CA GLY D 306 -20.11 16.90 -17.92
C GLY D 306 -20.27 17.16 -16.44
N ALA D 307 -20.99 16.29 -15.74
CA ALA D 307 -21.17 16.42 -14.30
C ALA D 307 -19.86 16.24 -13.52
N ARG D 308 -19.54 17.23 -12.71
CA ARG D 308 -18.34 17.17 -11.88
C ARG D 308 -18.54 16.45 -10.53
N GLY D 309 -17.44 16.12 -9.86
CA GLY D 309 -17.52 15.41 -8.59
C GLY D 309 -16.85 14.06 -8.61
N PRO D 310 -16.99 13.32 -7.50
CA PRO D 310 -16.16 12.14 -7.18
C PRO D 310 -16.24 11.00 -8.20
N VAL D 311 -17.43 10.71 -8.74
CA VAL D 311 -17.61 9.66 -9.77
C VAL D 311 -16.85 10.02 -11.06
N ARG D 312 -16.98 11.26 -11.51
CA ARG D 312 -16.17 11.76 -12.63
C ARG D 312 -14.67 11.60 -12.37
N ASP D 313 -14.20 12.07 -11.22
CA ASP D 313 -12.80 11.96 -10.83
C ASP D 313 -12.35 10.50 -10.93
N ALA D 314 -13.12 9.63 -10.30
CA ALA D 314 -12.83 8.19 -10.28
C ALA D 314 -12.78 7.64 -11.71
N VAL D 315 -13.75 8.03 -12.53
CA VAL D 315 -13.79 7.65 -13.96
C VAL D 315 -12.52 8.13 -14.69
N VAL D 316 -12.19 9.40 -14.53
CA VAL D 316 -11.01 10.01 -15.18
C VAL D 316 -9.75 9.24 -14.81
N LEU D 317 -9.56 9.05 -13.50
CA LEU D 317 -8.41 8.36 -12.94
C LEU D 317 -8.23 6.97 -13.51
N ASN D 318 -9.31 6.20 -13.52
CA ASN D 318 -9.29 4.86 -14.07
C ASN D 318 -9.11 4.83 -15.59
N ALA D 319 -9.78 5.75 -16.28
CA ALA D 319 -9.52 5.95 -17.71
C ALA D 319 -8.01 6.15 -17.96
N ALA D 320 -7.41 7.07 -17.19
CA ALA D 320 -6.00 7.43 -17.34
C ALA D 320 -5.10 6.21 -17.09
N GLY D 321 -5.48 5.38 -16.11
CA GLY D 321 -4.72 4.17 -15.78
C GLY D 321 -4.73 3.24 -16.97
N ALA D 322 -5.93 3.03 -17.52
CA ALA D 322 -6.08 2.31 -18.79
C ALA D 322 -5.19 2.86 -19.91
N ILE D 323 -5.07 4.18 -20.01
CA ILE D 323 -4.23 4.80 -21.06
C ILE D 323 -2.74 4.60 -20.82
N VAL D 324 -2.34 4.69 -19.55
CA VAL D 324 -0.95 4.41 -19.13
C VAL D 324 -0.56 2.96 -19.46
N ALA D 325 -1.47 2.02 -19.19
CA ALA D 325 -1.26 0.62 -19.53
C ALA D 325 -1.02 0.46 -21.04
N HIS D 326 -1.81 1.20 -21.83
CA HIS D 326 -1.68 1.24 -23.29
C HIS D 326 -0.30 1.77 -23.69
N ALA D 327 0.19 2.77 -22.97
CA ALA D 327 1.53 3.34 -23.21
C ALA D 327 2.61 2.27 -23.12
N GLY D 328 2.56 1.52 -22.02
CA GLY D 328 3.54 0.51 -21.67
C GLY D 328 3.80 -0.53 -22.74
N LEU D 329 2.97 -0.55 -23.78
CA LEU D 329 3.19 -1.45 -24.90
C LEU D 329 4.36 -0.97 -25.77
N SER D 330 4.81 0.26 -25.49
CA SER D 330 5.88 0.98 -26.22
C SER D 330 6.22 0.39 -27.58
N ARG D 332 10.31 2.15 -23.91
CA ARG D 332 10.30 3.41 -23.16
C ARG D 332 8.87 3.81 -22.82
N ALA D 333 8.64 4.08 -21.54
CA ALA D 333 7.35 4.55 -21.03
C ALA D 333 7.52 5.10 -19.60
N GLU D 334 7.64 6.42 -19.50
CA GLU D 334 7.89 7.12 -18.24
C GLU D 334 6.64 7.20 -17.37
N TRP D 335 6.77 6.96 -16.06
CA TRP D 335 5.60 6.81 -15.17
C TRP D 335 4.75 8.06 -14.99
N LEU D 336 5.27 9.05 -14.25
CA LEU D 336 4.53 10.30 -14.00
C LEU D 336 4.10 11.01 -15.29
N PRO D 337 5.03 11.19 -16.24
CA PRO D 337 4.67 11.74 -17.55
C PRO D 337 3.54 11.00 -18.27
N ALA D 338 3.52 9.66 -18.22
CA ALA D 338 2.49 8.84 -18.88
C ALA D 338 1.14 9.07 -18.24
N TRP D 339 1.15 9.19 -16.91
CA TRP D 339 -0.03 9.55 -16.14
C TRP D 339 -0.60 10.93 -16.48
N GLU D 340 0.29 11.93 -16.54
CA GLU D 340 -0.08 13.31 -16.90
C GLU D 340 -0.78 13.32 -18.27
N GLU D 341 -0.16 12.64 -19.24
CA GLU D 341 -0.77 12.54 -20.56
C GLU D 341 -2.11 11.79 -20.50
N GLY D 342 -2.15 10.70 -19.75
CA GLY D 342 -3.39 9.92 -19.61
C GLY D 342 -4.53 10.69 -18.98
N LEU D 343 -4.21 11.49 -17.97
CA LEU D 343 -5.20 12.30 -17.30
C LEU D 343 -5.71 13.48 -18.15
N ARG D 344 -4.83 14.04 -18.98
CA ARG D 344 -5.19 15.07 -19.96
C ARG D 344 -6.17 14.49 -20.94
N ARG D 345 -5.82 13.32 -21.47
CA ARG D 345 -6.56 12.70 -22.55
C ARG D 345 -7.92 12.24 -22.04
N ALA D 346 -7.97 11.71 -20.82
CA ALA D 346 -9.25 11.24 -20.25
C ALA D 346 -10.22 12.41 -20.01
N SER D 347 -9.70 13.45 -19.37
CA SER D 347 -10.45 14.68 -19.14
C SER D 347 -11.01 15.33 -20.40
N ALA D 348 -10.16 15.47 -21.44
CA ALA D 348 -10.58 16.06 -22.72
C ALA D 348 -11.62 15.21 -23.44
N ALA D 349 -11.46 13.87 -23.38
CA ALA D 349 -12.46 12.97 -23.98
C ALA D 349 -13.86 13.30 -23.48
N ILE D 350 -13.99 13.52 -22.17
CA ILE D 350 -15.26 13.95 -21.55
C ILE D 350 -15.66 15.40 -21.93
N ASP D 351 -14.78 16.36 -21.61
CA ASP D 351 -15.05 17.80 -21.75
C ASP D 351 -15.37 18.23 -23.17
N THR D 352 -14.83 17.54 -24.17
CA THR D 352 -15.14 17.88 -25.57
C THR D 352 -16.49 17.30 -26.03
N GLY D 353 -17.01 16.33 -25.32
CA GLY D 353 -18.21 15.64 -25.74
C GLY D 353 -17.91 14.38 -26.52
N ALA D 354 -16.63 14.12 -26.73
CA ALA D 354 -16.19 12.95 -27.51
C ALA D 354 -16.70 11.68 -26.89
N ALA D 355 -16.60 11.57 -25.56
CA ALA D 355 -17.09 10.39 -24.83
C ALA D 355 -18.59 10.23 -24.93
N GLU D 356 -19.33 11.33 -24.82
CA GLU D 356 -20.79 11.30 -24.91
C GLU D 356 -21.22 10.90 -26.31
N GLN D 357 -20.54 11.48 -27.31
CA GLN D 357 -20.80 11.16 -28.68
C GLN D 357 -20.43 9.72 -28.99
N LEU D 358 -19.29 9.24 -28.50
CA LEU D 358 -18.94 7.82 -28.75
C LEU D 358 -20.05 6.86 -28.27
N LEU D 359 -20.64 7.10 -27.09
CA LEU D 359 -21.74 6.28 -26.60
C LEU D 359 -22.95 6.31 -27.55
N ALA D 360 -23.32 7.48 -28.01
CA ALA D 360 -24.44 7.62 -28.96
C ALA D 360 -24.10 6.92 -30.26
N ARG D 361 -22.86 7.09 -30.75
CA ARG D 361 -22.36 6.34 -31.92
C ARG D 361 -22.42 4.81 -31.72
N TRP D 362 -22.04 4.35 -30.53
CA TRP D 362 -22.09 2.94 -30.14
C TRP D 362 -23.54 2.43 -30.17
N VAL D 363 -24.45 3.25 -29.65
CA VAL D 363 -25.87 2.95 -29.65
C VAL D 363 -26.44 2.87 -31.08
N ARG D 364 -26.19 3.89 -31.89
CA ARG D 364 -26.60 3.88 -33.31
C ARG D 364 -26.01 2.70 -34.09
N PHE D 365 -24.80 2.28 -33.72
CA PHE D 365 -24.14 1.18 -34.42
C PHE D 365 -24.98 -0.09 -34.38
N GLY D 366 -25.41 -0.48 -33.18
CA GLY D 366 -26.23 -1.66 -32.99
C GLY D 366 -27.57 -1.62 -33.71
N ARG D 367 -28.03 -0.41 -34.04
CA ARG D 367 -29.30 -0.23 -34.75
C ARG D 367 -29.16 -0.26 -36.27
N GLN D 368 -27.98 0.05 -36.80
CA GLN D 368 -27.79 0.13 -38.25
C GLN D 368 -26.89 -0.96 -38.81
#